data_6K5R
#
_entry.id   6K5R
#
loop_
_entity.id
_entity.type
_entity.pdbx_description
1 polymer 'Small ubiquitin-related modifier 3'
2 polymer ASP-THR-ALA-GLY-CYS-ILE-VAL-ILE-SEP-ASP-SEP-GLU
#
loop_
_entity_poly.entity_id
_entity_poly.type
_entity_poly.pdbx_seq_one_letter_code
_entity_poly.pdbx_strand_id
1 'polypeptide(L)' DHINLKVAGQDGSVVQFKIKRHTPLSKLMKAYCERQGLSMRQIRFRFDGQPINETDTPAQLEMEDEDTIDVFQQQTG A
2 'polypeptide(L)' DTAGCIVI(SEP)D(SEP)E B
#
# COMPACT_ATOMS: atom_id res chain seq x y z
N ASP A 1 11.75 14.39 -3.53
CA ASP A 1 10.55 14.20 -4.34
C ASP A 1 9.68 13.08 -3.75
N HIS A 2 8.66 12.68 -4.49
CA HIS A 2 7.76 11.63 -4.04
C HIS A 2 8.12 10.32 -4.73
N ILE A 3 7.82 9.21 -4.07
CA ILE A 3 8.09 7.90 -4.62
C ILE A 3 6.76 7.29 -5.07
N ASN A 4 6.68 6.92 -6.34
CA ASN A 4 5.45 6.35 -6.87
C ASN A 4 5.44 4.84 -6.75
N LEU A 5 4.62 4.35 -5.82
CA LEU A 5 4.48 2.93 -5.59
C LEU A 5 3.25 2.42 -6.32
N LYS A 6 3.17 1.12 -6.52
CA LYS A 6 2.05 0.54 -7.24
C LYS A 6 1.41 -0.60 -6.46
N VAL A 7 0.09 -0.67 -6.50
CA VAL A 7 -0.66 -1.71 -5.83
C VAL A 7 -1.36 -2.57 -6.89
N ALA A 8 -1.12 -3.88 -6.84
CA ALA A 8 -1.73 -4.78 -7.80
C ALA A 8 -2.89 -5.54 -7.18
N GLY A 9 -4.10 -5.20 -7.60
CA GLY A 9 -5.27 -5.86 -7.08
C GLY A 9 -5.42 -7.26 -7.64
N GLN A 10 -6.17 -8.11 -6.93
CA GLN A 10 -6.37 -9.49 -7.37
C GLN A 10 -7.36 -9.56 -8.53
N ASP A 11 -7.94 -8.43 -8.89
CA ASP A 11 -8.88 -8.36 -9.99
C ASP A 11 -8.18 -7.84 -11.24
N GLY A 12 -7.18 -7.00 -11.04
CA GLY A 12 -6.44 -6.45 -12.15
C GLY A 12 -6.27 -4.94 -12.05
N SER A 13 -7.06 -4.31 -11.18
CA SER A 13 -6.99 -2.86 -10.99
C SER A 13 -5.62 -2.43 -10.50
N VAL A 14 -5.11 -1.35 -11.07
CA VAL A 14 -3.81 -0.82 -10.70
C VAL A 14 -3.97 0.48 -9.94
N VAL A 15 -3.35 0.56 -8.76
CA VAL A 15 -3.43 1.75 -7.95
C VAL A 15 -2.04 2.32 -7.74
N GLN A 16 -1.84 3.57 -8.12
CA GLN A 16 -0.57 4.24 -7.97
C GLN A 16 -0.58 5.11 -6.74
N PHE A 17 0.33 4.84 -5.82
CA PHE A 17 0.42 5.59 -4.57
C PHE A 17 1.57 6.59 -4.60
N LYS A 18 1.22 7.86 -4.52
CA LYS A 18 2.22 8.93 -4.49
C LYS A 18 2.47 9.32 -3.05
N ILE A 19 3.54 8.78 -2.48
CA ILE A 19 3.88 9.06 -1.10
C ILE A 19 5.38 9.37 -1.00
N LYS A 20 5.85 9.80 0.17
CA LYS A 20 7.26 10.10 0.35
C LYS A 20 7.96 8.95 1.07
N ARG A 21 9.28 8.89 0.96
CA ARG A 21 10.06 7.83 1.59
C ARG A 21 9.99 7.90 3.11
N HIS A 22 9.75 9.10 3.65
CA HIS A 22 9.65 9.26 5.10
C HIS A 22 8.22 9.01 5.56
N THR A 23 7.33 8.92 4.58
CA THR A 23 5.91 8.71 4.84
C THR A 23 5.63 7.25 5.21
N PRO A 24 5.05 7.02 6.41
CA PRO A 24 4.71 5.67 6.88
C PRO A 24 3.76 4.95 5.93
N LEU A 25 3.98 3.66 5.75
CA LEU A 25 3.13 2.86 4.87
C LEU A 25 1.80 2.54 5.54
N SER A 26 1.68 2.90 6.82
CA SER A 26 0.47 2.66 7.57
C SER A 26 -0.71 3.41 6.94
N LYS A 27 -0.48 4.65 6.54
CA LYS A 27 -1.52 5.45 5.91
C LYS A 27 -1.86 4.88 4.54
N LEU A 28 -0.88 4.22 3.90
CA LEU A 28 -1.08 3.61 2.59
C LEU A 28 -2.10 2.48 2.70
N MET A 29 -1.90 1.63 3.69
CA MET A 29 -2.80 0.51 3.92
C MET A 29 -4.20 0.99 4.24
N LYS A 30 -4.29 2.00 5.10
CA LYS A 30 -5.58 2.55 5.49
C LYS A 30 -6.27 3.26 4.33
N ALA A 31 -5.52 4.09 3.61
CA ALA A 31 -6.07 4.83 2.48
C ALA A 31 -6.73 3.91 1.46
N TYR A 32 -6.04 2.84 1.10
CA TYR A 32 -6.59 1.88 0.14
C TYR A 32 -7.75 1.12 0.76
N CYS A 33 -7.62 0.77 2.03
CA CYS A 33 -8.66 0.03 2.73
C CYS A 33 -9.95 0.84 2.81
N GLU A 34 -9.82 2.15 3.02
CA GLU A 34 -10.97 3.04 3.10
C GLU A 34 -11.73 3.05 1.79
N ARG A 35 -11.00 2.95 0.68
CA ARG A 35 -11.62 2.93 -0.64
C ARG A 35 -12.31 1.61 -0.91
N GLN A 36 -11.87 0.57 -0.21
CA GLN A 36 -12.47 -0.75 -0.34
C GLN A 36 -13.73 -0.83 0.51
N GLY A 37 -13.73 -0.08 1.60
CA GLY A 37 -14.87 -0.04 2.49
C GLY A 37 -14.88 -1.19 3.48
N LEU A 38 -13.69 -1.63 3.88
CA LEU A 38 -13.57 -2.74 4.82
C LEU A 38 -12.52 -2.45 5.89
N SER A 39 -12.47 -3.32 6.89
CA SER A 39 -11.51 -3.18 7.98
C SER A 39 -10.12 -3.61 7.52
N MET A 40 -9.10 -2.92 8.02
CA MET A 40 -7.72 -3.23 7.66
C MET A 40 -7.30 -4.57 8.25
N ARG A 41 -8.12 -5.10 9.14
CA ARG A 41 -7.85 -6.38 9.77
C ARG A 41 -8.31 -7.53 8.90
N GLN A 42 -9.05 -7.22 7.84
CA GLN A 42 -9.57 -8.24 6.94
C GLN A 42 -8.57 -8.55 5.82
N ILE A 43 -7.78 -7.56 5.44
CA ILE A 43 -6.80 -7.75 4.37
C ILE A 43 -5.39 -7.85 4.92
N ARG A 44 -4.47 -8.26 4.06
CA ARG A 44 -3.06 -8.41 4.42
C ARG A 44 -2.18 -7.85 3.32
N PHE A 45 -1.18 -7.05 3.69
CA PHE A 45 -0.27 -6.46 2.72
C PHE A 45 1.07 -7.18 2.77
N ARG A 46 1.61 -7.52 1.60
CA ARG A 46 2.89 -8.20 1.53
C ARG A 46 3.83 -7.51 0.55
N PHE A 47 5.08 -7.46 0.95
CA PHE A 47 6.14 -6.86 0.14
C PHE A 47 7.33 -7.79 0.10
N ASP A 48 7.69 -8.24 -1.11
CA ASP A 48 8.82 -9.15 -1.30
C ASP A 48 8.49 -10.51 -0.69
N GLY A 49 7.20 -10.80 -0.62
CA GLY A 49 6.74 -12.06 -0.05
C GLY A 49 6.68 -12.04 1.46
N GLN A 50 6.99 -10.89 2.05
CA GLN A 50 6.96 -10.75 3.50
C GLN A 50 5.88 -9.78 3.93
N PRO A 51 5.16 -10.07 5.03
CA PRO A 51 4.09 -9.20 5.53
C PRO A 51 4.64 -7.88 6.07
N ILE A 52 3.91 -6.81 5.82
CA ILE A 52 4.34 -5.49 6.27
C ILE A 52 3.67 -5.12 7.59
N ASN A 53 4.42 -4.45 8.46
CA ASN A 53 3.92 -4.04 9.76
C ASN A 53 3.53 -2.57 9.73
N GLU A 54 2.87 -2.10 10.78
CA GLU A 54 2.45 -0.71 10.87
C GLU A 54 3.57 0.18 11.40
N THR A 55 4.80 -0.29 11.29
CA THR A 55 5.97 0.45 11.75
C THR A 55 7.03 0.50 10.65
N ASP A 56 6.63 0.19 9.43
CA ASP A 56 7.56 0.18 8.30
C ASP A 56 7.38 1.39 7.40
N THR A 57 8.46 1.79 6.76
CA THR A 57 8.46 2.92 5.84
C THR A 57 9.16 2.53 4.54
N PRO A 58 8.91 3.26 3.43
CA PRO A 58 9.53 2.95 2.14
C PRO A 58 11.05 2.99 2.21
N ALA A 59 11.58 3.96 2.97
CA ALA A 59 13.02 4.12 3.13
C ALA A 59 13.59 3.08 4.11
N GLN A 60 12.70 2.37 4.79
CA GLN A 60 13.11 1.36 5.74
C GLN A 60 13.12 -0.02 5.09
N LEU A 61 12.22 -0.21 4.13
CA LEU A 61 12.11 -1.48 3.43
C LEU A 61 12.90 -1.46 2.13
N GLU A 62 13.66 -0.38 1.92
CA GLU A 62 14.48 -0.21 0.72
C GLU A 62 13.63 -0.30 -0.54
N MET A 63 12.49 0.36 -0.51
CA MET A 63 11.58 0.36 -1.64
C MET A 63 12.00 1.42 -2.65
N GLU A 64 11.76 1.14 -3.92
CA GLU A 64 12.10 2.07 -4.98
C GLU A 64 10.85 2.44 -5.75
N ASP A 65 11.01 3.25 -6.79
CA ASP A 65 9.88 3.66 -7.60
C ASP A 65 9.30 2.49 -8.38
N GLU A 66 7.98 2.48 -8.52
CA GLU A 66 7.24 1.42 -9.22
C GLU A 66 7.21 0.13 -8.42
N ASP A 67 7.59 0.20 -7.15
CA ASP A 67 7.57 -0.97 -6.28
C ASP A 67 6.14 -1.41 -6.06
N THR A 68 5.85 -2.65 -6.39
CA THR A 68 4.50 -3.18 -6.27
C THR A 68 4.29 -3.91 -4.94
N ILE A 69 3.15 -3.65 -4.32
CA ILE A 69 2.78 -4.28 -3.06
C ILE A 69 1.60 -5.22 -3.30
N ASP A 70 1.65 -6.41 -2.72
CA ASP A 70 0.59 -7.38 -2.88
C ASP A 70 -0.43 -7.26 -1.77
N VAL A 71 -1.71 -7.33 -2.13
CA VAL A 71 -2.79 -7.22 -1.16
C VAL A 71 -3.65 -8.48 -1.19
N PHE A 72 -3.64 -9.22 -0.09
CA PHE A 72 -4.41 -10.45 0.00
C PHE A 72 -5.52 -10.30 1.04
N GLN A 73 -6.30 -11.37 1.22
CA GLN A 73 -7.39 -11.38 2.18
C GLN A 73 -7.14 -12.45 3.23
N GLN A 74 -7.65 -12.22 4.44
CA GLN A 74 -7.48 -13.19 5.51
C GLN A 74 -8.54 -14.28 5.38
N GLN A 75 -8.19 -15.49 5.78
CA GLN A 75 -9.11 -16.61 5.70
C GLN A 75 -10.21 -16.46 6.74
N THR A 76 -11.46 -16.60 6.30
CA THR A 76 -12.60 -16.47 7.19
C THR A 76 -12.93 -17.79 7.88
N GLY A 77 -12.03 -18.75 7.77
CA GLY A 77 -12.24 -20.05 8.39
C GLY A 77 -12.91 -21.01 7.43
N ASP B 1 -9.67 0.54 -19.02
CA ASP B 1 -9.47 -0.28 -17.83
C ASP B 1 -9.66 0.57 -16.58
N THR B 2 -9.20 0.09 -15.45
CA THR B 2 -9.35 0.85 -14.22
C THR B 2 -8.01 1.23 -13.62
N ALA B 3 -7.82 2.52 -13.42
CA ALA B 3 -6.61 3.06 -12.82
C ALA B 3 -6.96 3.90 -11.62
N GLY B 4 -6.30 3.66 -10.51
CA GLY B 4 -6.57 4.42 -9.31
C GLY B 4 -5.35 5.15 -8.83
N CYS B 5 -5.48 6.42 -8.54
CA CYS B 5 -4.34 7.18 -8.05
C CYS B 5 -4.61 7.70 -6.64
N ILE B 6 -3.73 7.35 -5.72
CA ILE B 6 -3.86 7.79 -4.34
C ILE B 6 -2.59 8.51 -3.88
N VAL B 7 -2.73 9.68 -3.30
CA VAL B 7 -1.59 10.42 -2.80
C VAL B 7 -1.73 10.66 -1.30
N ILE B 8 -0.70 10.30 -0.54
CA ILE B 8 -0.74 10.48 0.90
C ILE B 8 0.41 11.38 1.34
N SEP B 9 0.10 12.35 2.18
CA SEP B 9 1.08 13.30 2.66
CB SEP B 9 0.68 14.73 2.30
OG SEP B 9 1.10 15.08 1.00
C SEP B 9 1.25 13.18 4.16
O SEP B 9 0.28 13.08 4.91
P SEP B 9 2.26 16.18 0.79
O1P SEP B 9 2.88 16.64 2.05
O2P SEP B 9 1.88 17.28 -0.12
O3P SEP B 9 3.43 15.41 0.02
H SEP B 9 -0.82 12.42 2.50
HA SEP B 9 2.02 13.07 2.18
HB2 SEP B 9 1.14 15.42 3.01
HB3 SEP B 9 -0.39 14.83 2.37
N ASP B 10 2.50 13.16 4.59
CA ASP B 10 2.81 13.04 6.00
C ASP B 10 3.49 14.31 6.49
N SEP B 11 3.03 14.83 7.61
CA SEP B 11 3.58 16.05 8.16
CB SEP B 11 2.44 17.08 8.32
OG SEP B 11 1.32 16.48 8.98
C SEP B 11 4.26 15.79 9.50
O SEP B 11 3.71 15.15 10.40
P SEP B 11 -0.11 16.41 8.27
O1P SEP B 11 -1.23 16.24 9.20
O2P SEP B 11 -0.33 17.47 7.27
O3P SEP B 11 -0.08 15.06 7.42
H SEP B 11 2.29 14.39 8.08
HA SEP B 11 4.30 16.44 7.46
HB2 SEP B 11 2.12 17.42 7.35
HB3 SEP B 11 2.78 17.91 8.91
N GLU B 12 5.49 16.29 9.62
CA GLU B 12 6.28 16.11 10.83
C GLU B 12 6.91 17.44 11.24
N ASP A 1 12.38 13.16 -2.73
CA ASP A 1 11.58 13.21 -3.96
C ASP A 1 10.23 12.50 -3.74
N HIS A 2 9.49 12.30 -4.81
CA HIS A 2 8.20 11.63 -4.72
C HIS A 2 8.26 10.26 -5.37
N ILE A 3 8.05 9.23 -4.56
CA ILE A 3 8.09 7.86 -5.03
C ILE A 3 6.67 7.37 -5.37
N ASN A 4 6.55 6.66 -6.48
CA ASN A 4 5.24 6.16 -6.90
C ASN A 4 5.18 4.65 -6.76
N LEU A 5 4.49 4.19 -5.73
CA LEU A 5 4.35 2.77 -5.49
C LEU A 5 3.12 2.25 -6.21
N LYS A 6 3.11 0.96 -6.51
CA LYS A 6 1.99 0.36 -7.24
C LYS A 6 1.26 -0.68 -6.40
N VAL A 7 0.02 -0.40 -6.06
CA VAL A 7 -0.79 -1.34 -5.30
C VAL A 7 -1.73 -2.06 -6.25
N ALA A 8 -1.44 -3.32 -6.52
CA ALA A 8 -2.25 -4.10 -7.44
C ALA A 8 -3.10 -5.12 -6.70
N GLY A 9 -4.38 -5.17 -7.06
CA GLY A 9 -5.28 -6.12 -6.44
C GLY A 9 -5.35 -7.39 -7.25
N GLN A 10 -5.95 -8.43 -6.69
CA GLN A 10 -6.07 -9.72 -7.38
C GLN A 10 -7.12 -9.66 -8.46
N ASP A 11 -7.93 -8.61 -8.44
CA ASP A 11 -9.00 -8.42 -9.42
C ASP A 11 -8.43 -7.85 -10.71
N GLY A 12 -7.36 -7.06 -10.60
CA GLY A 12 -6.74 -6.48 -11.77
C GLY A 12 -6.61 -4.97 -11.67
N SER A 13 -7.25 -4.37 -10.66
CA SER A 13 -7.18 -2.93 -10.48
C SER A 13 -5.85 -2.54 -9.83
N VAL A 14 -5.23 -1.48 -10.32
CA VAL A 14 -3.97 -1.03 -9.77
C VAL A 14 -4.07 0.43 -9.36
N VAL A 15 -3.66 0.73 -8.13
CA VAL A 15 -3.71 2.09 -7.62
C VAL A 15 -2.31 2.63 -7.41
N GLN A 16 -2.01 3.71 -8.10
CA GLN A 16 -0.72 4.37 -8.00
C GLN A 16 -0.67 5.16 -6.71
N PHE A 17 0.32 4.87 -5.89
CA PHE A 17 0.45 5.54 -4.60
C PHE A 17 1.51 6.63 -4.61
N LYS A 18 1.05 7.88 -4.59
CA LYS A 18 1.96 9.01 -4.54
C LYS A 18 2.27 9.30 -3.09
N ILE A 19 3.41 8.84 -2.64
CA ILE A 19 3.83 9.03 -1.26
C ILE A 19 5.31 9.38 -1.21
N LYS A 20 5.77 9.84 -0.07
CA LYS A 20 7.18 10.17 0.08
C LYS A 20 7.88 9.02 0.79
N ARG A 21 9.19 8.92 0.61
CA ARG A 21 9.97 7.84 1.22
C ARG A 21 9.96 7.94 2.74
N HIS A 22 9.66 9.14 3.26
CA HIS A 22 9.61 9.35 4.71
C HIS A 22 8.19 9.13 5.23
N THR A 23 7.25 8.94 4.31
CA THR A 23 5.86 8.73 4.65
C THR A 23 5.61 7.30 5.10
N PRO A 24 5.05 7.12 6.32
CA PRO A 24 4.75 5.79 6.88
C PRO A 24 3.77 5.00 6.01
N LEU A 25 3.90 3.66 6.07
CA LEU A 25 3.05 2.77 5.29
C LEU A 25 1.71 2.53 6.00
N SER A 26 1.56 3.10 7.19
CA SER A 26 0.33 2.95 7.95
C SER A 26 -0.84 3.54 7.17
N LYS A 27 -0.66 4.75 6.67
CA LYS A 27 -1.69 5.41 5.89
C LYS A 27 -1.91 4.69 4.57
N LEU A 28 -0.86 4.04 4.08
CA LEU A 28 -0.92 3.30 2.82
C LEU A 28 -1.89 2.13 2.92
N MET A 29 -1.83 1.41 4.03
CA MET A 29 -2.68 0.25 4.23
C MET A 29 -4.11 0.66 4.59
N LYS A 30 -4.28 1.86 5.13
CA LYS A 30 -5.60 2.32 5.54
C LYS A 30 -6.31 3.11 4.44
N ALA A 31 -5.59 3.98 3.74
CA ALA A 31 -6.19 4.80 2.68
C ALA A 31 -6.89 3.93 1.63
N TYR A 32 -6.17 2.91 1.15
CA TYR A 32 -6.72 2.00 0.16
C TYR A 32 -7.89 1.21 0.75
N CYS A 33 -7.77 0.88 2.02
CA CYS A 33 -8.80 0.11 2.72
C CYS A 33 -10.10 0.91 2.82
N GLU A 34 -9.99 2.21 3.08
CA GLU A 34 -11.17 3.07 3.19
C GLU A 34 -11.86 3.19 1.84
N ARG A 35 -11.10 3.05 0.77
CA ARG A 35 -11.64 3.14 -0.58
C ARG A 35 -12.51 1.93 -0.89
N GLN A 36 -12.02 0.75 -0.53
CA GLN A 36 -12.74 -0.49 -0.77
C GLN A 36 -13.87 -0.66 0.24
N GLY A 37 -13.73 -0.01 1.39
CA GLY A 37 -14.73 -0.08 2.42
C GLY A 37 -14.63 -1.35 3.23
N LEU A 38 -13.43 -1.63 3.73
CA LEU A 38 -13.19 -2.83 4.53
C LEU A 38 -12.33 -2.49 5.74
N SER A 39 -12.05 -3.49 6.55
CA SER A 39 -11.21 -3.31 7.74
C SER A 39 -9.78 -3.73 7.40
N MET A 40 -8.81 -3.04 7.98
CA MET A 40 -7.40 -3.34 7.71
C MET A 40 -7.02 -4.74 8.17
N ARG A 41 -7.83 -5.31 9.06
CA ARG A 41 -7.58 -6.66 9.55
C ARG A 41 -8.24 -7.71 8.65
N GLN A 42 -8.96 -7.23 7.64
CA GLN A 42 -9.65 -8.14 6.71
C GLN A 42 -8.76 -8.41 5.49
N ILE A 43 -7.86 -7.49 5.21
CA ILE A 43 -6.95 -7.63 4.07
C ILE A 43 -5.51 -7.72 4.55
N ARG A 44 -4.65 -8.30 3.72
CA ARG A 44 -3.24 -8.44 4.06
C ARG A 44 -2.37 -7.90 2.94
N PHE A 45 -1.26 -7.28 3.32
CA PHE A 45 -0.33 -6.71 2.34
C PHE A 45 1.01 -7.43 2.40
N ARG A 46 1.63 -7.63 1.25
CA ARG A 46 2.91 -8.31 1.18
C ARG A 46 3.91 -7.53 0.33
N PHE A 47 5.17 -7.63 0.71
CA PHE A 47 6.26 -6.97 0.00
C PHE A 47 7.50 -7.86 0.07
N ASP A 48 8.01 -8.25 -1.10
CA ASP A 48 9.18 -9.13 -1.19
C ASP A 48 8.90 -10.49 -0.56
N GLY A 49 7.61 -10.83 -0.51
CA GLY A 49 7.21 -12.10 0.07
C GLY A 49 7.01 -12.02 1.58
N GLN A 50 7.30 -10.86 2.14
CA GLN A 50 7.18 -10.66 3.58
C GLN A 50 5.96 -9.79 3.89
N PRO A 51 5.35 -9.97 5.07
CA PRO A 51 4.19 -9.17 5.49
C PRO A 51 4.59 -7.74 5.83
N ILE A 52 3.66 -6.81 5.68
CA ILE A 52 3.93 -5.41 5.98
C ILE A 52 3.37 -5.04 7.35
N ASN A 53 4.21 -4.42 8.16
CA ASN A 53 3.80 -4.01 9.50
C ASN A 53 3.50 -2.52 9.53
N GLU A 54 2.78 -2.08 10.56
CA GLU A 54 2.40 -0.68 10.71
C GLU A 54 3.52 0.13 11.35
N THR A 55 4.74 -0.37 11.26
CA THR A 55 5.89 0.31 11.86
C THR A 55 7.02 0.48 10.85
N ASP A 56 6.71 0.33 9.57
CA ASP A 56 7.72 0.46 8.53
C ASP A 56 7.40 1.58 7.55
N THR A 57 8.42 1.98 6.79
CA THR A 57 8.30 3.03 5.80
C THR A 57 9.04 2.60 4.53
N PRO A 58 8.81 3.27 3.38
CA PRO A 58 9.49 2.93 2.13
C PRO A 58 11.00 2.99 2.30
N ALA A 59 11.47 3.98 3.04
CA ALA A 59 12.89 4.15 3.29
C ALA A 59 13.41 3.08 4.24
N GLN A 60 12.56 2.64 5.16
CA GLN A 60 12.95 1.61 6.12
C GLN A 60 13.05 0.25 5.46
N LEU A 61 12.22 0.03 4.45
CA LEU A 61 12.22 -1.25 3.73
C LEU A 61 13.11 -1.15 2.49
N GLU A 62 13.66 0.04 2.25
CA GLU A 62 14.52 0.29 1.09
C GLU A 62 13.76 -0.01 -0.20
N MET A 63 12.56 0.53 -0.30
CA MET A 63 11.72 0.33 -1.49
C MET A 63 12.16 1.26 -2.61
N GLU A 64 11.84 0.87 -3.83
CA GLU A 64 12.21 1.67 -5.00
C GLU A 64 10.98 2.18 -5.72
N ASP A 65 11.20 2.99 -6.74
CA ASP A 65 10.11 3.54 -7.53
C ASP A 65 9.42 2.44 -8.31
N GLU A 66 8.11 2.55 -8.44
CA GLU A 66 7.29 1.57 -9.16
C GLU A 66 7.24 0.23 -8.44
N ASP A 67 7.60 0.22 -7.16
CA ASP A 67 7.56 -1.00 -6.37
C ASP A 67 6.12 -1.46 -6.21
N THR A 68 5.88 -2.73 -6.53
CA THR A 68 4.53 -3.27 -6.44
C THR A 68 4.26 -3.93 -5.09
N ILE A 69 3.14 -3.56 -4.50
CA ILE A 69 2.72 -4.10 -3.22
C ILE A 69 1.62 -5.13 -3.45
N ASP A 70 1.72 -6.27 -2.78
CA ASP A 70 0.75 -7.34 -2.93
C ASP A 70 -0.39 -7.20 -1.95
N VAL A 71 -1.61 -7.47 -2.41
CA VAL A 71 -2.79 -7.38 -1.58
C VAL A 71 -3.55 -8.72 -1.59
N PHE A 72 -3.78 -9.27 -0.41
CA PHE A 72 -4.49 -10.53 -0.27
C PHE A 72 -5.62 -10.39 0.75
N GLN A 73 -6.46 -11.41 0.84
CA GLN A 73 -7.58 -11.39 1.78
C GLN A 73 -7.30 -12.33 2.94
N GLN A 74 -7.92 -12.04 4.09
CA GLN A 74 -7.75 -12.86 5.27
C GLN A 74 -8.66 -14.08 5.19
N GLN A 75 -8.14 -15.24 5.55
CA GLN A 75 -8.88 -16.49 5.51
C GLN A 75 -10.00 -16.49 6.56
N THR A 76 -11.24 -16.46 6.09
CA THR A 76 -12.40 -16.47 6.97
C THR A 76 -12.80 -17.90 7.33
N GLY A 77 -11.91 -18.60 8.01
CA GLY A 77 -12.18 -19.97 8.41
C GLY A 77 -11.83 -20.97 7.31
N ASP B 1 -8.96 0.71 -19.29
CA ASP B 1 -9.11 -0.26 -18.22
C ASP B 1 -9.40 0.45 -16.91
N THR B 2 -8.79 -0.01 -15.81
CA THR B 2 -9.03 0.63 -14.54
C THR B 2 -7.73 1.19 -13.98
N ALA B 3 -7.76 2.48 -13.72
CA ALA B 3 -6.62 3.19 -13.18
C ALA B 3 -7.01 3.91 -11.91
N GLY B 4 -6.25 3.69 -10.85
CA GLY B 4 -6.55 4.33 -9.59
C GLY B 4 -5.39 5.16 -9.10
N CYS B 5 -5.66 6.39 -8.68
CA CYS B 5 -4.60 7.23 -8.18
C CYS B 5 -4.85 7.59 -6.72
N ILE B 6 -3.89 7.27 -5.87
CA ILE B 6 -3.98 7.57 -4.46
C ILE B 6 -2.78 8.39 -4.02
N VAL B 7 -3.01 9.48 -3.32
CA VAL B 7 -1.92 10.30 -2.81
C VAL B 7 -2.00 10.43 -1.30
N ILE B 8 -0.90 10.10 -0.62
CA ILE B 8 -0.85 10.27 0.82
C ILE B 8 0.34 11.15 1.17
N SEP B 9 0.07 12.20 1.91
CA SEP B 9 1.09 13.12 2.32
CB SEP B 9 0.80 14.51 1.76
OG SEP B 9 0.84 14.54 0.34
C SEP B 9 1.16 13.17 3.84
O SEP B 9 0.13 13.29 4.50
P SEP B 9 2.08 15.20 -0.42
O1P SEP B 9 3.07 15.81 0.50
O2P SEP B 9 1.72 16.09 -1.54
O3P SEP B 9 2.86 13.99 -1.12
H SEP B 9 -0.86 12.38 2.16
HA SEP B 9 2.04 12.77 1.94
HB2 SEP B 9 1.55 15.21 2.14
HB3 SEP B 9 -0.17 14.84 2.08
N ASP B 10 2.35 13.06 4.40
CA ASP B 10 2.49 13.07 5.84
C ASP B 10 3.35 14.25 6.29
N SEP B 11 2.76 15.05 7.16
CA SEP B 11 3.43 16.22 7.72
CB SEP B 11 2.71 17.49 7.28
OG SEP B 11 2.35 17.42 5.91
C SEP B 11 3.44 16.11 9.24
O SEP B 11 2.41 15.81 9.86
P SEP B 11 1.04 18.18 5.37
O1P SEP B 11 -0.16 17.98 6.21
O2P SEP B 11 1.29 19.57 5.00
O3P SEP B 11 0.67 17.46 4.00
H SEP B 11 1.83 14.88 7.43
HA SEP B 11 4.45 16.24 7.37
HB2 SEP B 11 3.34 18.34 7.44
HB3 SEP B 11 1.81 17.60 7.87
N GLU B 12 4.61 16.30 9.86
CA GLU B 12 4.71 16.21 11.31
C GLU B 12 4.39 17.56 11.96
N ASP A 1 11.16 14.93 -2.32
CA ASP A 1 10.93 14.13 -3.53
C ASP A 1 9.58 13.42 -3.43
N HIS A 2 9.16 12.80 -4.52
CA HIS A 2 7.90 12.10 -4.57
C HIS A 2 8.11 10.71 -5.19
N ILE A 3 7.78 9.68 -4.42
CA ILE A 3 7.93 8.32 -4.90
C ILE A 3 6.57 7.77 -5.34
N ASN A 4 6.55 7.08 -6.47
CA ASN A 4 5.31 6.53 -6.97
C ASN A 4 5.32 5.01 -6.89
N LEU A 5 4.45 4.47 -6.05
CA LEU A 5 4.34 3.04 -5.87
C LEU A 5 3.14 2.52 -6.64
N LYS A 6 3.08 1.22 -6.85
CA LYS A 6 1.97 0.61 -7.58
C LYS A 6 1.36 -0.54 -6.79
N VAL A 7 0.19 -0.30 -6.20
CA VAL A 7 -0.49 -1.35 -5.45
C VAL A 7 -1.39 -2.14 -6.39
N ALA A 8 -1.29 -3.47 -6.32
CA ALA A 8 -2.06 -4.33 -7.20
C ALA A 8 -2.99 -5.25 -6.43
N GLY A 9 -4.17 -5.46 -6.98
CA GLY A 9 -5.14 -6.34 -6.36
C GLY A 9 -5.25 -7.64 -7.15
N GLN A 10 -5.87 -8.65 -6.56
CA GLN A 10 -6.01 -9.95 -7.23
C GLN A 10 -7.04 -9.91 -8.35
N ASP A 11 -7.68 -8.76 -8.52
CA ASP A 11 -8.68 -8.59 -9.57
C ASP A 11 -8.07 -7.95 -10.81
N GLY A 12 -7.05 -7.13 -10.61
CA GLY A 12 -6.40 -6.48 -11.75
C GLY A 12 -6.33 -4.98 -11.62
N SER A 13 -7.06 -4.43 -10.65
CA SER A 13 -7.07 -3.00 -10.42
C SER A 13 -5.67 -2.51 -10.00
N VAL A 14 -5.35 -1.28 -10.35
CA VAL A 14 -4.06 -0.71 -10.00
C VAL A 14 -4.23 0.71 -9.49
N VAL A 15 -3.68 0.99 -8.31
CA VAL A 15 -3.78 2.32 -7.74
C VAL A 15 -2.39 2.92 -7.57
N GLN A 16 -2.14 3.99 -8.30
CA GLN A 16 -0.88 4.71 -8.23
C GLN A 16 -0.75 5.36 -6.87
N PHE A 17 0.31 5.03 -6.14
CA PHE A 17 0.51 5.58 -4.81
C PHE A 17 1.55 6.70 -4.80
N LYS A 18 1.07 7.94 -4.79
CA LYS A 18 1.95 9.10 -4.74
C LYS A 18 2.19 9.50 -3.30
N ILE A 19 3.37 9.18 -2.79
CA ILE A 19 3.73 9.50 -1.42
C ILE A 19 5.18 9.99 -1.38
N LYS A 20 5.65 10.47 -0.23
CA LYS A 20 7.03 10.93 -0.12
C LYS A 20 7.90 9.81 0.46
N ARG A 21 9.21 10.02 0.48
CA ARG A 21 10.12 9.00 0.98
C ARG A 21 10.09 8.92 2.51
N HIS A 22 9.56 9.94 3.16
CA HIS A 22 9.48 9.94 4.61
C HIS A 22 8.05 9.68 5.08
N THR A 23 7.18 9.33 4.15
CA THR A 23 5.79 9.05 4.46
C THR A 23 5.62 7.61 4.93
N PRO A 24 5.07 7.40 6.13
CA PRO A 24 4.85 6.04 6.67
C PRO A 24 3.87 5.23 5.83
N LEU A 25 4.08 3.92 5.80
CA LEU A 25 3.22 3.03 5.01
C LEU A 25 1.91 2.73 5.73
N SER A 26 1.78 3.26 6.94
CA SER A 26 0.57 3.05 7.73
C SER A 26 -0.65 3.64 7.01
N LYS A 27 -0.49 4.87 6.52
CA LYS A 27 -1.56 5.54 5.80
C LYS A 27 -1.83 4.84 4.48
N LEU A 28 -0.80 4.21 3.94
CA LEU A 28 -0.90 3.50 2.67
C LEU A 28 -1.90 2.36 2.78
N MET A 29 -1.85 1.63 3.89
CA MET A 29 -2.74 0.51 4.10
C MET A 29 -4.16 0.97 4.45
N LYS A 30 -4.25 2.00 5.27
CA LYS A 30 -5.55 2.52 5.70
C LYS A 30 -6.28 3.26 4.58
N ALA A 31 -5.55 4.08 3.82
CA ALA A 31 -6.15 4.84 2.72
C ALA A 31 -6.78 3.92 1.70
N TYR A 32 -6.07 2.87 1.32
CA TYR A 32 -6.56 1.90 0.36
C TYR A 32 -7.74 1.12 0.96
N CYS A 33 -7.64 0.82 2.25
CA CYS A 33 -8.68 0.10 2.95
C CYS A 33 -9.98 0.88 2.95
N GLU A 34 -9.87 2.19 3.19
CA GLU A 34 -11.03 3.07 3.20
C GLU A 34 -11.60 3.21 1.79
N ARG A 35 -10.71 3.24 0.80
CA ARG A 35 -11.11 3.38 -0.59
C ARG A 35 -11.96 2.20 -1.03
N GLN A 36 -11.61 1.01 -0.55
CA GLN A 36 -12.35 -0.20 -0.89
C GLN A 36 -13.54 -0.37 0.04
N GLY A 37 -13.45 0.20 1.23
CA GLY A 37 -14.53 0.11 2.20
C GLY A 37 -14.48 -1.19 2.98
N LEU A 38 -13.28 -1.60 3.38
CA LEU A 38 -13.12 -2.84 4.12
C LEU A 38 -12.38 -2.58 5.44
N SER A 39 -12.07 -3.66 6.14
CA SER A 39 -11.35 -3.57 7.40
C SER A 39 -9.91 -4.05 7.19
N MET A 40 -8.97 -3.35 7.81
CA MET A 40 -7.55 -3.71 7.68
C MET A 40 -7.26 -5.08 8.29
N ARG A 41 -8.19 -5.56 9.12
CA ARG A 41 -8.04 -6.85 9.76
C ARG A 41 -8.55 -7.95 8.83
N GLN A 42 -9.35 -7.55 7.85
CA GLN A 42 -9.93 -8.48 6.89
C GLN A 42 -9.01 -8.68 5.68
N ILE A 43 -7.96 -7.88 5.62
CA ILE A 43 -7.00 -7.97 4.52
C ILE A 43 -5.58 -8.12 5.04
N ARG A 44 -4.66 -8.47 4.15
CA ARG A 44 -3.25 -8.64 4.50
C ARG A 44 -2.37 -8.03 3.42
N PHE A 45 -1.23 -7.49 3.84
CA PHE A 45 -0.31 -6.86 2.91
C PHE A 45 1.05 -7.55 2.93
N ARG A 46 1.59 -7.83 1.76
CA ARG A 46 2.88 -8.49 1.64
C ARG A 46 3.79 -7.75 0.69
N PHE A 47 5.07 -7.76 1.02
CA PHE A 47 6.08 -7.11 0.19
C PHE A 47 7.34 -7.96 0.16
N ASP A 48 7.78 -8.32 -1.03
CA ASP A 48 8.99 -9.12 -1.23
C ASP A 48 8.84 -10.50 -0.57
N GLY A 49 7.61 -10.97 -0.44
CA GLY A 49 7.35 -12.26 0.16
C GLY A 49 7.20 -12.21 1.67
N GLN A 50 7.43 -11.03 2.24
CA GLN A 50 7.33 -10.86 3.69
C GLN A 50 6.15 -9.96 4.04
N PRO A 51 5.47 -10.24 5.16
CA PRO A 51 4.33 -9.45 5.62
C PRO A 51 4.75 -8.06 6.10
N ILE A 52 4.02 -7.04 5.67
CA ILE A 52 4.33 -5.67 6.05
C ILE A 52 3.74 -5.36 7.42
N ASN A 53 4.53 -4.69 8.25
CA ASN A 53 4.09 -4.33 9.59
C ASN A 53 3.47 -2.93 9.56
N GLU A 54 3.00 -2.47 10.70
CA GLU A 54 2.39 -1.14 10.78
C GLU A 54 3.46 -0.09 11.04
N THR A 55 4.64 -0.55 11.44
CA THR A 55 5.76 0.33 11.73
C THR A 55 6.80 0.30 10.62
N ASP A 56 6.40 -0.08 9.42
CA ASP A 56 7.32 -0.17 8.29
C ASP A 56 7.29 1.09 7.44
N THR A 57 8.46 1.52 7.00
CA THR A 57 8.58 2.70 6.17
C THR A 57 9.23 2.34 4.83
N PRO A 58 9.02 3.17 3.79
CA PRO A 58 9.59 2.93 2.46
C PRO A 58 11.11 2.75 2.49
N ALA A 59 11.79 3.58 3.28
CA ALA A 59 13.24 3.51 3.38
C ALA A 59 13.67 2.33 4.24
N GLN A 60 12.81 1.92 5.18
CA GLN A 60 13.11 0.79 6.05
C GLN A 60 13.15 -0.50 5.25
N LEU A 61 12.26 -0.60 4.29
CA LEU A 61 12.20 -1.79 3.44
C LEU A 61 13.02 -1.57 2.16
N GLU A 62 13.59 -0.37 2.04
CA GLU A 62 14.41 0.00 0.88
C GLU A 62 13.63 -0.21 -0.41
N MET A 63 12.44 0.38 -0.47
CA MET A 63 11.57 0.25 -1.64
C MET A 63 11.96 1.24 -2.73
N GLU A 64 11.74 0.84 -3.98
CA GLU A 64 12.07 1.68 -5.11
C GLU A 64 10.80 2.19 -5.80
N ASP A 65 10.98 2.80 -6.96
CA ASP A 65 9.85 3.35 -7.72
C ASP A 65 9.14 2.22 -8.46
N GLU A 66 7.82 2.36 -8.57
CA GLU A 66 6.97 1.39 -9.26
C GLU A 66 6.96 0.04 -8.53
N ASP A 67 7.40 0.03 -7.28
CA ASP A 67 7.41 -1.19 -6.49
C ASP A 67 5.98 -1.64 -6.23
N THR A 68 5.71 -2.92 -6.46
CA THR A 68 4.37 -3.45 -6.30
C THR A 68 4.18 -4.20 -4.99
N ILE A 69 3.19 -3.75 -4.22
CA ILE A 69 2.84 -4.37 -2.96
C ILE A 69 1.72 -5.37 -3.20
N ASP A 70 1.84 -6.55 -2.60
CA ASP A 70 0.83 -7.60 -2.78
C ASP A 70 -0.24 -7.52 -1.70
N VAL A 71 -1.49 -7.45 -2.13
CA VAL A 71 -2.62 -7.39 -1.20
C VAL A 71 -3.42 -8.68 -1.25
N PHE A 72 -3.70 -9.25 -0.09
CA PHE A 72 -4.45 -10.49 -0.01
C PHE A 72 -5.59 -10.38 0.99
N GLN A 73 -6.55 -11.28 0.91
CA GLN A 73 -7.68 -11.28 1.82
C GLN A 73 -7.45 -12.28 2.95
N GLN A 74 -7.99 -11.96 4.12
CA GLN A 74 -7.85 -12.83 5.27
C GLN A 74 -8.85 -13.98 5.18
N GLN A 75 -8.42 -15.16 5.58
CA GLN A 75 -9.26 -16.35 5.54
C GLN A 75 -10.53 -16.15 6.38
N THR A 76 -11.61 -16.75 5.94
CA THR A 76 -12.89 -16.62 6.63
C THR A 76 -13.08 -17.74 7.64
N GLY A 77 -12.20 -18.73 7.59
CA GLY A 77 -12.28 -19.86 8.52
C GLY A 77 -13.09 -21.01 7.94
N ASP B 1 -10.31 -0.71 -18.75
CA ASP B 1 -9.29 -0.84 -17.73
C ASP B 1 -9.62 0.05 -16.55
N THR B 2 -9.03 -0.24 -15.40
CA THR B 2 -9.28 0.58 -14.24
C THR B 2 -7.99 1.22 -13.74
N ALA B 3 -8.03 2.52 -13.62
CA ALA B 3 -6.91 3.28 -13.14
C ALA B 3 -7.31 4.04 -11.90
N GLY B 4 -6.57 3.85 -10.84
CA GLY B 4 -6.83 4.51 -9.61
C GLY B 4 -5.65 5.30 -9.15
N CYS B 5 -5.87 6.52 -8.74
CA CYS B 5 -4.77 7.33 -8.26
C CYS B 5 -5.00 7.63 -6.80
N ILE B 6 -4.03 7.29 -5.98
CA ILE B 6 -4.10 7.50 -4.57
C ILE B 6 -2.91 8.34 -4.13
N VAL B 7 -3.18 9.43 -3.40
CA VAL B 7 -2.10 10.27 -2.92
C VAL B 7 -2.18 10.46 -1.41
N ILE B 8 -1.08 10.22 -0.70
CA ILE B 8 -1.07 10.46 0.73
C ILE B 8 0.04 11.44 1.05
N SEP B 9 -0.31 12.51 1.74
CA SEP B 9 0.67 13.50 2.11
CB SEP B 9 0.39 14.82 1.38
OG SEP B 9 0.70 14.75 0.00
C SEP B 9 0.68 13.71 3.62
O SEP B 9 -0.37 13.95 4.23
P SEP B 9 1.79 15.73 -0.63
O1P SEP B 9 2.19 16.84 0.24
O2P SEP B 9 1.50 16.15 -2.02
O3P SEP B 9 3.11 14.84 -0.77
H SEP B 9 -1.25 12.64 1.98
HA SEP B 9 1.64 13.15 1.81
HB2 SEP B 9 0.98 15.61 1.83
HB3 SEP B 9 -0.66 15.07 1.50
N ASP B 10 1.86 13.64 4.22
CA ASP B 10 1.99 13.84 5.65
C ASP B 10 2.92 15.01 5.93
N SEP B 11 2.44 15.97 6.71
CA SEP B 11 3.24 17.13 7.07
CB SEP B 11 2.64 18.41 6.49
OG SEP B 11 1.24 18.26 6.23
C SEP B 11 3.37 17.23 8.59
O SEP B 11 2.37 17.16 9.32
P SEP B 11 0.33 19.55 6.10
O1P SEP B 11 -1.11 19.30 6.27
O2P SEP B 11 0.82 20.71 6.87
O3P SEP B 11 0.47 20.00 4.57
H SEP B 11 1.52 15.92 7.04
HA SEP B 11 4.23 16.98 6.66
HB2 SEP B 11 3.14 18.64 5.56
HB3 SEP B 11 2.77 19.21 7.19
N GLU B 12 4.60 17.37 9.06
CA GLU B 12 4.87 17.49 10.49
C GLU B 12 4.59 18.91 10.97
N ASP A 1 11.12 13.86 -1.74
CA ASP A 1 10.68 13.45 -3.07
C ASP A 1 9.53 12.45 -2.98
N HIS A 2 8.68 12.45 -3.99
CA HIS A 2 7.54 11.54 -4.01
C HIS A 2 7.87 10.25 -4.75
N ILE A 3 7.56 9.14 -4.12
CA ILE A 3 7.81 7.83 -4.71
C ILE A 3 6.47 7.19 -5.12
N ASN A 4 6.41 6.67 -6.34
CA ASN A 4 5.18 6.07 -6.83
C ASN A 4 5.22 4.55 -6.70
N LEU A 5 4.22 4.02 -6.02
CA LEU A 5 4.12 2.58 -5.81
C LEU A 5 2.89 2.03 -6.53
N LYS A 6 2.97 0.79 -6.99
CA LYS A 6 1.86 0.16 -7.69
C LYS A 6 1.20 -0.90 -6.83
N VAL A 7 -0.11 -0.74 -6.59
CA VAL A 7 -0.86 -1.70 -5.81
C VAL A 7 -1.39 -2.81 -6.71
N ALA A 8 -1.16 -4.05 -6.33
CA ALA A 8 -1.61 -5.20 -7.11
C ALA A 8 -2.88 -5.81 -6.53
N GLY A 9 -4.00 -5.61 -7.21
CA GLY A 9 -5.27 -6.15 -6.77
C GLY A 9 -5.53 -7.51 -7.36
N GLN A 10 -6.27 -8.34 -6.64
CA GLN A 10 -6.59 -9.70 -7.09
C GLN A 10 -7.63 -9.69 -8.21
N ASP A 11 -8.18 -8.52 -8.50
CA ASP A 11 -9.18 -8.38 -9.55
C ASP A 11 -8.55 -7.80 -10.82
N GLY A 12 -7.40 -7.18 -10.67
CA GLY A 12 -6.72 -6.59 -11.80
C GLY A 12 -6.67 -5.07 -11.73
N SER A 13 -7.33 -4.47 -10.75
CA SER A 13 -7.32 -3.03 -10.60
C SER A 13 -5.96 -2.57 -10.08
N VAL A 14 -5.39 -1.58 -10.74
CA VAL A 14 -4.08 -1.06 -10.34
C VAL A 14 -4.21 0.34 -9.74
N VAL A 15 -3.61 0.52 -8.58
CA VAL A 15 -3.65 1.80 -7.90
C VAL A 15 -2.24 2.35 -7.74
N GLN A 16 -2.05 3.57 -8.20
CA GLN A 16 -0.77 4.25 -8.10
C GLN A 16 -0.73 5.09 -6.83
N PHE A 17 0.17 4.73 -5.93
CA PHE A 17 0.30 5.42 -4.66
C PHE A 17 1.43 6.44 -4.70
N LYS A 18 1.07 7.70 -4.55
CA LYS A 18 2.04 8.78 -4.54
C LYS A 18 2.30 9.20 -3.10
N ILE A 19 3.35 8.66 -2.52
CA ILE A 19 3.68 8.95 -1.14
C ILE A 19 5.13 9.41 -1.03
N LYS A 20 5.51 9.93 0.14
CA LYS A 20 6.89 10.39 0.34
C LYS A 20 7.71 9.28 1.00
N ARG A 21 9.02 9.33 0.79
CA ARG A 21 9.93 8.32 1.32
C ARG A 21 9.97 8.34 2.85
N HIS A 22 9.73 9.51 3.43
CA HIS A 22 9.75 9.64 4.89
C HIS A 22 8.37 9.43 5.50
N THR A 23 7.43 8.97 4.68
CA THR A 23 6.08 8.75 5.14
C THR A 23 5.80 7.27 5.42
N PRO A 24 5.37 6.95 6.65
CA PRO A 24 5.06 5.58 7.06
C PRO A 24 4.04 4.90 6.14
N LEU A 25 4.20 3.60 5.95
CA LEU A 25 3.33 2.81 5.10
C LEU A 25 1.99 2.55 5.79
N SER A 26 1.87 3.01 7.02
CA SER A 26 0.65 2.83 7.79
C SER A 26 -0.54 3.46 7.07
N LYS A 27 -0.35 4.67 6.56
CA LYS A 27 -1.44 5.35 5.84
C LYS A 27 -1.66 4.71 4.49
N LEU A 28 -0.61 4.14 3.91
CA LEU A 28 -0.71 3.50 2.61
C LEU A 28 -1.65 2.30 2.68
N MET A 29 -1.57 1.56 3.77
CA MET A 29 -2.42 0.40 3.96
C MET A 29 -3.83 0.83 4.34
N LYS A 30 -3.93 1.87 5.16
CA LYS A 30 -5.22 2.38 5.63
C LYS A 30 -6.00 3.08 4.50
N ALA A 31 -5.34 4.01 3.81
CA ALA A 31 -5.98 4.76 2.72
C ALA A 31 -6.55 3.85 1.64
N TYR A 32 -5.75 2.88 1.21
CA TYR A 32 -6.20 1.95 0.19
C TYR A 32 -7.41 1.16 0.67
N CYS A 33 -7.38 0.74 1.92
CA CYS A 33 -8.47 -0.02 2.50
C CYS A 33 -9.70 0.86 2.73
N GLU A 34 -9.46 2.15 2.96
CA GLU A 34 -10.55 3.09 3.17
C GLU A 34 -11.41 3.20 1.92
N ARG A 35 -10.76 3.23 0.78
CA ARG A 35 -11.46 3.34 -0.50
C ARG A 35 -12.10 2.00 -0.86
N GLN A 36 -11.70 0.95 -0.16
CA GLN A 36 -12.27 -0.38 -0.38
C GLN A 36 -13.60 -0.48 0.36
N GLY A 37 -13.69 0.25 1.47
CA GLY A 37 -14.89 0.25 2.27
C GLY A 37 -14.94 -0.92 3.23
N LEU A 38 -13.75 -1.40 3.62
CA LEU A 38 -13.64 -2.53 4.53
C LEU A 38 -12.57 -2.27 5.58
N SER A 39 -12.51 -3.15 6.57
CA SER A 39 -11.54 -3.05 7.64
C SER A 39 -10.16 -3.49 7.15
N MET A 40 -9.12 -2.76 7.56
CA MET A 40 -7.75 -3.06 7.15
C MET A 40 -7.31 -4.41 7.72
N ARG A 41 -7.99 -4.85 8.77
CA ARG A 41 -7.67 -6.10 9.41
C ARG A 41 -8.22 -7.28 8.61
N GLN A 42 -9.08 -6.99 7.64
CA GLN A 42 -9.66 -8.04 6.80
C GLN A 42 -8.69 -8.48 5.71
N ILE A 43 -7.83 -7.55 5.28
CA ILE A 43 -6.87 -7.85 4.24
C ILE A 43 -5.44 -7.84 4.76
N ARG A 44 -4.50 -8.28 3.93
CA ARG A 44 -3.09 -8.31 4.30
C ARG A 44 -2.25 -7.67 3.21
N PHE A 45 -1.16 -7.03 3.62
CA PHE A 45 -0.27 -6.37 2.67
C PHE A 45 1.11 -7.01 2.72
N ARG A 46 1.66 -7.33 1.56
CA ARG A 46 2.97 -7.94 1.47
C ARG A 46 3.90 -7.18 0.55
N PHE A 47 5.18 -7.26 0.83
CA PHE A 47 6.21 -6.61 0.05
C PHE A 47 7.49 -7.44 0.10
N ASP A 48 7.99 -7.82 -1.07
CA ASP A 48 9.21 -8.63 -1.17
C ASP A 48 8.97 -10.01 -0.56
N GLY A 49 7.69 -10.39 -0.50
CA GLY A 49 7.32 -11.68 0.04
C GLY A 49 7.09 -11.63 1.54
N GLN A 50 7.41 -10.51 2.16
CA GLN A 50 7.24 -10.36 3.60
C GLN A 50 6.05 -9.47 3.93
N PRO A 51 5.35 -9.73 5.04
CA PRO A 51 4.20 -8.95 5.46
C PRO A 51 4.58 -7.56 5.97
N ILE A 52 3.90 -6.55 5.47
CA ILE A 52 4.16 -5.17 5.86
C ILE A 52 3.53 -4.88 7.22
N ASN A 53 4.26 -4.19 8.07
CA ASN A 53 3.77 -3.84 9.40
C ASN A 53 3.39 -2.37 9.45
N GLU A 54 2.65 -1.97 10.48
CA GLU A 54 2.20 -0.59 10.62
C GLU A 54 3.36 0.35 10.96
N THR A 55 4.50 -0.21 11.32
CA THR A 55 5.68 0.58 11.65
C THR A 55 6.73 0.52 10.55
N ASP A 56 6.31 0.15 9.35
CA ASP A 56 7.23 0.05 8.22
C ASP A 56 7.20 1.30 7.36
N THR A 57 8.35 1.65 6.80
CA THR A 57 8.48 2.81 5.94
C THR A 57 9.16 2.42 4.63
N PRO A 58 8.97 3.19 3.55
CA PRO A 58 9.59 2.91 2.25
C PRO A 58 11.11 2.82 2.35
N ALA A 59 11.69 3.75 3.12
CA ALA A 59 13.13 3.79 3.31
C ALA A 59 13.62 2.65 4.19
N GLN A 60 12.73 2.09 5.00
CA GLN A 60 13.07 1.00 5.89
C GLN A 60 13.15 -0.33 5.14
N LEU A 61 12.23 -0.52 4.21
CA LEU A 61 12.19 -1.74 3.42
C LEU A 61 12.99 -1.60 2.13
N GLU A 62 13.71 -0.48 2.02
CA GLU A 62 14.53 -0.18 0.84
C GLU A 62 13.68 -0.25 -0.43
N MET A 63 12.52 0.37 -0.36
CA MET A 63 11.59 0.39 -1.49
C MET A 63 12.03 1.43 -2.51
N GLU A 64 11.62 1.22 -3.74
CA GLU A 64 11.97 2.13 -4.81
C GLU A 64 10.75 2.41 -5.67
N ASP A 65 10.91 3.29 -6.65
CA ASP A 65 9.83 3.66 -7.53
C ASP A 65 9.39 2.49 -8.39
N GLU A 66 8.09 2.43 -8.67
CA GLU A 66 7.50 1.36 -9.49
C GLU A 66 7.43 0.04 -8.74
N ASP A 67 7.54 0.09 -7.42
CA ASP A 67 7.47 -1.12 -6.60
C ASP A 67 6.05 -1.65 -6.59
N THR A 68 5.90 -2.95 -6.39
CA THR A 68 4.58 -3.57 -6.40
C THR A 68 4.16 -4.04 -5.01
N ILE A 69 3.01 -3.57 -4.56
CA ILE A 69 2.47 -3.94 -3.27
C ILE A 69 1.41 -5.03 -3.44
N ASP A 70 1.63 -6.17 -2.81
CA ASP A 70 0.70 -7.29 -2.92
C ASP A 70 -0.34 -7.24 -1.80
N VAL A 71 -1.61 -7.25 -2.19
CA VAL A 71 -2.70 -7.23 -1.24
C VAL A 71 -3.44 -8.56 -1.26
N PHE A 72 -3.60 -9.15 -0.08
CA PHE A 72 -4.29 -10.44 0.04
C PHE A 72 -5.42 -10.35 1.06
N GLN A 73 -6.14 -11.43 1.27
CA GLN A 73 -7.25 -11.46 2.21
C GLN A 73 -6.99 -12.46 3.33
N GLN A 74 -7.71 -12.32 4.43
CA GLN A 74 -7.55 -13.22 5.56
C GLN A 74 -8.58 -14.34 5.46
N GLN A 75 -8.14 -15.56 5.77
CA GLN A 75 -9.00 -16.74 5.72
C GLN A 75 -10.18 -16.60 6.66
N THR A 76 -11.38 -16.75 6.11
CA THR A 76 -12.62 -16.63 6.89
C THR A 76 -13.00 -17.96 7.53
N GLY A 77 -12.22 -18.99 7.23
CA GLY A 77 -12.48 -20.31 7.78
C GLY A 77 -11.23 -21.15 7.85
N ASP B 1 -9.84 0.87 -18.77
CA ASP B 1 -9.73 -0.08 -17.68
C ASP B 1 -9.92 0.63 -16.35
N THR B 2 -9.27 0.14 -15.31
CA THR B 2 -9.40 0.76 -14.01
C THR B 2 -8.06 1.30 -13.50
N ALA B 3 -8.06 2.60 -13.21
CA ALA B 3 -6.88 3.27 -12.69
C ALA B 3 -7.22 4.01 -11.40
N GLY B 4 -6.46 3.78 -10.36
CA GLY B 4 -6.70 4.44 -9.09
C GLY B 4 -5.49 5.21 -8.63
N CYS B 5 -5.66 6.46 -8.24
CA CYS B 5 -4.51 7.24 -7.76
C CYS B 5 -4.75 7.67 -6.31
N ILE B 6 -3.82 7.32 -5.42
CA ILE B 6 -3.93 7.70 -4.01
C ILE B 6 -2.66 8.42 -3.54
N VAL B 7 -2.82 9.56 -2.89
CA VAL B 7 -1.67 10.31 -2.37
C VAL B 7 -1.80 10.50 -0.86
N ILE B 8 -0.76 10.20 -0.11
CA ILE B 8 -0.81 10.37 1.34
C ILE B 8 0.26 11.36 1.80
N SEP B 9 -0.14 12.36 2.57
CA SEP B 9 0.83 13.31 3.07
CB SEP B 9 0.55 14.70 2.50
OG SEP B 9 0.58 14.72 1.08
C SEP B 9 0.81 13.38 4.60
O SEP B 9 -0.23 13.64 5.21
P SEP B 9 1.17 16.00 0.33
O1P SEP B 9 1.82 16.96 1.25
O2P SEP B 9 0.25 16.62 -0.63
O3P SEP B 9 2.37 15.43 -0.56
H SEP B 9 -1.08 12.47 2.80
HA SEP B 9 1.80 12.99 2.75
HB2 SEP B 9 1.30 15.39 2.86
HB3 SEP B 9 -0.42 15.03 2.83
N ASP B 10 1.97 13.12 5.20
CA ASP B 10 2.13 13.17 6.65
C ASP B 10 3.34 14.03 7.01
N SEP B 11 3.20 14.97 7.93
CA SEP B 11 4.32 15.79 8.33
CB SEP B 11 4.06 17.26 8.01
OG SEP B 11 2.75 17.65 8.39
C SEP B 11 4.62 15.61 9.82
O SEP B 11 3.72 15.66 10.65
P SEP B 11 1.59 17.77 7.31
O1P SEP B 11 0.69 18.91 7.51
O2P SEP B 11 2.04 17.61 5.90
O3P SEP B 11 0.67 16.48 7.56
H SEP B 11 2.30 15.15 8.31
HA SEP B 11 5.18 15.46 7.77
HB2 SEP B 11 4.17 17.41 6.94
HB3 SEP B 11 4.77 17.88 8.53
N GLU B 12 5.89 15.36 10.14
CA GLU B 12 6.30 15.18 11.52
C GLU B 12 6.59 16.52 12.19
N ASP A 1 10.86 14.56 -2.97
CA ASP A 1 10.24 13.88 -4.09
C ASP A 1 9.21 12.87 -3.61
N HIS A 2 8.48 12.29 -4.54
CA HIS A 2 7.46 11.31 -4.19
C HIS A 2 7.76 9.98 -4.86
N ILE A 3 7.61 8.91 -4.10
CA ILE A 3 7.85 7.57 -4.61
C ILE A 3 6.51 6.97 -5.03
N ASN A 4 6.43 6.54 -6.27
CA ASN A 4 5.20 5.97 -6.80
C ASN A 4 5.20 4.46 -6.64
N LEU A 5 4.21 3.96 -5.92
CA LEU A 5 4.09 2.53 -5.70
C LEU A 5 2.83 1.99 -6.37
N LYS A 6 2.90 0.78 -6.90
CA LYS A 6 1.77 0.17 -7.59
C LYS A 6 1.11 -0.88 -6.71
N VAL A 7 -0.20 -0.74 -6.54
CA VAL A 7 -0.96 -1.71 -5.76
C VAL A 7 -1.47 -2.81 -6.69
N ALA A 8 -1.10 -4.05 -6.40
CA ALA A 8 -1.51 -5.17 -7.21
C ALA A 8 -2.74 -5.85 -6.63
N GLY A 9 -3.91 -5.50 -7.18
CA GLY A 9 -5.15 -6.10 -6.72
C GLY A 9 -5.35 -7.46 -7.34
N GLN A 10 -6.01 -8.35 -6.62
CA GLN A 10 -6.25 -9.71 -7.13
C GLN A 10 -7.22 -9.70 -8.31
N ASP A 11 -7.87 -8.57 -8.53
CA ASP A 11 -8.82 -8.43 -9.64
C ASP A 11 -8.10 -7.94 -10.90
N GLY A 12 -6.86 -7.48 -10.74
CA GLY A 12 -6.09 -7.04 -11.88
C GLY A 12 -5.98 -5.52 -11.99
N SER A 13 -6.66 -4.78 -11.12
CA SER A 13 -6.60 -3.33 -11.18
C SER A 13 -5.26 -2.81 -10.65
N VAL A 14 -4.93 -1.57 -11.00
CA VAL A 14 -3.69 -0.97 -10.56
C VAL A 14 -3.93 0.38 -9.90
N VAL A 15 -3.34 0.57 -8.73
CA VAL A 15 -3.48 1.83 -8.01
C VAL A 15 -2.11 2.48 -7.84
N GLN A 16 -1.97 3.70 -8.34
CA GLN A 16 -0.74 4.44 -8.25
C GLN A 16 -0.70 5.23 -6.95
N PHE A 17 0.13 4.78 -6.02
CA PHE A 17 0.26 5.43 -4.74
C PHE A 17 1.40 6.44 -4.75
N LYS A 18 1.04 7.71 -4.71
CA LYS A 18 2.03 8.79 -4.68
C LYS A 18 2.25 9.18 -3.23
N ILE A 19 3.34 8.67 -2.66
CA ILE A 19 3.66 8.94 -1.26
C ILE A 19 5.12 9.36 -1.12
N LYS A 20 5.48 9.97 0.01
CA LYS A 20 6.86 10.39 0.25
C LYS A 20 7.64 9.26 0.91
N ARG A 21 8.95 9.39 0.96
CA ARG A 21 9.81 8.37 1.54
C ARG A 21 9.73 8.32 3.06
N HIS A 22 9.26 9.40 3.68
CA HIS A 22 9.17 9.45 5.14
C HIS A 22 7.81 8.98 5.64
N THR A 23 6.82 9.02 4.76
CA THR A 23 5.46 8.61 5.09
C THR A 23 5.40 7.12 5.45
N PRO A 24 4.95 6.79 6.68
CA PRO A 24 4.85 5.40 7.13
C PRO A 24 3.91 4.59 6.25
N LEU A 25 4.25 3.34 6.01
CA LEU A 25 3.45 2.46 5.16
C LEU A 25 2.13 2.09 5.83
N SER A 26 1.96 2.51 7.07
CA SER A 26 0.73 2.24 7.81
C SER A 26 -0.42 2.99 7.15
N LYS A 27 -0.11 4.16 6.62
CA LYS A 27 -1.09 4.98 5.93
C LYS A 27 -1.54 4.27 4.65
N LEU A 28 -0.59 3.63 3.99
CA LEU A 28 -0.86 2.90 2.75
C LEU A 28 -1.76 1.71 3.01
N MET A 29 -1.71 1.18 4.22
CA MET A 29 -2.53 0.03 4.59
C MET A 29 -3.92 0.47 5.03
N LYS A 30 -4.14 1.78 5.14
CA LYS A 30 -5.43 2.30 5.55
C LYS A 30 -6.11 3.14 4.45
N ALA A 31 -5.30 3.86 3.69
CA ALA A 31 -5.79 4.73 2.62
C ALA A 31 -6.70 4.00 1.62
N TYR A 32 -6.17 2.96 0.98
CA TYR A 32 -6.95 2.20 0.01
C TYR A 32 -8.06 1.41 0.71
N CYS A 33 -7.78 1.00 1.93
CA CYS A 33 -8.73 0.23 2.72
C CYS A 33 -10.01 1.02 2.95
N GLU A 34 -9.85 2.32 3.24
CA GLU A 34 -10.97 3.19 3.47
C GLU A 34 -11.74 3.45 2.19
N ARG A 35 -11.05 3.44 1.07
CA ARG A 35 -11.68 3.66 -0.24
C ARG A 35 -12.59 2.47 -0.58
N GLN A 36 -12.12 1.27 -0.27
CA GLN A 36 -12.90 0.07 -0.52
C GLN A 36 -13.96 -0.12 0.56
N GLY A 37 -13.73 0.52 1.70
CA GLY A 37 -14.66 0.41 2.81
C GLY A 37 -14.48 -0.90 3.56
N LEU A 38 -13.25 -1.40 3.58
CA LEU A 38 -12.95 -2.65 4.24
C LEU A 38 -12.18 -2.43 5.52
N SER A 39 -11.93 -3.50 6.24
CA SER A 39 -11.20 -3.44 7.49
C SER A 39 -9.72 -3.73 7.24
N MET A 40 -8.85 -3.03 7.96
CA MET A 40 -7.42 -3.21 7.82
C MET A 40 -7.00 -4.57 8.37
N ARG A 41 -7.91 -5.18 9.12
CA ARG A 41 -7.68 -6.49 9.70
C ARG A 41 -8.25 -7.56 8.79
N GLN A 42 -9.05 -7.13 7.82
CA GLN A 42 -9.67 -8.03 6.87
C GLN A 42 -8.71 -8.38 5.74
N ILE A 43 -7.86 -7.42 5.39
CA ILE A 43 -6.89 -7.61 4.32
C ILE A 43 -5.47 -7.70 4.87
N ARG A 44 -4.55 -8.11 4.01
CA ARG A 44 -3.14 -8.25 4.37
C ARG A 44 -2.27 -7.63 3.29
N PHE A 45 -1.19 -7.00 3.70
CA PHE A 45 -0.28 -6.36 2.77
C PHE A 45 1.10 -7.01 2.85
N ARG A 46 1.58 -7.46 1.69
CA ARG A 46 2.88 -8.10 1.63
C ARG A 46 3.78 -7.37 0.64
N PHE A 47 5.07 -7.34 0.94
CA PHE A 47 6.04 -6.69 0.09
C PHE A 47 7.29 -7.55 -0.02
N ASP A 48 7.53 -8.06 -1.21
CA ASP A 48 8.69 -8.91 -1.49
C ASP A 48 8.67 -10.16 -0.63
N GLY A 49 7.48 -10.74 -0.50
CA GLY A 49 7.34 -11.96 0.29
C GLY A 49 7.03 -11.72 1.74
N GLN A 50 7.68 -10.72 2.34
CA GLN A 50 7.47 -10.42 3.75
C GLN A 50 6.34 -9.43 3.94
N PRO A 51 5.43 -9.70 4.89
CA PRO A 51 4.31 -8.81 5.20
C PRO A 51 4.76 -7.46 5.73
N ILE A 52 3.97 -6.43 5.47
CA ILE A 52 4.31 -5.09 5.93
C ILE A 52 3.76 -4.83 7.33
N ASN A 53 4.62 -4.37 8.22
CA ASN A 53 4.21 -4.06 9.59
C ASN A 53 3.75 -2.61 9.67
N GLU A 54 3.04 -2.28 10.74
CA GLU A 54 2.52 -0.93 10.94
C GLU A 54 3.58 0.01 11.54
N THR A 55 4.84 -0.32 11.38
CA THR A 55 5.92 0.49 11.93
C THR A 55 7.11 0.59 10.97
N ASP A 56 6.83 0.49 9.66
CA ASP A 56 7.89 0.56 8.66
C ASP A 56 7.59 1.62 7.61
N THR A 57 8.66 2.16 7.03
CA THR A 57 8.56 3.17 6.00
C THR A 57 9.18 2.67 4.69
N PRO A 58 8.91 3.35 3.56
CA PRO A 58 9.47 2.96 2.26
C PRO A 58 10.99 2.92 2.27
N ALA A 59 11.58 3.88 2.98
CA ALA A 59 13.03 3.97 3.09
C ALA A 59 13.56 2.87 3.99
N GLN A 60 12.77 2.51 5.01
CA GLN A 60 13.15 1.47 5.96
C GLN A 60 13.27 0.13 5.26
N LEU A 61 12.39 -0.11 4.30
CA LEU A 61 12.39 -1.37 3.56
C LEU A 61 13.24 -1.26 2.29
N GLU A 62 13.82 -0.08 2.07
CA GLU A 62 14.65 0.18 0.89
C GLU A 62 13.88 -0.11 -0.40
N MET A 63 12.69 0.46 -0.51
CA MET A 63 11.84 0.26 -1.66
C MET A 63 12.23 1.19 -2.81
N GLU A 64 11.89 0.79 -4.03
CA GLU A 64 12.21 1.58 -5.21
C GLU A 64 10.95 2.15 -5.83
N ASP A 65 11.11 3.01 -6.83
CA ASP A 65 9.98 3.64 -7.51
C ASP A 65 9.33 2.66 -8.47
N GLU A 66 8.02 2.76 -8.60
CA GLU A 66 7.23 1.90 -9.48
C GLU A 66 7.31 0.44 -9.04
N ASP A 67 7.33 0.22 -7.74
CA ASP A 67 7.39 -1.12 -7.19
C ASP A 67 5.98 -1.68 -7.06
N THR A 68 5.84 -2.89 -6.53
CA THR A 68 4.53 -3.50 -6.40
C THR A 68 4.22 -3.94 -4.97
N ILE A 69 2.99 -3.71 -4.55
CA ILE A 69 2.51 -4.09 -3.23
C ILE A 69 1.41 -5.14 -3.38
N ASP A 70 1.54 -6.24 -2.64
CA ASP A 70 0.56 -7.33 -2.71
C ASP A 70 -0.52 -7.17 -1.65
N VAL A 71 -1.77 -7.23 -2.08
CA VAL A 71 -2.91 -7.09 -1.17
C VAL A 71 -3.73 -8.38 -1.16
N PHE A 72 -3.72 -9.07 -0.04
CA PHE A 72 -4.45 -10.32 0.10
C PHE A 72 -5.58 -10.16 1.11
N GLN A 73 -6.41 -11.18 1.24
CA GLN A 73 -7.52 -11.16 2.18
C GLN A 73 -7.36 -12.26 3.22
N GLN A 74 -7.77 -11.97 4.45
CA GLN A 74 -7.69 -12.93 5.54
C GLN A 74 -8.73 -14.02 5.36
N GLN A 75 -8.35 -15.25 5.72
CA GLN A 75 -9.23 -16.40 5.59
C GLN A 75 -10.50 -16.22 6.42
N THR A 76 -11.64 -16.38 5.77
CA THR A 76 -12.93 -16.25 6.43
C THR A 76 -13.43 -17.59 6.97
N GLY A 77 -12.60 -18.61 6.83
CA GLY A 77 -12.95 -19.94 7.31
C GLY A 77 -11.77 -20.68 7.87
N ASP B 1 -9.21 -0.80 -18.80
CA ASP B 1 -8.79 -1.35 -17.51
C ASP B 1 -9.17 -0.38 -16.40
N THR B 2 -8.72 -0.65 -15.18
CA THR B 2 -9.03 0.23 -14.07
C THR B 2 -7.76 0.83 -13.47
N ALA B 3 -7.74 2.16 -13.40
CA ALA B 3 -6.61 2.87 -12.85
C ALA B 3 -7.05 3.74 -11.69
N GLY B 4 -6.35 3.60 -10.57
CA GLY B 4 -6.66 4.39 -9.39
C GLY B 4 -5.46 5.20 -8.97
N CYS B 5 -5.65 6.48 -8.72
CA CYS B 5 -4.53 7.31 -8.30
C CYS B 5 -4.77 7.86 -6.90
N ILE B 6 -3.85 7.58 -6.00
CA ILE B 6 -3.93 8.04 -4.63
C ILE B 6 -2.68 8.82 -4.22
N VAL B 7 -2.85 9.99 -3.63
CA VAL B 7 -1.72 10.77 -3.13
C VAL B 7 -1.91 11.03 -1.63
N ILE B 8 -0.91 10.69 -0.82
CA ILE B 8 -1.02 10.90 0.62
C ILE B 8 0.10 11.76 1.17
N SEP B 9 -0.27 12.77 1.96
CA SEP B 9 0.71 13.64 2.59
CB SEP B 9 0.54 15.08 2.13
OG SEP B 9 1.18 15.32 0.88
C SEP B 9 0.57 13.58 4.10
O SEP B 9 -0.52 13.75 4.64
P SEP B 9 2.48 16.23 0.82
O1P SEP B 9 3.29 16.23 2.06
O2P SEP B 9 2.25 17.59 0.29
O3P SEP B 9 3.42 15.54 -0.26
H SEP B 9 -1.22 12.92 2.12
HA SEP B 9 1.69 13.29 2.31
HB2 SEP B 9 0.97 15.74 2.86
HB3 SEP B 9 -0.52 15.30 2.02
N ASP B 10 1.66 13.31 4.78
CA ASP B 10 1.68 13.24 6.23
C ASP B 10 2.70 14.23 6.76
N SEP B 11 2.35 14.98 7.78
CA SEP B 11 3.27 15.97 8.31
CB SEP B 11 2.60 17.34 8.31
OG SEP B 11 1.21 17.23 8.66
C SEP B 11 3.72 15.61 9.71
O SEP B 11 2.91 15.33 10.60
P SEP B 11 0.09 17.19 7.52
O1P SEP B 11 -1.09 18.02 7.83
O2P SEP B 11 0.60 17.36 6.15
O3P SEP B 11 -0.47 15.69 7.56
H SEP B 11 1.44 14.91 8.16
HA SEP B 11 4.13 16.00 7.67
HB2 SEP B 11 2.67 17.79 7.34
HB3 SEP B 11 3.08 17.99 9.03
N GLU B 12 5.04 15.61 9.90
CA GLU B 12 5.65 15.28 11.18
C GLU B 12 5.72 16.52 12.06
N ASP A 1 11.13 15.15 -2.82
CA ASP A 1 10.15 14.98 -3.89
C ASP A 1 9.20 13.82 -3.59
N HIS A 2 8.19 13.66 -4.43
CA HIS A 2 7.21 12.60 -4.24
C HIS A 2 7.65 11.33 -4.97
N ILE A 3 7.17 10.20 -4.49
CA ILE A 3 7.49 8.91 -5.08
C ILE A 3 6.18 8.15 -5.35
N ASN A 4 6.11 7.48 -6.49
CA ASN A 4 4.92 6.74 -6.84
C ASN A 4 5.12 5.25 -6.66
N LEU A 5 4.18 4.62 -5.97
CA LEU A 5 4.23 3.19 -5.74
C LEU A 5 3.05 2.52 -6.42
N LYS A 6 3.10 1.22 -6.60
CA LYS A 6 2.01 0.50 -7.26
C LYS A 6 1.36 -0.53 -6.35
N VAL A 7 0.03 -0.54 -6.37
CA VAL A 7 -0.75 -1.49 -5.59
C VAL A 7 -1.64 -2.27 -6.56
N ALA A 8 -1.43 -3.57 -6.62
CA ALA A 8 -2.22 -4.40 -7.52
C ALA A 8 -3.17 -5.31 -6.76
N GLY A 9 -4.45 -5.18 -7.08
CA GLY A 9 -5.46 -6.00 -6.43
C GLY A 9 -5.52 -7.39 -7.03
N GLN A 10 -6.27 -8.28 -6.39
CA GLN A 10 -6.40 -9.66 -6.86
C GLN A 10 -7.26 -9.74 -8.11
N ASP A 11 -7.96 -8.66 -8.42
CA ASP A 11 -8.83 -8.60 -9.58
C ASP A 11 -8.10 -8.00 -10.78
N GLY A 12 -6.93 -7.45 -10.53
CA GLY A 12 -6.14 -6.86 -11.60
C GLY A 12 -6.12 -5.35 -11.57
N SER A 13 -6.90 -4.77 -10.66
CA SER A 13 -6.95 -3.32 -10.55
C SER A 13 -5.63 -2.80 -10.00
N VAL A 14 -5.19 -1.64 -10.49
CA VAL A 14 -3.92 -1.06 -10.04
C VAL A 14 -4.14 0.38 -9.58
N VAL A 15 -3.63 0.68 -8.40
CA VAL A 15 -3.74 2.03 -7.84
C VAL A 15 -2.36 2.65 -7.70
N GLN A 16 -2.18 3.81 -8.32
CA GLN A 16 -0.92 4.54 -8.26
C GLN A 16 -0.87 5.33 -6.96
N PHE A 17 0.08 4.96 -6.09
CA PHE A 17 0.22 5.60 -4.80
C PHE A 17 1.23 6.76 -4.85
N LYS A 18 0.73 7.97 -4.78
CA LYS A 18 1.57 9.15 -4.78
C LYS A 18 1.80 9.59 -3.34
N ILE A 19 2.98 9.27 -2.81
CA ILE A 19 3.32 9.60 -1.43
C ILE A 19 4.74 10.17 -1.34
N LYS A 20 5.12 10.66 -0.17
CA LYS A 20 6.46 11.18 0.03
C LYS A 20 7.36 10.09 0.60
N ARG A 21 8.66 10.24 0.46
CA ARG A 21 9.61 9.24 0.94
C ARG A 21 9.69 9.22 2.47
N HIS A 22 9.04 10.18 3.12
CA HIS A 22 9.05 10.26 4.58
C HIS A 22 7.73 9.71 5.15
N THR A 23 6.80 9.39 4.26
CA THR A 23 5.48 8.90 4.66
C THR A 23 5.53 7.41 5.04
N PRO A 24 5.16 7.09 6.30
CA PRO A 24 5.16 5.70 6.79
C PRO A 24 4.18 4.83 5.99
N LEU A 25 4.47 3.54 5.89
CA LEU A 25 3.64 2.61 5.13
C LEU A 25 2.30 2.33 5.81
N SER A 26 2.14 2.79 7.04
CA SER A 26 0.88 2.59 7.77
C SER A 26 -0.24 3.33 7.06
N LYS A 27 0.11 4.48 6.51
CA LYS A 27 -0.83 5.31 5.79
C LYS A 27 -1.34 4.59 4.55
N LEU A 28 -0.41 3.95 3.83
CA LEU A 28 -0.73 3.20 2.62
C LEU A 28 -1.76 2.11 2.90
N MET A 29 -1.57 1.41 4.01
CA MET A 29 -2.45 0.32 4.40
C MET A 29 -3.86 0.82 4.74
N LYS A 30 -3.94 1.95 5.44
CA LYS A 30 -5.24 2.49 5.85
C LYS A 30 -5.92 3.29 4.74
N ALA A 31 -5.15 4.10 4.01
CA ALA A 31 -5.70 4.94 2.95
C ALA A 31 -6.38 4.12 1.87
N TYR A 32 -5.72 3.06 1.41
CA TYR A 32 -6.27 2.20 0.38
C TYR A 32 -7.41 1.36 0.94
N CYS A 33 -7.36 1.07 2.23
CA CYS A 33 -8.40 0.29 2.89
C CYS A 33 -9.73 1.03 2.80
N GLU A 34 -9.66 2.36 2.92
CA GLU A 34 -10.84 3.21 2.85
C GLU A 34 -11.41 3.21 1.43
N ARG A 35 -10.53 3.07 0.44
CA ARG A 35 -10.93 3.05 -0.96
C ARG A 35 -11.73 1.80 -1.28
N GLN A 36 -11.49 0.74 -0.51
CA GLN A 36 -12.18 -0.52 -0.70
C GLN A 36 -13.36 -0.64 0.26
N GLY A 37 -13.31 0.15 1.31
CA GLY A 37 -14.38 0.15 2.31
C GLY A 37 -14.40 -1.14 3.10
N LEU A 38 -13.22 -1.56 3.55
CA LEU A 38 -13.10 -2.80 4.32
C LEU A 38 -12.27 -2.57 5.58
N SER A 39 -12.09 -3.62 6.36
CA SER A 39 -11.31 -3.53 7.59
C SER A 39 -9.86 -3.90 7.32
N MET A 40 -8.96 -3.23 8.04
CA MET A 40 -7.53 -3.46 7.91
C MET A 40 -7.16 -4.84 8.46
N ARG A 41 -8.08 -5.43 9.23
CA ARG A 41 -7.87 -6.73 9.81
C ARG A 41 -8.42 -7.83 8.89
N GLN A 42 -8.93 -7.42 7.74
CA GLN A 42 -9.49 -8.36 6.78
C GLN A 42 -8.56 -8.51 5.57
N ILE A 43 -7.84 -7.44 5.26
CA ILE A 43 -6.93 -7.46 4.13
C ILE A 43 -5.48 -7.42 4.60
N ARG A 44 -4.65 -8.23 3.97
CA ARG A 44 -3.24 -8.29 4.33
C ARG A 44 -2.38 -7.83 3.15
N PHE A 45 -1.28 -7.16 3.45
CA PHE A 45 -0.40 -6.66 2.41
C PHE A 45 0.99 -7.28 2.52
N ARG A 46 1.59 -7.61 1.39
CA ARG A 46 2.91 -8.22 1.37
C ARG A 46 3.86 -7.50 0.43
N PHE A 47 5.12 -7.46 0.82
CA PHE A 47 6.17 -6.83 0.04
C PHE A 47 7.44 -7.65 0.17
N ASP A 48 8.11 -7.89 -0.95
CA ASP A 48 9.35 -8.68 -0.98
C ASP A 48 9.10 -10.10 -0.46
N GLY A 49 7.86 -10.57 -0.60
CA GLY A 49 7.49 -11.89 -0.14
C GLY A 49 7.28 -11.96 1.35
N GLN A 50 7.27 -10.81 2.02
CA GLN A 50 7.08 -10.77 3.46
C GLN A 50 5.91 -9.87 3.83
N PRO A 51 5.21 -10.17 4.94
CA PRO A 51 4.08 -9.37 5.41
C PRO A 51 4.53 -7.99 5.90
N ILE A 52 3.80 -6.96 5.53
CA ILE A 52 4.14 -5.59 5.92
C ILE A 52 3.57 -5.27 7.30
N ASN A 53 4.42 -4.76 8.17
CA ASN A 53 4.00 -4.39 9.51
C ASN A 53 3.49 -2.96 9.51
N GLU A 54 2.79 -2.56 10.55
CA GLU A 54 2.24 -1.21 10.63
C GLU A 54 3.30 -0.19 11.04
N THR A 55 4.49 -0.68 11.37
CA THR A 55 5.58 0.21 11.76
C THR A 55 6.68 0.21 10.70
N ASP A 56 6.36 -0.37 9.54
CA ASP A 56 7.31 -0.43 8.43
C ASP A 56 7.30 0.86 7.64
N THR A 57 8.47 1.28 7.19
CA THR A 57 8.60 2.50 6.42
C THR A 57 9.24 2.19 5.05
N PRO A 58 8.92 2.99 4.01
CA PRO A 58 9.47 2.80 2.67
C PRO A 58 11.00 2.74 2.66
N ALA A 59 11.62 3.67 3.37
CA ALA A 59 13.07 3.73 3.43
C ALA A 59 13.64 2.61 4.28
N GLN A 60 12.79 2.00 5.10
CA GLN A 60 13.22 0.91 5.97
C GLN A 60 13.21 -0.42 5.21
N LEU A 61 12.27 -0.57 4.30
CA LEU A 61 12.16 -1.79 3.51
C LEU A 61 12.94 -1.67 2.21
N GLU A 62 13.73 -0.60 2.10
CA GLU A 62 14.54 -0.34 0.91
C GLU A 62 13.66 -0.31 -0.34
N MET A 63 12.57 0.45 -0.26
CA MET A 63 11.65 0.58 -1.38
C MET A 63 12.14 1.61 -2.38
N GLU A 64 11.74 1.44 -3.62
CA GLU A 64 12.12 2.33 -4.70
C GLU A 64 10.99 2.49 -5.70
N ASP A 65 11.30 2.94 -6.90
CA ASP A 65 10.30 3.11 -7.95
C ASP A 65 9.88 1.75 -8.51
N GLU A 66 8.69 1.72 -9.09
CA GLU A 66 8.13 0.51 -9.69
C GLU A 66 7.94 -0.61 -8.67
N ASP A 67 7.77 -0.24 -7.41
CA ASP A 67 7.56 -1.22 -6.36
C ASP A 67 6.08 -1.53 -6.23
N THR A 68 5.75 -2.81 -6.29
CA THR A 68 4.36 -3.24 -6.21
C THR A 68 4.08 -4.07 -4.96
N ILE A 69 3.06 -3.66 -4.22
CA ILE A 69 2.67 -4.36 -3.01
C ILE A 69 1.53 -5.33 -3.31
N ASP A 70 1.67 -6.56 -2.84
CA ASP A 70 0.66 -7.60 -3.06
C ASP A 70 -0.43 -7.51 -2.01
N VAL A 71 -1.67 -7.68 -2.44
CA VAL A 71 -2.81 -7.62 -1.54
C VAL A 71 -3.45 -8.99 -1.38
N PHE A 72 -3.72 -9.39 -0.15
CA PHE A 72 -4.33 -10.67 0.15
C PHE A 72 -5.50 -10.46 1.11
N GLN A 73 -6.33 -11.49 1.28
CA GLN A 73 -7.46 -11.39 2.19
C GLN A 73 -7.41 -12.48 3.24
N GLN A 74 -7.91 -12.18 4.43
CA GLN A 74 -7.94 -13.12 5.54
C GLN A 74 -8.94 -14.23 5.28
N GLN A 75 -8.72 -15.39 5.90
CA GLN A 75 -9.60 -16.53 5.73
C GLN A 75 -10.91 -16.30 6.47
N THR A 76 -12.00 -16.73 5.86
CA THR A 76 -13.33 -16.57 6.45
C THR A 76 -13.52 -17.54 7.62
N GLY A 77 -12.82 -18.66 7.56
CA GLY A 77 -12.92 -19.66 8.61
C GLY A 77 -11.95 -20.79 8.39
N ASP B 1 -9.65 0.68 -19.17
CA ASP B 1 -9.38 -0.33 -18.16
C ASP B 1 -9.61 0.27 -16.77
N THR B 2 -8.88 -0.19 -15.78
CA THR B 2 -9.05 0.37 -14.45
C THR B 2 -7.75 1.01 -13.98
N ALA B 3 -7.86 2.31 -13.68
CA ALA B 3 -6.75 3.08 -13.17
C ALA B 3 -7.17 3.78 -11.91
N GLY B 4 -6.42 3.62 -10.85
CA GLY B 4 -6.75 4.27 -9.61
C GLY B 4 -5.63 5.14 -9.15
N CYS B 5 -5.92 6.38 -8.79
CA CYS B 5 -4.88 7.26 -8.31
C CYS B 5 -5.18 7.66 -6.87
N ILE B 6 -4.24 7.37 -5.99
CA ILE B 6 -4.38 7.68 -4.60
C ILE B 6 -3.20 8.53 -4.13
N VAL B 7 -3.46 9.65 -3.50
CA VAL B 7 -2.38 10.50 -3.02
C VAL B 7 -2.51 10.72 -1.52
N ILE B 8 -1.44 10.48 -0.79
CA ILE B 8 -1.45 10.68 0.64
C ILE B 8 -0.35 11.65 1.04
N SEP B 9 -0.71 12.62 1.84
CA SEP B 9 0.23 13.61 2.31
CB SEP B 9 -0.20 15.03 1.90
OG SEP B 9 0.38 15.41 0.65
C SEP B 9 0.35 13.50 3.81
O SEP B 9 -0.65 13.35 4.52
P SEP B 9 1.84 16.05 0.60
O1P SEP B 9 2.27 16.69 1.85
O2P SEP B 9 2.10 16.87 -0.60
O3P SEP B 9 2.83 14.81 0.43
H SEP B 9 -1.64 12.68 2.13
HA SEP B 9 1.18 13.40 1.86
HB2 SEP B 9 0.12 15.73 2.65
HB3 SEP B 9 -1.28 15.08 1.80
N ASP B 10 1.58 13.52 4.29
CA ASP B 10 1.85 13.39 5.71
C ASP B 10 2.45 14.68 6.24
N SEP B 11 1.93 15.15 7.36
CA SEP B 11 2.39 16.39 7.94
CB SEP B 11 1.20 17.35 8.13
OG SEP B 11 0.08 16.67 8.67
C SEP B 11 3.07 16.12 9.27
O SEP B 11 2.54 15.42 10.15
P SEP B 11 -1.17 16.26 7.74
O1P SEP B 11 -2.46 16.15 8.44
O2P SEP B 11 -1.25 17.02 6.47
O3P SEP B 11 -0.85 14.75 7.29
H SEP B 11 1.18 14.68 7.78
HA SEP B 11 3.11 16.84 7.26
HB2 SEP B 11 0.94 17.77 7.18
HB3 SEP B 11 1.49 18.14 8.81
N GLU B 12 4.29 16.64 9.40
CA GLU B 12 5.08 16.46 10.60
C GLU B 12 4.76 17.54 11.63
N ASP A 1 11.56 14.48 -3.93
CA ASP A 1 10.45 14.11 -4.80
C ASP A 1 9.59 13.04 -4.15
N HIS A 2 8.62 12.52 -4.88
CA HIS A 2 7.72 11.49 -4.37
C HIS A 2 8.05 10.14 -4.99
N ILE A 3 7.65 9.08 -4.33
CA ILE A 3 7.88 7.73 -4.82
C ILE A 3 6.55 7.14 -5.31
N ASN A 4 6.58 6.48 -6.46
CA ASN A 4 5.36 5.90 -7.02
C ASN A 4 5.28 4.42 -6.70
N LEU A 5 4.37 4.05 -5.81
CA LEU A 5 4.19 2.66 -5.43
C LEU A 5 2.98 2.07 -6.15
N LYS A 6 3.16 0.88 -6.71
CA LYS A 6 2.09 0.21 -7.44
C LYS A 6 1.38 -0.83 -6.58
N VAL A 7 0.12 -0.59 -6.30
CA VAL A 7 -0.68 -1.52 -5.52
C VAL A 7 -1.51 -2.36 -6.46
N ALA A 8 -1.22 -3.65 -6.53
CA ALA A 8 -1.94 -4.55 -7.43
C ALA A 8 -2.92 -5.44 -6.67
N GLY A 9 -4.19 -5.34 -7.04
CA GLY A 9 -5.21 -6.15 -6.41
C GLY A 9 -5.39 -7.47 -7.12
N GLN A 10 -6.14 -8.38 -6.51
CA GLN A 10 -6.38 -9.69 -7.09
C GLN A 10 -7.45 -9.64 -8.16
N ASP A 11 -8.06 -8.47 -8.32
CA ASP A 11 -9.11 -8.27 -9.32
C ASP A 11 -8.54 -7.68 -10.61
N GLY A 12 -7.31 -7.17 -10.52
CA GLY A 12 -6.67 -6.60 -11.70
C GLY A 12 -6.55 -5.09 -11.63
N SER A 13 -7.14 -4.47 -10.63
CA SER A 13 -7.07 -3.01 -10.50
C SER A 13 -5.73 -2.61 -9.87
N VAL A 14 -5.10 -1.59 -10.43
CA VAL A 14 -3.82 -1.13 -9.92
C VAL A 14 -3.95 0.30 -9.38
N VAL A 15 -3.36 0.53 -8.22
CA VAL A 15 -3.41 1.84 -7.59
C VAL A 15 -2.01 2.46 -7.50
N GLN A 16 -1.89 3.69 -8.00
CA GLN A 16 -0.63 4.41 -7.97
C GLN A 16 -0.55 5.25 -6.70
N PHE A 17 0.23 4.78 -5.75
CA PHE A 17 0.39 5.47 -4.48
C PHE A 17 1.52 6.48 -4.54
N LYS A 18 1.18 7.74 -4.39
CA LYS A 18 2.15 8.82 -4.41
C LYS A 18 2.44 9.25 -2.97
N ILE A 19 3.55 8.77 -2.44
CA ILE A 19 3.93 9.08 -1.06
C ILE A 19 5.43 9.40 -0.99
N LYS A 20 5.90 9.89 0.14
CA LYS A 20 7.33 10.20 0.30
C LYS A 20 8.02 9.07 1.06
N ARG A 21 9.35 9.00 0.95
CA ARG A 21 10.11 7.94 1.62
C ARG A 21 10.00 8.02 3.14
N HIS A 22 9.73 9.22 3.66
CA HIS A 22 9.59 9.41 5.10
C HIS A 22 8.14 9.21 5.55
N THR A 23 7.29 8.85 4.61
CA THR A 23 5.88 8.64 4.89
C THR A 23 5.58 7.19 5.21
N PRO A 24 5.11 6.91 6.44
CA PRO A 24 4.79 5.54 6.89
C PRO A 24 3.81 4.83 5.96
N LEU A 25 4.06 3.54 5.75
CA LEU A 25 3.21 2.72 4.88
C LEU A 25 1.89 2.39 5.57
N SER A 26 1.78 2.79 6.83
CA SER A 26 0.58 2.55 7.60
C SER A 26 -0.60 3.28 6.98
N LYS A 27 -0.38 4.50 6.50
CA LYS A 27 -1.42 5.28 5.86
C LYS A 27 -1.81 4.62 4.55
N LEU A 28 -0.82 4.03 3.89
CA LEU A 28 -1.01 3.35 2.62
C LEU A 28 -2.00 2.19 2.77
N MET A 29 -1.83 1.43 3.84
CA MET A 29 -2.70 0.29 4.11
C MET A 29 -4.11 0.76 4.49
N LYS A 30 -4.18 1.77 5.35
CA LYS A 30 -5.46 2.31 5.82
C LYS A 30 -6.23 2.98 4.68
N ALA A 31 -5.57 3.89 3.97
CA ALA A 31 -6.21 4.63 2.87
C ALA A 31 -6.82 3.70 1.83
N TYR A 32 -6.06 2.71 1.40
CA TYR A 32 -6.54 1.76 0.41
C TYR A 32 -7.75 0.99 0.95
N CYS A 33 -7.66 0.55 2.20
CA CYS A 33 -8.76 -0.20 2.82
C CYS A 33 -10.00 0.67 2.93
N GLU A 34 -9.82 1.95 3.22
CA GLU A 34 -10.92 2.89 3.34
C GLU A 34 -11.64 3.06 2.01
N ARG A 35 -10.87 3.07 0.93
CA ARG A 35 -11.44 3.21 -0.40
C ARG A 35 -12.22 1.96 -0.79
N GLN A 36 -11.75 0.81 -0.33
CA GLN A 36 -12.42 -0.46 -0.62
C GLN A 36 -13.66 -0.60 0.27
N GLY A 37 -13.56 -0.07 1.47
CA GLY A 37 -14.68 -0.12 2.41
C GLY A 37 -14.53 -1.23 3.43
N LEU A 38 -13.34 -1.82 3.50
CA LEU A 38 -13.10 -2.91 4.44
C LEU A 38 -12.08 -2.51 5.49
N SER A 39 -12.04 -3.25 6.58
CA SER A 39 -11.11 -2.99 7.66
C SER A 39 -9.71 -3.49 7.30
N MET A 40 -8.69 -2.90 7.93
CA MET A 40 -7.31 -3.27 7.67
C MET A 40 -7.01 -4.66 8.25
N ARG A 41 -7.94 -5.18 9.04
CA ARG A 41 -7.78 -6.50 9.63
C ARG A 41 -8.35 -7.57 8.69
N GLN A 42 -9.00 -7.12 7.63
CA GLN A 42 -9.59 -8.03 6.66
C GLN A 42 -8.70 -8.16 5.44
N ILE A 43 -8.04 -7.07 5.07
CA ILE A 43 -7.15 -7.06 3.93
C ILE A 43 -5.71 -7.20 4.38
N ARG A 44 -4.99 -8.14 3.78
CA ARG A 44 -3.60 -8.39 4.13
C ARG A 44 -2.68 -7.86 3.04
N PHE A 45 -1.56 -7.29 3.44
CA PHE A 45 -0.62 -6.73 2.49
C PHE A 45 0.76 -7.35 2.66
N ARG A 46 1.37 -7.74 1.55
CA ARG A 46 2.69 -8.34 1.58
C ARG A 46 3.59 -7.64 0.55
N PHE A 47 4.85 -7.45 0.91
CA PHE A 47 5.79 -6.79 0.03
C PHE A 47 7.15 -7.48 0.08
N ASP A 48 7.69 -7.79 -1.09
CA ASP A 48 8.99 -8.44 -1.21
C ASP A 48 8.92 -9.89 -0.71
N GLY A 49 7.69 -10.36 -0.45
CA GLY A 49 7.49 -11.70 0.03
C GLY A 49 7.04 -11.74 1.47
N GLN A 50 7.45 -10.75 2.26
CA GLN A 50 7.09 -10.70 3.67
C GLN A 50 5.99 -9.68 3.92
N PRO A 51 5.20 -9.86 5.00
CA PRO A 51 4.10 -8.96 5.35
C PRO A 51 4.62 -7.60 5.83
N ILE A 52 3.79 -6.58 5.70
CA ILE A 52 4.15 -5.23 6.11
C ILE A 52 3.68 -4.94 7.53
N ASN A 53 4.53 -4.28 8.30
CA ASN A 53 4.20 -3.92 9.67
C ASN A 53 3.54 -2.55 9.70
N GLU A 54 3.05 -2.14 10.87
CA GLU A 54 2.38 -0.84 10.99
C GLU A 54 3.39 0.27 11.19
N THR A 55 4.64 -0.09 11.40
CA THR A 55 5.70 0.88 11.61
C THR A 55 6.77 0.79 10.52
N ASP A 56 6.34 0.40 9.33
CA ASP A 56 7.26 0.26 8.20
C ASP A 56 7.20 1.48 7.29
N THR A 57 8.36 1.96 6.88
CA THR A 57 8.47 3.09 5.98
C THR A 57 9.17 2.66 4.69
N PRO A 58 8.97 3.39 3.58
CA PRO A 58 9.60 3.07 2.30
C PRO A 58 11.12 3.12 2.40
N ALA A 59 11.61 3.95 3.31
CA ALA A 59 13.05 4.09 3.54
C ALA A 59 13.56 2.98 4.43
N GLN A 60 12.66 2.39 5.21
CA GLN A 60 13.01 1.30 6.12
C GLN A 60 13.19 0.01 5.33
N LEU A 61 12.24 -0.28 4.46
CA LEU A 61 12.29 -1.48 3.66
C LEU A 61 13.08 -1.23 2.37
N GLU A 62 13.51 0.01 2.20
CA GLU A 62 14.28 0.42 1.03
C GLU A 62 13.55 0.06 -0.25
N MET A 63 12.37 0.64 -0.43
CA MET A 63 11.55 0.39 -1.59
C MET A 63 12.02 1.23 -2.77
N GLU A 64 11.77 0.75 -3.98
CA GLU A 64 12.17 1.45 -5.18
C GLU A 64 10.96 2.05 -5.88
N ASP A 65 11.21 2.93 -6.82
CA ASP A 65 10.14 3.55 -7.59
C ASP A 65 9.48 2.50 -8.46
N GLU A 66 8.16 2.58 -8.56
CA GLU A 66 7.36 1.66 -9.36
C GLU A 66 7.32 0.26 -8.73
N ASP A 67 7.68 0.16 -7.45
CA ASP A 67 7.66 -1.12 -6.75
C ASP A 67 6.23 -1.60 -6.63
N THR A 68 6.03 -2.90 -6.64
CA THR A 68 4.68 -3.46 -6.57
C THR A 68 4.39 -4.13 -5.22
N ILE A 69 3.24 -3.77 -4.65
CA ILE A 69 2.80 -4.33 -3.38
C ILE A 69 1.69 -5.35 -3.63
N ASP A 70 1.73 -6.47 -2.92
CA ASP A 70 0.76 -7.52 -3.09
C ASP A 70 -0.39 -7.39 -2.10
N VAL A 71 -1.62 -7.48 -2.61
CA VAL A 71 -2.80 -7.37 -1.78
C VAL A 71 -3.49 -8.73 -1.66
N PHE A 72 -3.71 -9.17 -0.43
CA PHE A 72 -4.36 -10.46 -0.19
C PHE A 72 -5.55 -10.29 0.74
N GLN A 73 -6.38 -11.31 0.81
CA GLN A 73 -7.55 -11.28 1.68
C GLN A 73 -7.39 -12.26 2.83
N GLN A 74 -7.78 -11.84 4.02
CA GLN A 74 -7.68 -12.70 5.20
C GLN A 74 -8.63 -13.89 5.06
N GLN A 75 -8.22 -15.02 5.59
CA GLN A 75 -9.03 -16.24 5.53
C GLN A 75 -10.28 -16.07 6.38
N THR A 76 -11.38 -16.61 5.91
CA THR A 76 -12.64 -16.53 6.62
C THR A 76 -12.72 -17.63 7.67
N GLY A 77 -12.37 -18.84 7.26
CA GLY A 77 -12.40 -19.98 8.15
C GLY A 77 -12.90 -21.22 7.46
N ASP B 1 -8.72 0.47 -18.77
CA ASP B 1 -8.95 -0.45 -17.66
C ASP B 1 -9.38 0.32 -16.42
N THR B 2 -8.97 -0.16 -15.25
CA THR B 2 -9.30 0.53 -14.02
C THR B 2 -8.03 1.00 -13.33
N ALA B 3 -7.96 2.31 -13.08
CA ALA B 3 -6.81 2.93 -12.44
C ALA B 3 -7.21 3.72 -11.21
N GLY B 4 -6.51 3.51 -10.13
CA GLY B 4 -6.78 4.24 -8.92
C GLY B 4 -5.54 5.00 -8.47
N CYS B 5 -5.66 6.28 -8.15
CA CYS B 5 -4.51 7.05 -7.70
C CYS B 5 -4.73 7.57 -6.30
N ILE B 6 -3.82 7.25 -5.39
CA ILE B 6 -3.91 7.71 -4.01
C ILE B 6 -2.62 8.44 -3.60
N VAL B 7 -2.75 9.61 -3.03
CA VAL B 7 -1.59 10.35 -2.55
C VAL B 7 -1.73 10.61 -1.06
N ILE B 8 -0.72 10.26 -0.28
CA ILE B 8 -0.78 10.47 1.15
C ILE B 8 0.36 11.38 1.59
N SEP B 9 0.03 12.39 2.36
CA SEP B 9 1.03 13.33 2.83
CB SEP B 9 0.72 14.75 2.34
OG SEP B 9 0.79 14.83 0.93
C SEP B 9 1.12 13.32 4.35
O SEP B 9 0.10 13.44 5.05
P SEP B 9 1.95 15.68 0.25
O1P SEP B 9 2.75 16.49 1.20
O2P SEP B 9 1.53 16.43 -0.95
O3P SEP B 9 2.99 14.61 -0.29
H SEP B 9 -0.90 12.54 2.62
HA SEP B 9 1.98 13.03 2.43
HB2 SEP B 9 1.43 15.43 2.77
HB3 SEP B 9 -0.28 15.02 2.65
N ASP B 10 2.32 13.14 4.85
CA ASP B 10 2.55 13.12 6.29
C ASP B 10 3.55 14.20 6.64
N SEP B 11 3.23 15.03 7.60
CA SEP B 11 4.14 16.08 8.01
CB SEP B 11 3.54 17.46 7.70
OG SEP B 11 2.12 17.47 7.86
C SEP B 11 4.48 15.93 9.48
O SEP B 11 3.59 15.87 10.34
P SEP B 11 1.16 17.55 6.58
O1P SEP B 11 0.25 18.72 6.62
O2P SEP B 11 1.83 17.36 5.28
O3P SEP B 11 0.19 16.29 6.73
H SEP B 11 2.35 14.96 8.04
HA SEP B 11 5.05 15.96 7.43
HB2 SEP B 11 3.78 17.74 6.69
HB3 SEP B 11 3.96 18.18 8.38
N GLU B 12 5.77 15.87 9.78
CA GLU B 12 6.23 15.71 11.14
C GLU B 12 7.41 16.63 11.41
N ASP A 1 12.13 13.15 -2.50
CA ASP A 1 11.14 13.16 -3.56
C ASP A 1 10.02 12.17 -3.26
N HIS A 2 8.94 12.26 -4.02
CA HIS A 2 7.80 11.37 -3.84
C HIS A 2 8.07 10.04 -4.53
N ILE A 3 7.65 8.96 -3.91
CA ILE A 3 7.83 7.63 -4.46
C ILE A 3 6.46 7.09 -4.90
N ASN A 4 6.39 6.63 -6.13
CA ASN A 4 5.14 6.12 -6.67
C ASN A 4 5.11 4.59 -6.61
N LEU A 5 4.33 4.08 -5.67
CA LEU A 5 4.19 2.65 -5.49
C LEU A 5 2.97 2.15 -6.25
N LYS A 6 2.96 0.86 -6.60
CA LYS A 6 1.84 0.29 -7.33
C LYS A 6 1.18 -0.82 -6.53
N VAL A 7 -0.10 -0.66 -6.27
CA VAL A 7 -0.87 -1.65 -5.54
C VAL A 7 -1.47 -2.64 -6.54
N ALA A 8 -1.27 -3.93 -6.31
CA ALA A 8 -1.78 -4.95 -7.19
C ALA A 8 -3.00 -5.65 -6.59
N GLY A 9 -4.16 -5.40 -7.18
CA GLY A 9 -5.39 -6.00 -6.71
C GLY A 9 -5.60 -7.41 -7.26
N GLN A 10 -6.45 -8.17 -6.60
CA GLN A 10 -6.73 -9.55 -7.01
C GLN A 10 -7.65 -9.59 -8.23
N ASP A 11 -8.10 -8.42 -8.65
CA ASP A 11 -8.99 -8.31 -9.80
C ASP A 11 -8.25 -7.71 -10.99
N GLY A 12 -6.94 -7.57 -10.84
CA GLY A 12 -6.12 -7.02 -11.91
C GLY A 12 -6.02 -5.51 -11.88
N SER A 13 -6.66 -4.89 -10.91
CA SER A 13 -6.64 -3.42 -10.79
C SER A 13 -5.26 -2.95 -10.30
N VAL A 14 -4.93 -1.70 -10.60
CA VAL A 14 -3.66 -1.13 -10.18
C VAL A 14 -3.88 0.27 -9.60
N VAL A 15 -3.27 0.52 -8.46
CA VAL A 15 -3.40 1.82 -7.81
C VAL A 15 -2.03 2.45 -7.61
N GLN A 16 -1.88 3.67 -8.11
CA GLN A 16 -0.64 4.42 -8.01
C GLN A 16 -0.64 5.20 -6.69
N PHE A 17 0.22 4.79 -5.78
CA PHE A 17 0.31 5.43 -4.48
C PHE A 17 1.47 6.43 -4.45
N LYS A 18 1.13 7.70 -4.50
CA LYS A 18 2.11 8.76 -4.46
C LYS A 18 2.35 9.15 -3.00
N ILE A 19 3.43 8.65 -2.42
CA ILE A 19 3.76 8.93 -1.03
C ILE A 19 5.23 9.31 -0.92
N LYS A 20 5.64 9.89 0.20
CA LYS A 20 7.03 10.27 0.39
C LYS A 20 7.80 9.13 1.04
N ARG A 21 9.11 9.12 0.90
CA ARG A 21 9.94 8.06 1.46
C ARG A 21 9.94 8.09 2.98
N HIS A 22 9.61 9.25 3.55
CA HIS A 22 9.56 9.39 5.00
C HIS A 22 8.15 9.15 5.52
N THR A 23 7.21 8.95 4.60
CA THR A 23 5.82 8.72 4.95
C THR A 23 5.58 7.26 5.36
N PRO A 24 5.07 7.04 6.57
CA PRO A 24 4.78 5.69 7.07
C PRO A 24 3.81 4.93 6.17
N LEU A 25 4.09 3.65 5.94
CA LEU A 25 3.24 2.82 5.08
C LEU A 25 1.93 2.49 5.79
N SER A 26 1.82 2.89 7.04
CA SER A 26 0.63 2.65 7.83
C SER A 26 -0.60 3.27 7.16
N LYS A 27 -0.44 4.49 6.62
CA LYS A 27 -1.54 5.17 5.94
C LYS A 27 -1.88 4.43 4.65
N LEU A 28 -0.86 3.90 4.01
CA LEU A 28 -1.00 3.17 2.76
C LEU A 28 -1.88 1.94 2.92
N MET A 29 -1.82 1.33 4.10
CA MET A 29 -2.61 0.14 4.38
C MET A 29 -4.01 0.48 4.88
N LYS A 30 -4.30 1.78 5.01
CA LYS A 30 -5.61 2.20 5.50
C LYS A 30 -6.36 3.05 4.46
N ALA A 31 -5.62 3.90 3.75
CA ALA A 31 -6.21 4.78 2.74
C ALA A 31 -6.97 3.98 1.67
N TYR A 32 -6.33 2.94 1.15
CA TYR A 32 -6.95 2.12 0.12
C TYR A 32 -8.12 1.34 0.71
N CYS A 33 -7.97 0.90 1.95
CA CYS A 33 -9.01 0.16 2.65
C CYS A 33 -10.27 1.01 2.79
N GLU A 34 -10.06 2.30 3.01
CA GLU A 34 -11.16 3.24 3.17
C GLU A 34 -11.95 3.37 1.87
N ARG A 35 -11.26 3.28 0.74
CA ARG A 35 -11.92 3.38 -0.56
C ARG A 35 -12.63 2.07 -0.89
N GLN A 36 -12.06 0.96 -0.45
CA GLN A 36 -12.64 -0.35 -0.71
C GLN A 36 -13.80 -0.61 0.25
N GLY A 37 -13.76 0.04 1.40
CA GLY A 37 -14.79 -0.14 2.40
C GLY A 37 -14.55 -1.39 3.21
N LEU A 38 -13.30 -1.69 3.43
CA LEU A 38 -12.91 -2.88 4.18
C LEU A 38 -12.10 -2.50 5.42
N SER A 39 -11.83 -3.49 6.25
CA SER A 39 -11.05 -3.27 7.46
C SER A 39 -9.60 -3.65 7.19
N MET A 40 -8.67 -2.93 7.80
CA MET A 40 -7.24 -3.20 7.62
C MET A 40 -6.90 -4.60 8.13
N ARG A 41 -7.67 -5.08 9.10
CA ARG A 41 -7.45 -6.40 9.67
C ARG A 41 -8.11 -7.49 8.83
N GLN A 42 -8.88 -7.08 7.82
CA GLN A 42 -9.58 -8.01 6.95
C GLN A 42 -8.67 -8.44 5.79
N ILE A 43 -7.66 -7.65 5.50
CA ILE A 43 -6.74 -7.97 4.42
C ILE A 43 -5.30 -8.02 4.93
N ARG A 44 -4.38 -8.40 4.06
CA ARG A 44 -2.97 -8.49 4.41
C ARG A 44 -2.12 -7.89 3.30
N PHE A 45 -1.09 -7.14 3.70
CA PHE A 45 -0.19 -6.50 2.76
C PHE A 45 1.17 -7.19 2.77
N ARG A 46 1.64 -7.57 1.59
CA ARG A 46 2.93 -8.25 1.48
C ARG A 46 3.82 -7.55 0.45
N PHE A 47 5.09 -7.41 0.79
CA PHE A 47 6.08 -6.79 -0.09
C PHE A 47 7.31 -7.66 -0.14
N ASP A 48 7.77 -7.99 -1.35
CA ASP A 48 8.95 -8.84 -1.54
C ASP A 48 8.68 -10.24 -0.98
N GLY A 49 7.41 -10.54 -0.76
CA GLY A 49 7.03 -11.84 -0.23
C GLY A 49 6.86 -11.81 1.29
N GLN A 50 7.27 -10.71 1.92
CA GLN A 50 7.17 -10.57 3.36
C GLN A 50 6.04 -9.61 3.75
N PRO A 51 5.27 -9.95 4.79
CA PRO A 51 4.18 -9.10 5.27
C PRO A 51 4.68 -7.76 5.83
N ILE A 52 4.05 -6.68 5.39
CA ILE A 52 4.44 -5.34 5.83
C ILE A 52 3.84 -5.05 7.21
N ASN A 53 4.65 -4.48 8.09
CA ASN A 53 4.20 -4.13 9.43
C ASN A 53 3.61 -2.72 9.43
N GLU A 54 3.03 -2.33 10.56
CA GLU A 54 2.41 -1.02 10.69
C GLU A 54 3.42 0.04 11.14
N THR A 55 4.67 -0.36 11.28
CA THR A 55 5.72 0.56 11.71
C THR A 55 6.90 0.57 10.75
N ASP A 56 6.63 0.72 9.46
CA ASP A 56 7.69 0.74 8.45
C ASP A 56 7.45 1.79 7.39
N THR A 57 8.53 2.33 6.85
CA THR A 57 8.47 3.34 5.80
C THR A 57 9.10 2.80 4.52
N PRO A 58 8.86 3.45 3.36
CA PRO A 58 9.44 3.03 2.08
C PRO A 58 10.96 3.04 2.12
N ALA A 59 11.50 3.97 2.89
CA ALA A 59 12.94 4.10 3.03
C ALA A 59 13.50 3.01 3.94
N GLN A 60 12.73 2.68 4.98
CA GLN A 60 13.13 1.65 5.93
C GLN A 60 13.23 0.27 5.26
N LEU A 61 12.31 0.01 4.33
CA LEU A 61 12.30 -1.26 3.63
C LEU A 61 13.08 -1.19 2.32
N GLU A 62 13.76 -0.06 2.08
CA GLU A 62 14.55 0.15 0.87
C GLU A 62 13.70 -0.10 -0.38
N MET A 63 12.56 0.56 -0.46
CA MET A 63 11.65 0.40 -1.59
C MET A 63 12.00 1.38 -2.70
N GLU A 64 11.83 0.96 -3.94
CA GLU A 64 12.14 1.81 -5.08
C GLU A 64 10.86 2.32 -5.74
N ASP A 65 11.01 3.17 -6.74
CA ASP A 65 9.87 3.73 -7.46
C ASP A 65 9.25 2.68 -8.38
N GLU A 66 7.93 2.75 -8.51
CA GLU A 66 7.16 1.84 -9.36
C GLU A 66 7.21 0.40 -8.82
N ASP A 67 7.41 0.28 -7.51
CA ASP A 67 7.45 -1.03 -6.89
C ASP A 67 6.04 -1.52 -6.60
N THR A 68 5.78 -2.78 -6.93
CA THR A 68 4.47 -3.36 -6.74
C THR A 68 4.29 -3.95 -5.34
N ILE A 69 3.10 -3.79 -4.79
CA ILE A 69 2.76 -4.32 -3.48
C ILE A 69 1.55 -5.24 -3.62
N ASP A 70 1.62 -6.41 -2.99
CA ASP A 70 0.53 -7.38 -3.08
C ASP A 70 -0.45 -7.26 -1.92
N VAL A 71 -1.72 -7.36 -2.25
CA VAL A 71 -2.80 -7.28 -1.26
C VAL A 71 -3.58 -8.59 -1.24
N PHE A 72 -3.56 -9.28 -0.12
CA PHE A 72 -4.25 -10.55 0.00
C PHE A 72 -5.40 -10.46 1.00
N GLN A 73 -6.30 -11.44 0.93
CA GLN A 73 -7.45 -11.50 1.81
C GLN A 73 -7.17 -12.41 3.01
N GLN A 74 -7.76 -12.09 4.15
CA GLN A 74 -7.59 -12.90 5.34
C GLN A 74 -8.59 -14.05 5.33
N GLN A 75 -8.21 -15.17 5.91
CA GLN A 75 -9.05 -16.36 5.98
C GLN A 75 -10.35 -16.04 6.72
N THR A 76 -11.47 -16.13 6.00
CA THR A 76 -12.78 -15.87 6.57
C THR A 76 -13.13 -16.93 7.62
N GLY A 77 -12.63 -18.13 7.44
CA GLY A 77 -12.89 -19.21 8.37
C GLY A 77 -13.23 -20.49 7.65
N ASP B 1 -9.07 -0.18 -18.91
CA ASP B 1 -8.46 -0.76 -17.72
C ASP B 1 -8.87 0.04 -16.49
N THR B 2 -8.31 -0.28 -15.33
CA THR B 2 -8.63 0.44 -14.11
C THR B 2 -7.41 1.11 -13.53
N ALA B 3 -7.49 2.43 -13.35
CA ALA B 3 -6.37 3.16 -12.78
C ALA B 3 -6.82 3.98 -11.57
N GLY B 4 -6.15 3.79 -10.45
CA GLY B 4 -6.48 4.53 -9.25
C GLY B 4 -5.28 5.30 -8.74
N CYS B 5 -5.45 6.57 -8.42
CA CYS B 5 -4.33 7.37 -7.92
C CYS B 5 -4.64 7.88 -6.53
N ILE B 6 -3.76 7.58 -5.59
CA ILE B 6 -3.90 8.02 -4.20
C ILE B 6 -2.63 8.74 -3.72
N VAL B 7 -2.78 9.90 -3.11
CA VAL B 7 -1.63 10.63 -2.58
C VAL B 7 -1.79 10.84 -1.07
N ILE B 8 -0.78 10.48 -0.30
CA ILE B 8 -0.83 10.65 1.14
C ILE B 8 0.34 11.50 1.64
N SEP B 9 0.05 12.49 2.46
CA SEP B 9 1.07 13.36 3.01
CB SEP B 9 0.83 14.82 2.61
OG SEP B 9 1.17 15.04 1.24
C SEP B 9 1.06 13.24 4.54
O SEP B 9 0.00 13.29 5.16
P SEP B 9 2.24 16.17 0.88
O1P SEP B 9 3.01 16.68 2.03
O2P SEP B 9 1.73 17.24 0.01
O3P SEP B 9 3.34 15.44 -0.03
H SEP B 9 -0.89 12.65 2.71
HA SEP B 9 2.02 13.04 2.64
HB2 SEP B 9 1.43 15.46 3.22
HB3 SEP B 9 -0.22 15.07 2.74
N ASP B 10 2.22 13.02 5.12
CA ASP B 10 2.32 12.88 6.57
C ASP B 10 3.26 13.92 7.16
N SEP B 11 2.79 14.60 8.19
CA SEP B 11 3.56 15.61 8.86
CB SEP B 11 2.84 16.96 8.76
OG SEP B 11 1.54 16.87 9.31
C SEP B 11 3.79 15.24 10.32
O SEP B 11 2.85 14.87 11.03
P SEP B 11 0.25 17.18 8.42
O1P SEP B 11 -0.94 17.58 9.20
O2P SEP B 11 0.52 18.05 7.26
O3P SEP B 11 -0.15 15.78 7.77
H SEP B 11 1.87 14.42 8.49
HA SEP B 11 4.52 15.69 8.37
HB2 SEP B 11 2.76 17.26 7.73
HB3 SEP B 11 3.40 17.71 9.31
N GLU B 12 5.04 15.30 10.75
CA GLU B 12 5.37 14.96 12.14
C GLU B 12 5.20 16.17 13.04
N ASP A 1 11.70 14.46 -1.94
CA ASP A 1 11.46 13.59 -3.09
C ASP A 1 10.23 12.72 -2.83
N HIS A 2 9.60 12.26 -3.90
CA HIS A 2 8.42 11.43 -3.79
C HIS A 2 8.65 10.08 -4.45
N ILE A 3 7.93 9.06 -4.00
CA ILE A 3 8.06 7.73 -4.55
C ILE A 3 6.68 7.22 -4.97
N ASN A 4 6.61 6.62 -6.16
CA ASN A 4 5.34 6.11 -6.67
C ASN A 4 5.25 4.61 -6.48
N LEU A 5 4.34 4.18 -5.63
CA LEU A 5 4.14 2.77 -5.38
C LEU A 5 2.94 2.28 -6.19
N LYS A 6 2.83 0.97 -6.37
CA LYS A 6 1.73 0.41 -7.15
C LYS A 6 1.06 -0.73 -6.40
N VAL A 7 -0.26 -0.67 -6.31
CA VAL A 7 -1.05 -1.68 -5.63
C VAL A 7 -1.42 -2.81 -6.58
N ALA A 8 -1.26 -4.05 -6.12
CA ALA A 8 -1.58 -5.21 -6.92
C ALA A 8 -2.88 -5.86 -6.43
N GLY A 9 -3.98 -5.51 -7.07
CA GLY A 9 -5.26 -6.06 -6.69
C GLY A 9 -5.53 -7.41 -7.34
N GLN A 10 -6.32 -8.24 -6.68
CA GLN A 10 -6.65 -9.57 -7.20
C GLN A 10 -7.62 -9.48 -8.36
N ASP A 11 -8.15 -8.30 -8.59
CA ASP A 11 -9.10 -8.07 -9.68
C ASP A 11 -8.41 -7.46 -10.90
N GLY A 12 -7.13 -7.13 -10.73
CA GLY A 12 -6.37 -6.56 -11.83
C GLY A 12 -6.30 -5.04 -11.79
N SER A 13 -6.94 -4.44 -10.79
CA SER A 13 -6.93 -2.99 -10.66
C SER A 13 -5.54 -2.49 -10.31
N VAL A 14 -5.11 -1.41 -10.96
CA VAL A 14 -3.81 -0.82 -10.70
C VAL A 14 -3.97 0.54 -10.04
N VAL A 15 -3.44 0.67 -8.84
CA VAL A 15 -3.52 1.92 -8.10
C VAL A 15 -2.12 2.46 -7.81
N GLN A 16 -1.89 3.69 -8.23
CA GLN A 16 -0.62 4.35 -8.02
C GLN A 16 -0.68 5.13 -6.70
N PHE A 17 0.25 4.84 -5.82
CA PHE A 17 0.29 5.49 -4.53
C PHE A 17 1.43 6.48 -4.44
N LYS A 18 1.09 7.75 -4.32
CA LYS A 18 2.07 8.80 -4.18
C LYS A 18 2.34 8.98 -2.70
N ILE A 19 3.54 8.65 -2.28
CA ILE A 19 3.91 8.74 -0.88
C ILE A 19 5.33 9.28 -0.70
N LYS A 20 5.60 9.91 0.43
CA LYS A 20 6.91 10.43 0.71
C LYS A 20 7.81 9.31 1.22
N ARG A 21 9.12 9.48 1.08
CA ARG A 21 10.09 8.48 1.49
C ARG A 21 10.06 8.25 3.00
N HIS A 22 9.72 9.30 3.75
CA HIS A 22 9.69 9.21 5.22
C HIS A 22 8.28 9.01 5.76
N THR A 23 7.31 8.79 4.87
CA THR A 23 5.93 8.60 5.28
C THR A 23 5.63 7.13 5.54
N PRO A 24 5.09 6.80 6.73
CA PRO A 24 4.75 5.43 7.12
C PRO A 24 3.80 4.77 6.11
N LEU A 25 4.08 3.50 5.80
CA LEU A 25 3.27 2.74 4.86
C LEU A 25 1.90 2.40 5.44
N SER A 26 1.72 2.68 6.72
CA SER A 26 0.46 2.43 7.40
C SER A 26 -0.68 3.19 6.71
N LYS A 27 -0.38 4.38 6.20
CA LYS A 27 -1.38 5.20 5.52
C LYS A 27 -1.86 4.51 4.26
N LEU A 28 -0.94 3.86 3.58
CA LEU A 28 -1.24 3.15 2.33
C LEU A 28 -2.17 1.97 2.59
N MET A 29 -2.00 1.34 3.74
CA MET A 29 -2.81 0.20 4.11
C MET A 29 -4.23 0.63 4.49
N LYS A 30 -4.35 1.87 4.97
CA LYS A 30 -5.64 2.40 5.39
C LYS A 30 -6.38 3.09 4.25
N ALA A 31 -5.68 3.99 3.56
CA ALA A 31 -6.26 4.77 2.46
C ALA A 31 -7.03 3.92 1.45
N TYR A 32 -6.38 2.91 0.90
CA TYR A 32 -7.02 2.06 -0.10
C TYR A 32 -8.09 1.17 0.54
N CYS A 33 -7.87 0.78 1.79
CA CYS A 33 -8.82 -0.06 2.50
C CYS A 33 -10.14 0.68 2.71
N GLU A 34 -10.03 1.97 3.06
CA GLU A 34 -11.19 2.80 3.27
C GLU A 34 -11.95 2.99 1.97
N ARG A 35 -11.22 3.10 0.87
CA ARG A 35 -11.84 3.27 -0.44
C ARG A 35 -12.55 1.99 -0.85
N GLN A 36 -12.05 0.86 -0.37
CA GLN A 36 -12.66 -0.44 -0.67
C GLN A 36 -13.85 -0.70 0.26
N GLY A 37 -13.98 0.13 1.28
CA GLY A 37 -15.06 0.01 2.23
C GLY A 37 -14.97 -1.22 3.10
N LEU A 38 -13.76 -1.49 3.61
CA LEU A 38 -13.53 -2.65 4.45
C LEU A 38 -12.56 -2.31 5.58
N SER A 39 -12.40 -3.23 6.53
CA SER A 39 -11.49 -3.04 7.64
C SER A 39 -10.10 -3.55 7.28
N MET A 40 -9.07 -2.84 7.74
CA MET A 40 -7.68 -3.22 7.45
C MET A 40 -7.33 -4.57 8.05
N ARG A 41 -8.15 -5.02 8.99
CA ARG A 41 -7.94 -6.30 9.65
C ARG A 41 -8.32 -7.47 8.73
N GLN A 42 -9.06 -7.15 7.67
CA GLN A 42 -9.51 -8.17 6.73
C GLN A 42 -8.47 -8.44 5.64
N ILE A 43 -7.64 -7.45 5.36
CA ILE A 43 -6.63 -7.60 4.31
C ILE A 43 -5.23 -7.83 4.88
N ARG A 44 -4.34 -8.30 4.03
CA ARG A 44 -2.96 -8.56 4.39
C ARG A 44 -2.03 -8.04 3.30
N PHE A 45 -1.04 -7.25 3.69
CA PHE A 45 -0.11 -6.67 2.73
C PHE A 45 1.21 -7.42 2.76
N ARG A 46 1.78 -7.64 1.58
CA ARG A 46 3.05 -8.34 1.47
C ARG A 46 3.99 -7.61 0.53
N PHE A 47 5.23 -7.48 0.96
CA PHE A 47 6.27 -6.84 0.18
C PHE A 47 7.54 -7.68 0.27
N ASP A 48 8.12 -8.00 -0.88
CA ASP A 48 9.33 -8.81 -0.93
C ASP A 48 9.03 -10.21 -0.41
N GLY A 49 7.77 -10.61 -0.53
CA GLY A 49 7.33 -11.91 -0.07
C GLY A 49 7.16 -11.98 1.43
N GLN A 50 7.33 -10.83 2.10
CA GLN A 50 7.20 -10.77 3.54
C GLN A 50 6.08 -9.81 3.93
N PRO A 51 5.34 -10.10 5.02
CA PRO A 51 4.26 -9.24 5.50
C PRO A 51 4.79 -7.88 5.96
N ILE A 52 3.98 -6.84 5.80
CA ILE A 52 4.38 -5.50 6.20
C ILE A 52 3.83 -5.16 7.58
N ASN A 53 4.61 -4.41 8.36
CA ASN A 53 4.20 -4.02 9.71
C ASN A 53 3.51 -2.65 9.66
N GLU A 54 3.22 -2.09 10.83
CA GLU A 54 2.58 -0.78 10.90
C GLU A 54 3.59 0.28 11.35
N THR A 55 4.86 0.01 11.08
CA THR A 55 5.94 0.92 11.45
C THR A 55 7.03 0.93 10.37
N ASP A 56 6.66 0.59 9.16
CA ASP A 56 7.63 0.55 8.06
C ASP A 56 7.43 1.70 7.09
N THR A 57 8.53 2.18 6.53
CA THR A 57 8.50 3.27 5.57
C THR A 57 9.15 2.83 4.25
N PRO A 58 8.87 3.52 3.14
CA PRO A 58 9.46 3.19 1.84
C PRO A 58 10.98 3.18 1.88
N ALA A 59 11.55 4.10 2.64
CA ALA A 59 12.99 4.21 2.79
C ALA A 59 13.53 3.05 3.60
N GLN A 60 12.83 2.70 4.68
CA GLN A 60 13.24 1.61 5.56
C GLN A 60 13.32 0.28 4.82
N LEU A 61 12.29 -0.01 4.03
CA LEU A 61 12.23 -1.26 3.29
C LEU A 61 13.00 -1.19 1.96
N GLU A 62 13.71 -0.10 1.74
CA GLU A 62 14.49 0.09 0.51
C GLU A 62 13.61 -0.08 -0.73
N MET A 63 12.48 0.61 -0.73
CA MET A 63 11.54 0.52 -1.84
C MET A 63 11.94 1.47 -2.96
N GLU A 64 11.74 1.02 -4.19
CA GLU A 64 12.07 1.81 -5.37
C GLU A 64 10.78 2.28 -6.03
N ASP A 65 10.89 3.08 -7.08
CA ASP A 65 9.72 3.56 -7.80
C ASP A 65 9.06 2.39 -8.53
N GLU A 66 7.74 2.40 -8.58
CA GLU A 66 6.96 1.36 -9.25
C GLU A 66 6.97 0.05 -8.47
N ASP A 67 7.41 0.08 -7.22
CA ASP A 67 7.46 -1.12 -6.40
C ASP A 67 6.04 -1.59 -6.08
N THR A 68 5.63 -2.67 -6.73
CA THR A 68 4.31 -3.23 -6.55
C THR A 68 4.17 -3.93 -5.20
N ILE A 69 3.05 -3.66 -4.52
CA ILE A 69 2.78 -4.26 -3.22
C ILE A 69 1.61 -5.23 -3.33
N ASP A 70 1.82 -6.47 -2.89
CA ASP A 70 0.79 -7.50 -2.94
C ASP A 70 -0.26 -7.30 -1.86
N VAL A 71 -1.52 -7.41 -2.25
CA VAL A 71 -2.63 -7.25 -1.33
C VAL A 71 -3.50 -8.51 -1.30
N PHE A 72 -3.51 -9.19 -0.17
CA PHE A 72 -4.31 -10.40 -0.01
C PHE A 72 -5.33 -10.19 1.09
N GLN A 73 -6.11 -11.21 1.39
CA GLN A 73 -7.12 -11.12 2.43
C GLN A 73 -6.98 -12.26 3.43
N GLN A 74 -7.54 -12.06 4.61
CA GLN A 74 -7.49 -13.05 5.67
C GLN A 74 -8.56 -14.12 5.44
N GLN A 75 -8.31 -15.32 5.94
CA GLN A 75 -9.24 -16.43 5.80
C GLN A 75 -10.51 -16.20 6.62
N THR A 76 -11.63 -16.62 6.06
CA THR A 76 -12.91 -16.48 6.71
C THR A 76 -13.15 -17.61 7.71
N GLY A 77 -12.55 -18.76 7.45
CA GLY A 77 -12.69 -19.90 8.32
C GLY A 77 -13.35 -21.08 7.64
N ASP B 1 -10.18 0.92 -18.87
CA ASP B 1 -9.56 0.10 -17.83
C ASP B 1 -9.79 0.75 -16.47
N THR B 2 -9.05 0.30 -15.46
CA THR B 2 -9.20 0.88 -14.15
C THR B 2 -7.89 1.50 -13.70
N ALA B 3 -7.94 2.78 -13.38
CA ALA B 3 -6.77 3.49 -12.89
C ALA B 3 -7.11 4.18 -11.58
N GLY B 4 -6.32 3.92 -10.56
CA GLY B 4 -6.55 4.56 -9.29
C GLY B 4 -5.34 5.30 -8.81
N CYS B 5 -5.50 6.54 -8.42
CA CYS B 5 -4.37 7.29 -7.91
C CYS B 5 -4.67 7.77 -6.51
N ILE B 6 -3.81 7.39 -5.59
CA ILE B 6 -3.96 7.78 -4.21
C ILE B 6 -2.69 8.45 -3.72
N VAL B 7 -2.83 9.62 -3.13
CA VAL B 7 -1.67 10.32 -2.62
C VAL B 7 -1.80 10.53 -1.12
N ILE B 8 -0.78 10.14 -0.38
CA ILE B 8 -0.80 10.33 1.05
C ILE B 8 0.37 11.19 1.47
N SEP B 9 0.08 12.25 2.16
CA SEP B 9 1.10 13.14 2.65
CB SEP B 9 0.93 14.53 2.04
OG SEP B 9 0.88 14.46 0.61
C SEP B 9 1.01 13.18 4.17
O SEP B 9 -0.07 13.38 4.73
P SEP B 9 2.07 15.06 -0.27
O1P SEP B 9 2.53 16.40 0.15
O2P SEP B 9 1.87 14.95 -1.73
O3P SEP B 9 3.30 14.08 0.04
H SEP B 9 -0.86 12.48 2.31
HA SEP B 9 2.06 12.72 2.37
HB2 SEP B 9 1.78 15.14 2.33
HB3 SEP B 9 0.03 14.97 2.40
N ASP B 10 2.13 12.99 4.83
CA ASP B 10 2.15 13.04 6.28
C ASP B 10 3.08 14.15 6.73
N SEP B 11 2.59 14.98 7.63
CA SEP B 11 3.38 16.09 8.13
CB SEP B 11 2.64 17.41 7.85
OG SEP B 11 1.26 17.31 8.18
C SEP B 11 3.63 15.90 9.62
O SEP B 11 2.71 15.59 10.39
P SEP B 11 0.18 16.85 7.07
O1P SEP B 11 -1.08 17.61 7.11
O2P SEP B 11 0.74 16.71 5.72
O3P SEP B 11 -0.23 15.37 7.50
H SEP B 11 1.67 14.88 7.94
HA SEP B 11 4.32 16.09 7.61
HB2 SEP B 11 2.73 17.65 6.81
HB3 SEP B 11 3.08 18.19 8.45
N GLU B 12 4.89 16.03 10.01
CA GLU B 12 5.30 15.86 11.39
C GLU B 12 4.63 16.90 12.30
N ASP A 1 12.29 13.51 -2.63
CA ASP A 1 11.28 13.39 -3.66
C ASP A 1 10.20 12.40 -3.22
N HIS A 2 9.26 12.12 -4.11
CA HIS A 2 8.17 11.22 -3.81
C HIS A 2 8.47 9.85 -4.39
N ILE A 3 7.77 8.84 -3.90
CA ILE A 3 7.95 7.48 -4.39
C ILE A 3 6.62 6.94 -4.90
N ASN A 4 6.65 6.42 -6.12
CA ASN A 4 5.46 5.89 -6.75
C ASN A 4 5.35 4.40 -6.47
N LEU A 5 4.28 4.01 -5.80
CA LEU A 5 4.07 2.61 -5.46
C LEU A 5 2.83 2.08 -6.17
N LYS A 6 2.93 0.89 -6.75
CA LYS A 6 1.82 0.30 -7.46
C LYS A 6 1.17 -0.83 -6.67
N VAL A 7 -0.07 -0.63 -6.26
CA VAL A 7 -0.79 -1.63 -5.51
C VAL A 7 -1.39 -2.66 -6.46
N ALA A 8 -1.21 -3.94 -6.14
CA ALA A 8 -1.72 -5.01 -6.96
C ALA A 8 -3.13 -5.39 -6.54
N GLY A 9 -3.84 -6.08 -7.42
CA GLY A 9 -5.18 -6.51 -7.13
C GLY A 9 -5.51 -7.78 -7.87
N GLN A 10 -6.29 -8.66 -7.25
CA GLN A 10 -6.67 -9.93 -7.85
C GLN A 10 -7.55 -9.68 -9.08
N ASP A 11 -8.27 -8.56 -9.07
CA ASP A 11 -9.15 -8.20 -10.19
C ASP A 11 -8.38 -7.52 -11.30
N GLY A 12 -7.18 -7.03 -10.98
CA GLY A 12 -6.37 -6.37 -11.97
C GLY A 12 -6.34 -4.86 -11.83
N SER A 13 -7.07 -4.33 -10.83
CA SER A 13 -7.11 -2.90 -10.62
C SER A 13 -5.74 -2.38 -10.19
N VAL A 14 -5.26 -1.34 -10.85
CA VAL A 14 -3.97 -0.76 -10.52
C VAL A 14 -4.14 0.56 -9.78
N VAL A 15 -3.45 0.68 -8.66
CA VAL A 15 -3.51 1.90 -7.86
C VAL A 15 -2.12 2.51 -7.73
N GLN A 16 -1.97 3.72 -8.23
CA GLN A 16 -0.71 4.43 -8.19
C GLN A 16 -0.65 5.29 -6.92
N PHE A 17 0.12 4.83 -5.96
CA PHE A 17 0.28 5.52 -4.70
C PHE A 17 1.45 6.50 -4.76
N LYS A 18 1.16 7.78 -4.58
CA LYS A 18 2.18 8.80 -4.59
C LYS A 18 2.38 9.31 -3.17
N ILE A 19 3.43 8.83 -2.51
CA ILE A 19 3.71 9.24 -1.14
C ILE A 19 5.18 9.62 -0.98
N LYS A 20 5.48 10.37 0.08
CA LYS A 20 6.84 10.77 0.36
C LYS A 20 7.62 9.60 0.96
N ARG A 21 8.93 9.59 0.74
CA ARG A 21 9.77 8.49 1.25
C ARG A 21 9.84 8.49 2.78
N HIS A 22 9.54 9.63 3.39
CA HIS A 22 9.57 9.74 4.85
C HIS A 22 8.18 9.49 5.43
N THR A 23 7.23 9.20 4.56
CA THR A 23 5.85 8.96 4.98
C THR A 23 5.62 7.48 5.28
N PRO A 24 5.13 7.18 6.51
CA PRO A 24 4.85 5.80 6.94
C PRO A 24 3.87 5.07 6.02
N LEU A 25 4.11 3.78 5.82
CA LEU A 25 3.28 2.95 4.96
C LEU A 25 1.96 2.57 5.65
N SER A 26 1.84 2.94 6.92
CA SER A 26 0.65 2.64 7.69
C SER A 26 -0.58 3.29 7.05
N LYS A 27 -0.48 4.58 6.75
CA LYS A 27 -1.59 5.31 6.13
C LYS A 27 -1.88 4.76 4.74
N LEU A 28 -0.85 4.23 4.08
CA LEU A 28 -1.00 3.65 2.75
C LEU A 28 -1.94 2.45 2.79
N MET A 29 -1.75 1.61 3.80
CA MET A 29 -2.58 0.43 3.96
C MET A 29 -4.00 0.82 4.34
N LYS A 30 -4.12 1.85 5.19
CA LYS A 30 -5.42 2.33 5.64
C LYS A 30 -6.19 3.02 4.52
N ALA A 31 -5.51 3.92 3.81
CA ALA A 31 -6.13 4.67 2.72
C ALA A 31 -6.73 3.74 1.67
N TYR A 32 -5.97 2.75 1.24
CA TYR A 32 -6.45 1.79 0.25
C TYR A 32 -7.60 0.98 0.81
N CYS A 33 -7.49 0.61 2.09
CA CYS A 33 -8.52 -0.17 2.76
C CYS A 33 -9.82 0.63 2.84
N GLU A 34 -9.70 1.90 3.19
CA GLU A 34 -10.86 2.78 3.31
C GLU A 34 -11.49 3.03 1.95
N ARG A 35 -10.68 2.93 0.88
CA ARG A 35 -11.18 3.12 -0.47
C ARG A 35 -12.10 1.97 -0.84
N GLN A 36 -11.73 0.77 -0.40
CA GLN A 36 -12.53 -0.42 -0.66
C GLN A 36 -13.70 -0.50 0.31
N GLY A 37 -13.51 0.10 1.48
CA GLY A 37 -14.54 0.10 2.50
C GLY A 37 -14.50 -1.15 3.35
N LEU A 38 -13.30 -1.70 3.50
CA LEU A 38 -13.13 -2.91 4.30
C LEU A 38 -12.29 -2.64 5.54
N SER A 39 -12.22 -3.62 6.42
CA SER A 39 -11.44 -3.48 7.65
C SER A 39 -9.99 -3.86 7.38
N MET A 40 -9.07 -3.16 8.02
CA MET A 40 -7.64 -3.43 7.85
C MET A 40 -7.28 -4.83 8.35
N ARG A 41 -8.13 -5.38 9.20
CA ARG A 41 -7.91 -6.72 9.74
C ARG A 41 -8.52 -7.78 8.82
N GLN A 42 -9.20 -7.34 7.79
CA GLN A 42 -9.83 -8.25 6.85
C GLN A 42 -8.88 -8.61 5.72
N ILE A 43 -7.89 -7.77 5.49
CA ILE A 43 -6.91 -8.00 4.44
C ILE A 43 -5.49 -8.02 4.99
N ARG A 44 -4.56 -8.52 4.19
CA ARG A 44 -3.15 -8.59 4.58
C ARG A 44 -2.29 -8.02 3.47
N PHE A 45 -1.30 -7.23 3.83
CA PHE A 45 -0.42 -6.62 2.85
C PHE A 45 0.94 -7.29 2.84
N ARG A 46 1.41 -7.65 1.66
CA ARG A 46 2.70 -8.31 1.51
C ARG A 46 3.60 -7.54 0.55
N PHE A 47 4.89 -7.49 0.86
CA PHE A 47 5.87 -6.82 0.03
C PHE A 47 7.15 -7.63 0.01
N ASP A 48 7.64 -7.92 -1.19
CA ASP A 48 8.87 -8.71 -1.38
C ASP A 48 8.69 -10.11 -0.81
N GLY A 49 7.45 -10.58 -0.83
CA GLY A 49 7.14 -11.91 -0.33
C GLY A 49 7.03 -11.97 1.18
N GLN A 50 7.12 -10.82 1.84
CA GLN A 50 7.03 -10.78 3.30
C GLN A 50 5.92 -9.83 3.75
N PRO A 51 5.29 -10.11 4.90
CA PRO A 51 4.22 -9.26 5.44
C PRO A 51 4.74 -7.90 5.88
N ILE A 52 4.04 -6.85 5.48
CA ILE A 52 4.43 -5.49 5.82
C ILE A 52 3.97 -5.15 7.24
N ASN A 53 4.86 -4.60 8.04
CA ASN A 53 4.53 -4.22 9.41
C ASN A 53 3.81 -2.88 9.41
N GLU A 54 3.25 -2.51 10.56
CA GLU A 54 2.52 -1.26 10.68
C GLU A 54 3.40 -0.14 11.23
N THR A 55 4.70 -0.27 11.01
CA THR A 55 5.65 0.73 11.49
C THR A 55 6.85 0.81 10.55
N ASP A 56 6.58 0.87 9.24
CA ASP A 56 7.64 0.94 8.26
C ASP A 56 7.42 2.06 7.26
N THR A 57 8.52 2.50 6.64
CA THR A 57 8.49 3.55 5.64
C THR A 57 9.19 3.04 4.38
N PRO A 58 8.98 3.69 3.23
CA PRO A 58 9.62 3.28 1.97
C PRO A 58 11.13 3.31 2.08
N ALA A 59 11.64 4.23 2.89
CA ALA A 59 13.08 4.37 3.10
C ALA A 59 13.60 3.32 4.07
N GLN A 60 12.74 2.91 5.01
CA GLN A 60 13.11 1.91 6.00
C GLN A 60 13.26 0.52 5.38
N LEU A 61 12.39 0.21 4.43
CA LEU A 61 12.42 -1.09 3.76
C LEU A 61 13.23 -1.04 2.48
N GLU A 62 13.88 0.10 2.22
CA GLU A 62 14.69 0.28 1.01
C GLU A 62 13.87 -0.04 -0.23
N MET A 63 12.70 0.56 -0.31
CA MET A 63 11.79 0.34 -1.44
C MET A 63 12.14 1.24 -2.61
N GLU A 64 12.09 0.67 -3.80
CA GLU A 64 12.39 1.42 -5.00
C GLU A 64 11.12 1.98 -5.63
N ASP A 65 11.30 2.88 -6.57
CA ASP A 65 10.18 3.51 -7.25
C ASP A 65 9.53 2.57 -8.26
N GLU A 66 8.20 2.63 -8.33
CA GLU A 66 7.41 1.82 -9.24
C GLU A 66 7.38 0.34 -8.85
N ASP A 67 7.48 0.07 -7.55
CA ASP A 67 7.43 -1.30 -7.06
C ASP A 67 5.99 -1.77 -6.96
N THR A 68 5.77 -3.02 -6.57
CA THR A 68 4.42 -3.55 -6.49
C THR A 68 4.09 -4.08 -5.08
N ILE A 69 2.95 -3.65 -4.56
CA ILE A 69 2.49 -4.06 -3.24
C ILE A 69 1.36 -5.08 -3.40
N ASP A 70 1.44 -6.20 -2.70
CA ASP A 70 0.42 -7.25 -2.79
C ASP A 70 -0.57 -7.18 -1.64
N VAL A 71 -1.84 -7.38 -1.97
CA VAL A 71 -2.90 -7.37 -0.97
C VAL A 71 -3.76 -8.62 -1.10
N PHE A 72 -3.90 -9.36 0.00
CA PHE A 72 -4.68 -10.59 -0.01
C PHE A 72 -5.75 -10.54 1.09
N GLN A 73 -6.73 -11.43 1.01
CA GLN A 73 -7.80 -11.49 1.99
C GLN A 73 -7.45 -12.45 3.11
N GLN A 74 -7.96 -12.15 4.30
CA GLN A 74 -7.73 -12.97 5.48
C GLN A 74 -8.69 -14.15 5.50
N GLN A 75 -8.18 -15.32 5.90
CA GLN A 75 -8.99 -16.53 5.99
C GLN A 75 -10.21 -16.27 6.86
N THR A 76 -11.39 -16.39 6.27
CA THR A 76 -12.63 -16.15 6.97
C THR A 76 -13.30 -17.46 7.41
N GLY A 77 -12.47 -18.44 7.76
CA GLY A 77 -12.99 -19.73 8.19
C GLY A 77 -12.06 -20.86 7.79
N ASP B 1 -9.23 -0.77 -18.65
CA ASP B 1 -9.11 -1.23 -17.27
C ASP B 1 -9.49 -0.12 -16.29
N THR B 2 -9.17 -0.33 -15.02
CA THR B 2 -9.46 0.67 -14.01
C THR B 2 -8.16 1.17 -13.37
N ALA B 3 -8.00 2.48 -13.33
CA ALA B 3 -6.81 3.09 -12.75
C ALA B 3 -7.20 4.00 -11.60
N GLY B 4 -6.58 3.77 -10.46
CA GLY B 4 -6.85 4.54 -9.27
C GLY B 4 -5.59 5.20 -8.73
N CYS B 5 -5.65 6.47 -8.39
CA CYS B 5 -4.48 7.16 -7.86
C CYS B 5 -4.74 7.64 -6.43
N ILE B 6 -3.86 7.27 -5.52
CA ILE B 6 -3.99 7.66 -4.13
C ILE B 6 -2.72 8.37 -3.67
N VAL B 7 -2.87 9.54 -3.06
CA VAL B 7 -1.73 10.29 -2.56
C VAL B 7 -1.87 10.53 -1.06
N ILE B 8 -0.84 10.19 -0.30
CA ILE B 8 -0.86 10.40 1.15
C ILE B 8 0.31 11.28 1.57
N SEP B 9 0.04 12.32 2.34
CA SEP B 9 1.11 13.20 2.81
CB SEP B 9 0.88 14.63 2.30
OG SEP B 9 0.96 14.69 0.88
C SEP B 9 1.15 13.22 4.33
O SEP B 9 0.14 13.45 4.99
P SEP B 9 1.59 16.00 0.20
O1P SEP B 9 2.16 16.96 1.16
O2P SEP B 9 0.74 16.62 -0.83
O3P SEP B 9 2.87 15.47 -0.61
H SEP B 9 -0.89 12.50 2.59
HA SEP B 9 2.04 12.83 2.44
HB2 SEP B 9 1.64 15.27 2.72
HB3 SEP B 9 -0.09 14.97 2.61
N ASP B 10 2.32 12.93 4.87
CA ASP B 10 2.51 12.94 6.32
C ASP B 10 3.66 13.86 6.67
N SEP B 11 3.44 14.76 7.61
CA SEP B 11 4.50 15.65 8.04
CB SEP B 11 4.08 17.10 7.76
OG SEP B 11 2.69 17.27 7.95
C SEP B 11 4.78 15.45 9.53
O SEP B 11 3.88 15.50 10.37
P SEP B 11 1.82 17.99 6.82
O1P SEP B 11 0.54 18.53 7.33
O2P SEP B 11 2.58 18.93 5.98
O3P SEP B 11 1.40 16.81 5.84
H SEP B 11 2.55 14.82 8.01
HA SEP B 11 5.38 15.42 7.47
HB2 SEP B 11 4.34 17.35 6.74
HB3 SEP B 11 4.61 17.76 8.43
N GLU B 12 6.05 15.21 9.84
CA GLU B 12 6.47 14.98 11.21
C GLU B 12 6.53 16.29 11.99
N ASP A 1 11.14 13.93 -1.90
CA ASP A 1 10.44 13.68 -3.14
C ASP A 1 9.42 12.56 -2.97
N HIS A 2 8.48 12.49 -3.90
CA HIS A 2 7.45 11.47 -3.86
C HIS A 2 7.88 10.22 -4.62
N ILE A 3 7.45 9.07 -4.12
CA ILE A 3 7.75 7.81 -4.75
C ILE A 3 6.46 7.23 -5.32
N ASN A 4 6.53 6.65 -6.50
CA ASN A 4 5.35 6.08 -7.15
C ASN A 4 5.31 4.58 -6.99
N LEU A 5 4.45 4.12 -6.09
CA LEU A 5 4.29 2.70 -5.84
C LEU A 5 3.07 2.16 -6.55
N LYS A 6 3.08 0.87 -6.83
CA LYS A 6 1.97 0.23 -7.52
C LYS A 6 1.25 -0.75 -6.60
N VAL A 7 -0.05 -0.59 -6.47
CA VAL A 7 -0.85 -1.47 -5.65
C VAL A 7 -1.71 -2.37 -6.55
N ALA A 8 -1.44 -3.66 -6.52
CA ALA A 8 -2.17 -4.61 -7.35
C ALA A 8 -3.29 -5.29 -6.58
N GLY A 9 -4.43 -5.43 -7.23
CA GLY A 9 -5.57 -6.09 -6.60
C GLY A 9 -5.83 -7.45 -7.19
N GLN A 10 -6.61 -8.26 -6.50
CA GLN A 10 -6.93 -9.63 -6.95
C GLN A 10 -7.87 -9.60 -8.15
N ASP A 11 -8.36 -8.42 -8.50
CA ASP A 11 -9.28 -8.24 -9.61
C ASP A 11 -8.56 -7.70 -10.84
N GLY A 12 -7.28 -7.38 -10.69
CA GLY A 12 -6.52 -6.87 -11.80
C GLY A 12 -6.49 -5.35 -11.85
N SER A 13 -6.87 -4.71 -10.76
CA SER A 13 -6.87 -3.26 -10.68
C SER A 13 -5.48 -2.78 -10.27
N VAL A 14 -5.11 -1.58 -10.69
CA VAL A 14 -3.80 -1.03 -10.35
C VAL A 14 -3.94 0.38 -9.79
N VAL A 15 -3.50 0.55 -8.56
CA VAL A 15 -3.57 1.85 -7.91
C VAL A 15 -2.16 2.41 -7.67
N GLN A 16 -1.92 3.58 -8.21
CA GLN A 16 -0.64 4.24 -8.08
C GLN A 16 -0.63 5.04 -6.78
N PHE A 17 0.27 4.70 -5.88
CA PHE A 17 0.38 5.36 -4.60
C PHE A 17 1.51 6.37 -4.60
N LYS A 18 1.14 7.64 -4.53
CA LYS A 18 2.10 8.72 -4.47
C LYS A 18 2.37 9.05 -3.00
N ILE A 19 3.49 8.58 -2.49
CA ILE A 19 3.82 8.77 -1.10
C ILE A 19 5.28 9.21 -0.94
N LYS A 20 5.58 9.94 0.12
CA LYS A 20 6.95 10.38 0.38
C LYS A 20 7.74 9.22 0.98
N ARG A 21 9.04 9.17 0.71
CA ARG A 21 9.88 8.08 1.21
C ARG A 21 10.06 8.12 2.73
N HIS A 22 9.57 9.18 3.37
CA HIS A 22 9.67 9.30 4.82
C HIS A 22 8.30 9.12 5.48
N THR A 23 7.28 8.90 4.66
CA THR A 23 5.93 8.72 5.15
C THR A 23 5.68 7.25 5.51
N PRO A 24 5.19 6.99 6.74
CA PRO A 24 4.90 5.64 7.21
C PRO A 24 3.94 4.88 6.29
N LEU A 25 4.25 3.61 6.05
CA LEU A 25 3.42 2.76 5.19
C LEU A 25 2.11 2.40 5.88
N SER A 26 1.98 2.82 7.14
CA SER A 26 0.78 2.58 7.91
C SER A 26 -0.42 3.20 7.22
N LYS A 27 -0.19 4.33 6.56
CA LYS A 27 -1.24 5.02 5.82
C LYS A 27 -1.58 4.25 4.56
N LEU A 28 -0.55 3.64 3.96
CA LEU A 28 -0.69 2.87 2.74
C LEU A 28 -1.50 1.60 3.00
N MET A 29 -1.56 1.20 4.25
CA MET A 29 -2.31 0.00 4.64
C MET A 29 -3.69 0.38 5.16
N LYS A 30 -4.09 1.63 4.94
CA LYS A 30 -5.41 2.09 5.39
C LYS A 30 -6.12 2.92 4.31
N ALA A 31 -5.37 3.74 3.60
CA ALA A 31 -5.93 4.60 2.55
C ALA A 31 -6.71 3.81 1.50
N TYR A 32 -6.09 2.76 0.97
CA TYR A 32 -6.72 1.93 -0.04
C TYR A 32 -7.87 1.14 0.57
N CYS A 33 -7.72 0.76 1.83
CA CYS A 33 -8.73 0.01 2.54
C CYS A 33 -10.01 0.84 2.68
N GLU A 34 -9.85 2.11 3.02
CA GLU A 34 -10.97 3.03 3.18
C GLU A 34 -11.76 3.17 1.88
N ARG A 35 -11.04 3.32 0.78
CA ARG A 35 -11.66 3.47 -0.53
C ARG A 35 -12.37 2.19 -0.96
N GLN A 36 -11.85 1.05 -0.54
CA GLN A 36 -12.46 -0.23 -0.86
C GLN A 36 -13.65 -0.50 0.03
N GLY A 37 -13.62 0.09 1.23
CA GLY A 37 -14.70 -0.09 2.17
C GLY A 37 -14.46 -1.28 3.07
N LEU A 38 -13.19 -1.62 3.26
CA LEU A 38 -12.82 -2.75 4.09
C LEU A 38 -11.85 -2.32 5.17
N SER A 39 -11.84 -3.05 6.26
CA SER A 39 -10.94 -2.77 7.37
C SER A 39 -9.59 -3.43 7.13
N MET A 40 -8.54 -2.84 7.66
CA MET A 40 -7.18 -3.37 7.52
C MET A 40 -7.07 -4.74 8.18
N ARG A 41 -8.02 -5.05 9.04
CA ARG A 41 -8.05 -6.33 9.75
C ARG A 41 -8.55 -7.45 8.83
N GLN A 42 -9.27 -7.09 7.78
CA GLN A 42 -9.83 -8.07 6.86
C GLN A 42 -8.85 -8.46 5.76
N ILE A 43 -8.04 -7.51 5.32
CA ILE A 43 -7.08 -7.77 4.26
C ILE A 43 -5.65 -7.81 4.79
N ARG A 44 -4.73 -8.24 3.96
CA ARG A 44 -3.32 -8.34 4.34
C ARG A 44 -2.43 -7.71 3.28
N PHE A 45 -1.37 -7.05 3.71
CA PHE A 45 -0.44 -6.42 2.79
C PHE A 45 0.91 -7.12 2.85
N ARG A 46 1.48 -7.38 1.68
CA ARG A 46 2.77 -8.07 1.61
C ARG A 46 3.69 -7.40 0.59
N PHE A 47 4.98 -7.42 0.88
CA PHE A 47 5.98 -6.84 -0.01
C PHE A 47 7.22 -7.72 -0.02
N ASP A 48 7.66 -8.10 -1.22
CA ASP A 48 8.85 -8.95 -1.40
C ASP A 48 8.67 -10.30 -0.72
N GLY A 49 7.41 -10.70 -0.51
CA GLY A 49 7.13 -11.97 0.11
C GLY A 49 7.01 -11.87 1.62
N GLN A 50 7.24 -10.67 2.16
CA GLN A 50 7.17 -10.45 3.59
C GLN A 50 5.95 -9.59 3.95
N PRO A 51 5.26 -9.92 5.06
CA PRO A 51 4.09 -9.15 5.50
C PRO A 51 4.52 -7.78 6.01
N ILE A 52 3.88 -6.73 5.49
CA ILE A 52 4.23 -5.36 5.88
C ILE A 52 3.73 -5.04 7.28
N ASN A 53 4.60 -4.44 8.08
CA ASN A 53 4.27 -4.05 9.44
C ASN A 53 3.73 -2.62 9.45
N GLU A 54 3.15 -2.22 10.57
CA GLU A 54 2.58 -0.89 10.70
C GLU A 54 3.63 0.15 11.11
N THR A 55 4.87 -0.29 11.31
CA THR A 55 5.93 0.60 11.72
C THR A 55 7.06 0.67 10.69
N ASP A 56 6.69 0.57 9.41
CA ASP A 56 7.68 0.61 8.34
C ASP A 56 7.43 1.74 7.36
N THR A 57 8.50 2.21 6.74
CA THR A 57 8.43 3.27 5.75
C THR A 57 9.10 2.80 4.47
N PRO A 58 8.88 3.49 3.33
CA PRO A 58 9.51 3.11 2.07
C PRO A 58 11.03 3.09 2.17
N ALA A 59 11.58 4.02 2.93
CA ALA A 59 13.01 4.11 3.13
C ALA A 59 13.51 3.01 4.07
N GLN A 60 12.69 2.66 5.05
CA GLN A 60 13.05 1.62 6.01
C GLN A 60 13.22 0.27 5.32
N LEU A 61 12.41 0.03 4.30
CA LEU A 61 12.47 -1.22 3.56
C LEU A 61 13.32 -1.08 2.29
N GLU A 62 13.96 0.09 2.14
CA GLU A 62 14.82 0.36 0.98
C GLU A 62 14.06 0.15 -0.33
N MET A 63 12.83 0.64 -0.36
CA MET A 63 11.97 0.50 -1.53
C MET A 63 12.32 1.56 -2.58
N GLU A 64 11.89 1.31 -3.80
CA GLU A 64 12.15 2.23 -4.90
C GLU A 64 10.88 2.48 -5.71
N ASP A 65 10.99 3.27 -6.76
CA ASP A 65 9.84 3.59 -7.60
C ASP A 65 9.41 2.37 -8.42
N GLU A 66 8.13 2.34 -8.77
CA GLU A 66 7.54 1.24 -9.56
C GLU A 66 7.43 -0.05 -8.76
N ASP A 67 7.65 0.03 -7.45
CA ASP A 67 7.55 -1.15 -6.60
C ASP A 67 6.10 -1.58 -6.47
N THR A 68 5.85 -2.87 -6.35
CA THR A 68 4.48 -3.37 -6.27
C THR A 68 4.15 -3.96 -4.90
N ILE A 69 3.02 -3.54 -4.36
CA ILE A 69 2.54 -4.03 -3.06
C ILE A 69 1.44 -5.06 -3.28
N ASP A 70 1.56 -6.21 -2.63
CA ASP A 70 0.58 -7.28 -2.77
C ASP A 70 -0.52 -7.16 -1.73
N VAL A 71 -1.76 -7.13 -2.19
CA VAL A 71 -2.91 -7.04 -1.30
C VAL A 71 -3.65 -8.37 -1.28
N PHE A 72 -3.65 -9.03 -0.15
CA PHE A 72 -4.30 -10.32 0.00
C PHE A 72 -5.51 -10.22 0.93
N GLN A 73 -6.22 -11.32 1.08
CA GLN A 73 -7.41 -11.38 1.93
C GLN A 73 -7.22 -12.40 3.04
N GLN A 74 -7.80 -12.13 4.20
CA GLN A 74 -7.72 -13.04 5.33
C GLN A 74 -8.74 -14.16 5.20
N GLN A 75 -8.36 -15.36 5.61
CA GLN A 75 -9.22 -16.52 5.54
C GLN A 75 -10.45 -16.34 6.42
N THR A 76 -11.61 -16.74 5.91
CA THR A 76 -12.86 -16.64 6.64
C THR A 76 -12.98 -17.73 7.70
N GLY A 77 -12.38 -18.87 7.42
CA GLY A 77 -12.43 -19.99 8.34
C GLY A 77 -13.59 -20.92 8.05
N ASP B 1 -9.67 0.89 -18.70
CA ASP B 1 -9.50 -0.11 -17.66
C ASP B 1 -9.67 0.55 -16.29
N THR B 2 -8.88 0.15 -15.31
CA THR B 2 -9.00 0.74 -14.00
C THR B 2 -7.70 1.41 -13.58
N ALA B 3 -7.77 2.69 -13.30
CA ALA B 3 -6.61 3.44 -12.84
C ALA B 3 -6.94 4.18 -11.56
N GLY B 4 -6.16 3.96 -10.52
CA GLY B 4 -6.42 4.59 -9.26
C GLY B 4 -5.22 5.37 -8.75
N CYS B 5 -5.41 6.62 -8.35
CA CYS B 5 -4.29 7.39 -7.82
C CYS B 5 -4.58 7.85 -6.39
N ILE B 6 -3.70 7.49 -5.47
CA ILE B 6 -3.83 7.88 -4.07
C ILE B 6 -2.56 8.56 -3.57
N VAL B 7 -2.69 9.73 -2.96
CA VAL B 7 -1.54 10.44 -2.43
C VAL B 7 -1.72 10.68 -0.93
N ILE B 8 -0.72 10.28 -0.14
CA ILE B 8 -0.77 10.45 1.30
C ILE B 8 0.42 11.27 1.79
N SEP B 9 0.15 12.29 2.57
CA SEP B 9 1.22 13.12 3.10
CB SEP B 9 1.07 14.56 2.59
OG SEP B 9 0.93 14.60 1.19
C SEP B 9 1.22 13.10 4.62
O SEP B 9 0.19 13.32 5.25
P SEP B 9 1.28 15.94 0.38
O1P SEP B 9 1.93 16.98 1.20
O2P SEP B 9 0.16 16.44 -0.43
O3P SEP B 9 2.40 15.52 -0.68
H SEP B 9 -0.78 12.51 2.80
HA SEP B 9 2.15 12.72 2.74
HB2 SEP B 9 1.94 15.13 2.88
HB3 SEP B 9 0.19 15.01 3.04
N ASP B 10 2.37 12.80 5.21
CA ASP B 10 2.51 12.81 6.65
C ASP B 10 3.62 13.77 7.03
N SEP B 11 3.34 14.70 7.93
CA SEP B 11 4.35 15.67 8.30
CB SEP B 11 3.91 17.07 7.88
OG SEP B 11 2.53 17.27 8.09
C SEP B 11 4.65 15.61 9.80
O SEP B 11 3.75 15.62 10.64
P SEP B 11 1.48 17.10 6.88
O1P SEP B 11 0.47 18.17 6.81
O2P SEP B 11 2.09 16.77 5.58
O3P SEP B 11 0.64 15.80 7.28
H SEP B 11 2.44 14.76 8.31
HA SEP B 11 5.25 15.41 7.77
HB2 SEP B 11 4.13 17.20 6.83
HB3 SEP B 11 4.46 17.81 8.45
N GLU B 12 5.94 15.56 10.12
CA GLU B 12 6.39 15.52 11.49
C GLU B 12 6.63 16.94 12.02
N ASP A 1 11.58 13.88 -2.39
CA ASP A 1 10.84 13.61 -3.62
C ASP A 1 9.64 12.73 -3.34
N HIS A 2 8.70 12.72 -4.27
CA HIS A 2 7.51 11.89 -4.14
C HIS A 2 7.73 10.57 -4.87
N ILE A 3 7.55 9.48 -4.17
CA ILE A 3 7.73 8.16 -4.75
C ILE A 3 6.37 7.56 -5.10
N ASN A 4 6.30 6.84 -6.20
CA ASN A 4 5.04 6.25 -6.62
C ASN A 4 5.11 4.73 -6.60
N LEU A 5 4.22 4.13 -5.86
CA LEU A 5 4.16 2.68 -5.75
C LEU A 5 2.95 2.16 -6.50
N LYS A 6 2.90 0.87 -6.77
CA LYS A 6 1.79 0.29 -7.51
C LYS A 6 1.16 -0.86 -6.74
N VAL A 7 -0.13 -0.74 -6.47
CA VAL A 7 -0.87 -1.79 -5.76
C VAL A 7 -1.37 -2.83 -6.74
N ALA A 8 -1.07 -4.08 -6.48
CA ALA A 8 -1.49 -5.17 -7.35
C ALA A 8 -2.84 -5.71 -6.92
N GLY A 9 -3.86 -5.37 -7.70
CA GLY A 9 -5.19 -5.85 -7.41
C GLY A 9 -5.38 -7.26 -7.90
N GLN A 10 -6.14 -8.06 -7.15
CA GLN A 10 -6.38 -9.45 -7.50
C GLN A 10 -7.18 -9.58 -8.79
N ASP A 11 -7.83 -8.49 -9.19
CA ASP A 11 -8.64 -8.48 -10.40
C ASP A 11 -7.81 -8.04 -11.61
N GLY A 12 -6.74 -7.30 -11.37
CA GLY A 12 -5.89 -6.84 -12.46
C GLY A 12 -5.69 -5.33 -12.44
N SER A 13 -6.63 -4.60 -11.84
CA SER A 13 -6.55 -3.15 -11.75
C SER A 13 -5.28 -2.74 -11.00
N VAL A 14 -4.76 -1.55 -11.31
CA VAL A 14 -3.55 -1.06 -10.67
C VAL A 14 -3.80 0.28 -9.98
N VAL A 15 -3.18 0.47 -8.84
CA VAL A 15 -3.33 1.71 -8.08
C VAL A 15 -1.96 2.36 -7.85
N GLN A 16 -1.79 3.56 -8.37
CA GLN A 16 -0.53 4.29 -8.22
C GLN A 16 -0.58 5.14 -6.95
N PHE A 17 0.25 4.79 -5.99
CA PHE A 17 0.31 5.49 -4.72
C PHE A 17 1.43 6.53 -4.72
N LYS A 18 1.03 7.79 -4.67
CA LYS A 18 1.98 8.90 -4.64
C LYS A 18 2.17 9.34 -3.19
N ILE A 19 3.28 8.93 -2.61
CA ILE A 19 3.57 9.27 -1.21
C ILE A 19 5.02 9.69 -1.05
N LYS A 20 5.33 10.37 0.04
CA LYS A 20 6.71 10.80 0.29
C LYS A 20 7.49 9.61 0.85
N ARG A 21 8.80 9.62 0.63
CA ARG A 21 9.66 8.51 1.07
C ARG A 21 9.72 8.37 2.60
N HIS A 22 9.26 9.39 3.32
CA HIS A 22 9.28 9.34 4.79
C HIS A 22 7.88 9.09 5.35
N THR A 23 6.96 8.75 4.48
CA THR A 23 5.58 8.50 4.88
C THR A 23 5.42 7.06 5.39
N PRO A 24 4.88 6.90 6.62
CA PRO A 24 4.66 5.57 7.23
C PRO A 24 3.86 4.65 6.31
N LEU A 25 4.30 3.40 6.22
CA LEU A 25 3.62 2.41 5.36
C LEU A 25 2.23 2.08 5.88
N SER A 26 1.99 2.36 7.15
CA SER A 26 0.69 2.08 7.75
C SER A 26 -0.40 2.92 7.08
N LYS A 27 0.00 4.04 6.48
CA LYS A 27 -0.94 4.91 5.80
C LYS A 27 -1.54 4.22 4.58
N LEU A 28 -0.69 3.54 3.81
CA LEU A 28 -1.14 2.84 2.61
C LEU A 28 -2.08 1.71 2.99
N MET A 29 -1.79 1.06 4.11
CA MET A 29 -2.60 -0.03 4.61
C MET A 29 -4.02 0.42 4.93
N LYS A 30 -4.15 1.69 5.33
CA LYS A 30 -5.45 2.24 5.69
C LYS A 30 -6.08 3.01 4.51
N ALA A 31 -5.25 3.69 3.73
CA ALA A 31 -5.73 4.49 2.60
C ALA A 31 -6.54 3.66 1.60
N TYR A 32 -5.93 2.59 1.09
CA TYR A 32 -6.62 1.74 0.12
C TYR A 32 -7.76 0.98 0.79
N CYS A 33 -7.60 0.71 2.07
CA CYS A 33 -8.60 0.00 2.84
C CYS A 33 -9.89 0.80 2.94
N GLU A 34 -9.76 2.08 3.32
CA GLU A 34 -10.90 2.97 3.45
C GLU A 34 -11.57 3.19 2.11
N ARG A 35 -10.78 3.13 1.04
CA ARG A 35 -11.31 3.31 -0.30
C ARG A 35 -12.20 2.15 -0.70
N GLN A 36 -11.81 0.94 -0.30
CA GLN A 36 -12.59 -0.25 -0.61
C GLN A 36 -13.82 -0.33 0.29
N GLY A 37 -13.68 0.22 1.49
CA GLY A 37 -14.79 0.23 2.43
C GLY A 37 -14.83 -1.01 3.32
N LEU A 38 -13.66 -1.48 3.73
CA LEU A 38 -13.60 -2.67 4.58
C LEU A 38 -12.67 -2.41 5.77
N SER A 39 -12.46 -3.44 6.59
CA SER A 39 -11.61 -3.35 7.76
C SER A 39 -10.16 -3.58 7.38
N MET A 40 -9.26 -2.80 7.99
CA MET A 40 -7.83 -2.91 7.71
C MET A 40 -7.28 -4.24 8.22
N ARG A 41 -7.97 -4.80 9.20
CA ARG A 41 -7.55 -6.06 9.79
C ARG A 41 -8.10 -7.25 9.01
N GLN A 42 -9.01 -6.97 8.08
CA GLN A 42 -9.62 -8.00 7.27
C GLN A 42 -8.79 -8.26 6.01
N ILE A 43 -7.73 -7.49 5.84
CA ILE A 43 -6.85 -7.64 4.69
C ILE A 43 -5.40 -7.74 5.14
N ARG A 44 -4.53 -8.08 4.20
CA ARG A 44 -3.10 -8.20 4.49
C ARG A 44 -2.28 -7.64 3.35
N PHE A 45 -1.18 -6.98 3.69
CA PHE A 45 -0.30 -6.39 2.70
C PHE A 45 1.04 -7.12 2.69
N ARG A 46 1.53 -7.43 1.51
CA ARG A 46 2.80 -8.15 1.37
C ARG A 46 3.74 -7.44 0.41
N PHE A 47 5.03 -7.50 0.73
CA PHE A 47 6.07 -6.90 -0.09
C PHE A 47 7.28 -7.82 -0.11
N ASP A 48 7.66 -8.26 -1.31
CA ASP A 48 8.81 -9.16 -1.48
C ASP A 48 8.54 -10.48 -0.76
N GLY A 49 7.27 -10.87 -0.73
CA GLY A 49 6.89 -12.10 -0.08
C GLY A 49 6.82 -11.98 1.43
N GLN A 50 7.17 -10.81 1.95
CA GLN A 50 7.15 -10.58 3.39
C GLN A 50 6.00 -9.67 3.76
N PRO A 51 5.26 -9.99 4.83
CA PRO A 51 4.13 -9.17 5.30
C PRO A 51 4.59 -7.78 5.72
N ILE A 52 3.77 -6.78 5.43
CA ILE A 52 4.10 -5.40 5.78
C ILE A 52 3.56 -5.06 7.17
N ASN A 53 4.42 -4.47 8.00
CA ASN A 53 4.06 -4.09 9.35
C ASN A 53 3.65 -2.61 9.38
N GLU A 54 2.99 -2.21 10.45
CA GLU A 54 2.53 -0.83 10.60
C GLU A 54 3.58 0.05 11.25
N THR A 55 4.79 -0.45 11.35
CA THR A 55 5.88 0.31 11.96
C THR A 55 7.09 0.40 11.02
N ASP A 56 6.82 0.43 9.71
CA ASP A 56 7.89 0.51 8.73
C ASP A 56 7.69 1.70 7.79
N THR A 57 8.73 2.03 7.06
CA THR A 57 8.69 3.13 6.12
C THR A 57 9.33 2.72 4.79
N PRO A 58 9.05 3.46 3.69
CA PRO A 58 9.59 3.17 2.36
C PRO A 58 11.12 3.00 2.38
N ALA A 59 11.81 3.99 2.92
CA ALA A 59 13.27 3.98 3.00
C ALA A 59 13.76 2.96 4.01
N GLN A 60 12.87 2.48 4.86
CA GLN A 60 13.24 1.49 5.88
C GLN A 60 13.33 0.11 5.26
N LEU A 61 12.46 -0.16 4.29
CA LEU A 61 12.44 -1.45 3.62
C LEU A 61 13.28 -1.42 2.34
N GLU A 62 13.93 -0.28 2.11
CA GLU A 62 14.77 -0.10 0.91
C GLU A 62 13.96 -0.24 -0.37
N MET A 63 12.73 0.27 -0.34
CA MET A 63 11.85 0.19 -1.50
C MET A 63 12.27 1.19 -2.57
N GLU A 64 11.80 0.97 -3.79
CA GLU A 64 12.13 1.84 -4.90
C GLU A 64 10.85 2.34 -5.58
N ASP A 65 11.01 3.16 -6.61
CA ASP A 65 9.89 3.71 -7.34
C ASP A 65 9.25 2.64 -8.22
N GLU A 66 7.93 2.71 -8.35
CA GLU A 66 7.16 1.76 -9.15
C GLU A 66 7.17 0.37 -8.53
N ASP A 67 7.40 0.31 -7.22
CA ASP A 67 7.43 -0.97 -6.52
C ASP A 67 6.01 -1.48 -6.35
N THR A 68 5.81 -2.77 -6.57
CA THR A 68 4.50 -3.37 -6.48
C THR A 68 4.22 -3.91 -5.07
N ILE A 69 2.98 -3.75 -4.64
CA ILE A 69 2.56 -4.24 -3.33
C ILE A 69 1.42 -5.24 -3.47
N ASP A 70 1.53 -6.36 -2.78
CA ASP A 70 0.51 -7.41 -2.84
C ASP A 70 -0.55 -7.19 -1.76
N VAL A 71 -1.82 -7.29 -2.15
CA VAL A 71 -2.92 -7.11 -1.21
C VAL A 71 -3.81 -8.34 -1.21
N PHE A 72 -3.99 -8.95 -0.05
CA PHE A 72 -4.82 -10.14 0.07
C PHE A 72 -5.88 -9.97 1.14
N GLN A 73 -6.85 -10.87 1.17
CA GLN A 73 -7.91 -10.82 2.17
C GLN A 73 -7.68 -11.89 3.24
N GLN A 74 -8.10 -11.61 4.46
CA GLN A 74 -7.92 -12.53 5.57
C GLN A 74 -8.89 -13.71 5.45
N GLN A 75 -8.44 -14.87 5.92
CA GLN A 75 -9.24 -16.08 5.88
C GLN A 75 -10.41 -15.98 6.87
N THR A 76 -11.47 -16.72 6.59
CA THR A 76 -12.64 -16.72 7.44
C THR A 76 -12.65 -17.93 8.36
N GLY A 77 -12.32 -19.09 7.80
CA GLY A 77 -12.29 -20.31 8.58
C GLY A 77 -13.10 -21.41 7.94
N ASP B 1 -9.97 0.94 -19.20
CA ASP B 1 -9.30 0.14 -18.19
C ASP B 1 -9.52 0.73 -16.81
N THR B 2 -8.81 0.23 -15.82
CA THR B 2 -8.97 0.76 -14.49
C THR B 2 -7.65 1.33 -13.97
N ALA B 3 -7.69 2.61 -13.63
CA ALA B 3 -6.53 3.29 -13.08
C ALA B 3 -6.91 3.95 -11.78
N GLY B 4 -6.16 3.68 -10.74
CA GLY B 4 -6.44 4.28 -9.45
C GLY B 4 -5.26 5.07 -8.94
N CYS B 5 -5.48 6.32 -8.56
CA CYS B 5 -4.40 7.14 -8.04
C CYS B 5 -4.72 7.61 -6.63
N ILE B 6 -3.80 7.33 -5.71
CA ILE B 6 -3.95 7.73 -4.32
C ILE B 6 -2.73 8.50 -3.84
N VAL B 7 -2.93 9.68 -3.25
CA VAL B 7 -1.81 10.44 -2.72
C VAL B 7 -1.99 10.69 -1.22
N ILE B 8 -0.99 10.32 -0.44
CA ILE B 8 -1.05 10.51 1.01
C ILE B 8 0.11 11.34 1.51
N SEP B 9 -0.20 12.36 2.32
CA SEP B 9 0.83 13.22 2.87
CB SEP B 9 0.64 14.65 2.37
OG SEP B 9 0.48 14.70 0.97
C SEP B 9 0.81 13.17 4.39
O SEP B 9 -0.24 13.29 5.01
P SEP B 9 1.15 15.90 0.14
O1P SEP B 9 1.65 17.01 0.98
O2P SEP B 9 0.37 16.35 -1.01
O3P SEP B 9 2.48 15.27 -0.48
H SEP B 9 -1.13 12.52 2.55
HA SEP B 9 1.78 12.86 2.52
HB2 SEP B 9 1.50 15.24 2.65
HB3 SEP B 9 -0.25 15.07 2.84
N ASP B 10 1.98 12.94 4.96
CA ASP B 10 2.13 12.89 6.41
C ASP B 10 3.13 13.94 6.85
N SEP B 11 2.75 14.75 7.82
CA SEP B 11 3.60 15.79 8.33
CB SEP B 11 2.95 17.15 8.10
OG SEP B 11 1.67 17.22 8.72
C SEP B 11 3.89 15.59 9.81
O SEP B 11 2.98 15.24 10.58
P SEP B 11 0.34 16.90 7.88
O1P SEP B 11 -0.86 17.61 8.37
O2P SEP B 11 0.51 16.97 6.43
O3P SEP B 11 0.03 15.35 8.18
H SEP B 11 1.84 14.65 8.19
HA SEP B 11 4.54 15.76 7.78
HB2 SEP B 11 2.84 17.32 7.04
HB3 SEP B 11 3.58 17.92 8.51
N GLU B 12 5.15 15.75 10.19
CA GLU B 12 5.58 15.59 11.57
C GLU B 12 4.78 16.51 12.51
N ASP A 1 11.91 13.19 -2.22
CA ASP A 1 10.89 13.36 -3.24
C ASP A 1 9.79 12.33 -3.06
N HIS A 2 8.78 12.37 -3.93
CA HIS A 2 7.67 11.43 -3.85
C HIS A 2 7.99 10.15 -4.61
N ILE A 3 7.72 9.01 -3.98
CA ILE A 3 7.96 7.72 -4.59
C ILE A 3 6.66 7.14 -5.15
N ASN A 4 6.76 6.49 -6.30
CA ASN A 4 5.58 5.91 -6.95
C ASN A 4 5.48 4.42 -6.67
N LEU A 5 4.55 4.07 -5.80
CA LEU A 5 4.32 2.67 -5.44
C LEU A 5 3.03 2.17 -6.09
N LYS A 6 3.11 1.05 -6.77
CA LYS A 6 1.94 0.49 -7.44
C LYS A 6 1.32 -0.63 -6.62
N VAL A 7 0.10 -0.43 -6.19
CA VAL A 7 -0.62 -1.44 -5.42
C VAL A 7 -1.41 -2.33 -6.37
N ALA A 8 -1.37 -3.64 -6.13
CA ALA A 8 -2.08 -4.58 -6.97
C ALA A 8 -2.77 -5.66 -6.13
N GLY A 9 -4.07 -5.75 -6.27
CA GLY A 9 -4.83 -6.75 -5.54
C GLY A 9 -4.85 -8.08 -6.27
N GLN A 10 -6.00 -8.75 -6.27
CA GLN A 10 -6.14 -10.03 -6.92
C GLN A 10 -7.07 -9.95 -8.12
N ASP A 11 -7.42 -8.72 -8.50
CA ASP A 11 -8.32 -8.51 -9.63
C ASP A 11 -7.56 -7.95 -10.83
N GLY A 12 -7.00 -6.76 -10.69
CA GLY A 12 -6.26 -6.14 -11.77
C GLY A 12 -6.28 -4.63 -11.69
N SER A 13 -7.07 -4.09 -10.78
CA SER A 13 -7.15 -2.64 -10.60
C SER A 13 -5.89 -2.11 -9.93
N VAL A 14 -4.98 -1.58 -10.74
CA VAL A 14 -3.72 -1.06 -10.23
C VAL A 14 -3.91 0.35 -9.64
N VAL A 15 -3.38 0.55 -8.45
CA VAL A 15 -3.46 1.85 -7.80
C VAL A 15 -2.08 2.40 -7.53
N GLN A 16 -1.81 3.59 -8.05
CA GLN A 16 -0.53 4.23 -7.88
C GLN A 16 -0.55 5.15 -6.66
N PHE A 17 0.26 4.82 -5.68
CA PHE A 17 0.34 5.60 -4.46
C PHE A 17 1.49 6.59 -4.54
N LYS A 18 1.15 7.86 -4.35
CA LYS A 18 2.13 8.93 -4.37
C LYS A 18 2.40 9.36 -2.93
N ILE A 19 3.49 8.85 -2.37
CA ILE A 19 3.85 9.17 -1.00
C ILE A 19 5.37 9.41 -0.91
N LYS A 20 5.80 10.13 0.12
CA LYS A 20 7.22 10.39 0.30
C LYS A 20 7.91 9.19 0.91
N ARG A 21 9.22 9.12 0.79
CA ARG A 21 9.98 7.98 1.32
C ARG A 21 10.01 7.99 2.85
N HIS A 22 9.66 9.12 3.45
CA HIS A 22 9.63 9.23 4.91
C HIS A 22 8.21 9.04 5.44
N THR A 23 7.27 8.91 4.51
CA THR A 23 5.87 8.73 4.85
C THR A 23 5.55 7.28 5.22
N PRO A 24 5.03 7.05 6.43
CA PRO A 24 4.68 5.71 6.93
C PRO A 24 3.73 4.97 5.99
N LEU A 25 3.99 3.68 5.81
CA LEU A 25 3.17 2.84 4.95
C LEU A 25 1.85 2.48 5.62
N SER A 26 1.73 2.84 6.88
CA SER A 26 0.53 2.59 7.66
C SER A 26 -0.68 3.26 7.01
N LYS A 27 -0.53 4.54 6.65
CA LYS A 27 -1.62 5.27 6.02
C LYS A 27 -1.89 4.71 4.62
N LEU A 28 -0.85 4.17 3.99
CA LEU A 28 -0.97 3.60 2.66
C LEU A 28 -1.90 2.40 2.67
N MET A 29 -1.77 1.58 3.71
CA MET A 29 -2.59 0.40 3.85
C MET A 29 -4.02 0.78 4.23
N LYS A 30 -4.14 1.79 5.09
CA LYS A 30 -5.44 2.26 5.56
C LYS A 30 -6.21 3.00 4.46
N ALA A 31 -5.53 3.90 3.76
CA ALA A 31 -6.16 4.69 2.71
C ALA A 31 -6.86 3.83 1.66
N TYR A 32 -6.12 2.88 1.09
CA TYR A 32 -6.70 2.01 0.07
C TYR A 32 -7.81 1.16 0.66
N CYS A 33 -7.60 0.67 1.88
CA CYS A 33 -8.59 -0.15 2.56
C CYS A 33 -9.89 0.63 2.75
N GLU A 34 -9.75 1.90 3.15
CA GLU A 34 -10.90 2.77 3.36
C GLU A 34 -11.64 2.99 2.05
N ARG A 35 -10.88 3.10 0.97
CA ARG A 35 -11.43 3.31 -0.36
C ARG A 35 -12.24 2.09 -0.80
N GLN A 36 -11.83 0.92 -0.34
CA GLN A 36 -12.51 -0.32 -0.69
C GLN A 36 -13.70 -0.54 0.23
N GLY A 37 -13.69 0.13 1.38
CA GLY A 37 -14.76 0.01 2.33
C GLY A 37 -14.68 -1.29 3.12
N LEU A 38 -13.47 -1.63 3.54
CA LEU A 38 -13.25 -2.85 4.31
C LEU A 38 -12.38 -2.55 5.53
N SER A 39 -12.15 -3.56 6.34
CA SER A 39 -11.33 -3.41 7.53
C SER A 39 -9.90 -3.84 7.21
N MET A 40 -8.92 -3.11 7.74
CA MET A 40 -7.52 -3.42 7.48
C MET A 40 -7.15 -4.75 8.11
N ARG A 41 -8.00 -5.24 9.00
CA ARG A 41 -7.79 -6.52 9.66
C ARG A 41 -8.32 -7.65 8.79
N GLN A 42 -9.16 -7.29 7.83
CA GLN A 42 -9.76 -8.27 6.93
C GLN A 42 -8.82 -8.58 5.76
N ILE A 43 -7.93 -7.65 5.46
CA ILE A 43 -7.00 -7.84 4.37
C ILE A 43 -5.56 -7.94 4.86
N ARG A 44 -4.65 -8.24 3.95
CA ARG A 44 -3.23 -8.36 4.26
C ARG A 44 -2.40 -7.71 3.17
N PHE A 45 -1.24 -7.19 3.53
CA PHE A 45 -0.35 -6.54 2.57
C PHE A 45 1.04 -7.18 2.65
N ARG A 46 1.65 -7.39 1.49
CA ARG A 46 2.97 -8.01 1.44
C ARG A 46 3.91 -7.27 0.50
N PHE A 47 5.20 -7.33 0.82
CA PHE A 47 6.24 -6.71 0.02
C PHE A 47 7.45 -7.63 -0.01
N ASP A 48 7.91 -7.95 -1.22
CA ASP A 48 9.08 -8.83 -1.41
C ASP A 48 8.79 -10.22 -0.85
N GLY A 49 7.51 -10.55 -0.70
CA GLY A 49 7.12 -11.84 -0.18
C GLY A 49 7.00 -11.84 1.34
N GLN A 50 7.25 -10.70 1.95
CA GLN A 50 7.17 -10.57 3.40
C GLN A 50 6.02 -9.66 3.80
N PRO A 51 5.35 -9.95 4.93
CA PRO A 51 4.24 -9.12 5.41
C PRO A 51 4.71 -7.73 5.83
N ILE A 52 3.96 -6.71 5.44
CA ILE A 52 4.30 -5.33 5.77
C ILE A 52 3.84 -4.96 7.18
N ASN A 53 4.71 -4.25 7.90
CA ASN A 53 4.39 -3.82 9.26
C ASN A 53 3.72 -2.46 9.24
N GLU A 54 3.02 -2.14 10.33
CA GLU A 54 2.30 -0.86 10.44
C GLU A 54 3.23 0.25 10.90
N THR A 55 4.50 -0.06 11.06
CA THR A 55 5.49 0.92 11.48
C THR A 55 6.66 0.96 10.51
N ASP A 56 6.38 0.64 9.25
CA ASP A 56 7.42 0.62 8.24
C ASP A 56 7.27 1.79 7.27
N THR A 57 8.36 2.11 6.59
CA THR A 57 8.39 3.20 5.64
C THR A 57 9.09 2.74 4.35
N PRO A 58 8.89 3.43 3.22
CA PRO A 58 9.52 3.05 1.95
C PRO A 58 11.05 3.02 2.05
N ALA A 59 11.61 3.99 2.77
CA ALA A 59 13.05 4.08 2.94
C ALA A 59 13.54 3.09 4.00
N GLN A 60 12.61 2.39 4.62
CA GLN A 60 12.96 1.41 5.65
C GLN A 60 12.94 0.01 5.07
N LEU A 61 12.12 -0.19 4.05
CA LEU A 61 12.02 -1.49 3.39
C LEU A 61 12.81 -1.51 2.09
N GLU A 62 13.62 -0.48 1.89
CA GLU A 62 14.44 -0.35 0.69
C GLU A 62 13.58 -0.42 -0.57
N MET A 63 12.49 0.33 -0.55
CA MET A 63 11.57 0.36 -1.68
C MET A 63 11.96 1.46 -2.66
N GLU A 64 11.83 1.17 -3.94
CA GLU A 64 12.17 2.13 -4.97
C GLU A 64 10.95 2.46 -5.82
N ASP A 65 11.14 3.32 -6.81
CA ASP A 65 10.05 3.73 -7.69
C ASP A 65 9.58 2.56 -8.54
N GLU A 66 8.33 2.63 -8.97
CA GLU A 66 7.73 1.59 -9.81
C GLU A 66 7.65 0.25 -9.09
N ASP A 67 7.53 0.29 -7.77
CA ASP A 67 7.45 -0.93 -6.98
C ASP A 67 6.02 -1.46 -6.97
N THR A 68 5.83 -2.64 -6.40
CA THR A 68 4.51 -3.25 -6.36
C THR A 68 4.19 -3.80 -4.97
N ILE A 69 3.00 -3.48 -4.49
CA ILE A 69 2.54 -3.94 -3.18
C ILE A 69 1.43 -4.98 -3.35
N ASP A 70 1.57 -6.11 -2.68
CA ASP A 70 0.59 -7.19 -2.79
C ASP A 70 -0.50 -7.07 -1.74
N VAL A 71 -1.72 -7.44 -2.11
CA VAL A 71 -2.87 -7.38 -1.22
C VAL A 71 -3.58 -8.73 -1.19
N PHE A 72 -3.80 -9.25 0.01
CA PHE A 72 -4.47 -10.54 0.19
C PHE A 72 -5.68 -10.39 1.10
N GLN A 73 -6.50 -11.43 1.17
CA GLN A 73 -7.70 -11.44 2.01
C GLN A 73 -7.54 -12.45 3.14
N GLN A 74 -8.05 -12.10 4.31
CA GLN A 74 -7.98 -12.98 5.48
C GLN A 74 -9.01 -14.09 5.36
N GLN A 75 -8.61 -15.29 5.77
CA GLN A 75 -9.47 -16.46 5.73
C GLN A 75 -10.75 -16.25 6.53
N THR A 76 -11.83 -16.85 6.08
CA THR A 76 -13.12 -16.72 6.75
C THR A 76 -13.29 -17.76 7.85
N GLY A 77 -12.66 -18.92 7.65
CA GLY A 77 -12.75 -19.99 8.63
C GLY A 77 -12.63 -21.36 7.99
N ASP B 1 -9.76 0.77 -19.29
CA ASP B 1 -8.85 0.27 -18.26
C ASP B 1 -9.15 0.95 -16.93
N THR B 2 -8.58 0.43 -15.84
CA THR B 2 -8.85 1.03 -14.55
C THR B 2 -7.56 1.54 -13.91
N ALA B 3 -7.55 2.82 -13.59
CA ALA B 3 -6.40 3.45 -12.98
C ALA B 3 -6.81 4.14 -11.69
N GLY B 4 -6.11 3.87 -10.61
CA GLY B 4 -6.40 4.53 -9.34
C GLY B 4 -5.19 5.26 -8.83
N CYS B 5 -5.36 6.53 -8.51
CA CYS B 5 -4.25 7.31 -8.00
C CYS B 5 -4.57 7.86 -6.62
N ILE B 6 -3.71 7.54 -5.65
CA ILE B 6 -3.87 8.00 -4.29
C ILE B 6 -2.59 8.71 -3.80
N VAL B 7 -2.73 9.89 -3.23
CA VAL B 7 -1.59 10.61 -2.70
C VAL B 7 -1.77 10.85 -1.20
N ILE B 8 -0.77 10.47 -0.41
CA ILE B 8 -0.83 10.64 1.03
C ILE B 8 0.33 11.49 1.50
N SEP B 9 0.02 12.50 2.30
CA SEP B 9 1.06 13.37 2.82
CB SEP B 9 0.84 14.81 2.35
OG SEP B 9 1.19 14.97 0.98
C SEP B 9 1.09 13.32 4.34
O SEP B 9 0.05 13.45 4.99
P SEP B 9 2.51 15.76 0.59
O1P SEP B 9 2.97 16.73 1.60
O2P SEP B 9 2.49 16.31 -0.78
O3P SEP B 9 3.67 14.66 0.55
H SEP B 9 -0.90 12.67 2.54
HA SEP B 9 2.02 13.03 2.45
HB2 SEP B 9 1.46 15.49 2.93
HB3 SEP B 9 -0.20 15.08 2.48
N ASP B 10 2.26 13.09 4.90
CA ASP B 10 2.39 13.00 6.34
C ASP B 10 3.37 14.04 6.85
N SEP B 11 2.95 14.82 7.84
CA SEP B 11 3.81 15.83 8.42
CB SEP B 11 3.18 17.21 8.20
OG SEP B 11 1.76 17.14 8.13
C SEP B 11 4.02 15.57 9.91
O SEP B 11 3.07 15.31 10.65
P SEP B 11 0.97 17.99 7.04
O1P SEP B 11 -0.50 17.93 7.19
O2P SEP B 11 1.49 19.35 6.84
O3P SEP B 11 1.25 17.24 5.65
H SEP B 11 2.04 14.70 8.18
HA SEP B 11 4.76 15.80 7.92
HB2 SEP B 11 3.55 17.63 7.27
HB3 SEP B 11 3.46 17.87 9.02
N GLU B 12 5.28 15.61 10.33
CA GLU B 12 5.61 15.40 11.73
C GLU B 12 5.73 16.72 12.47
N ASP A 1 11.73 14.47 -2.84
CA ASP A 1 10.85 14.42 -4.00
C ASP A 1 9.72 13.42 -3.73
N HIS A 2 8.93 13.11 -4.76
CA HIS A 2 7.82 12.19 -4.61
C HIS A 2 8.09 10.89 -5.35
N ILE A 3 7.87 9.78 -4.68
CA ILE A 3 8.07 8.47 -5.26
C ILE A 3 6.71 7.79 -5.49
N ASN A 4 6.58 7.07 -6.59
CA ASN A 4 5.32 6.42 -6.91
C ASN A 4 5.41 4.91 -6.73
N LEU A 5 4.37 4.33 -6.15
CA LEU A 5 4.29 2.91 -5.92
C LEU A 5 3.07 2.32 -6.61
N LYS A 6 3.03 1.01 -6.76
CA LYS A 6 1.90 0.35 -7.40
C LYS A 6 1.26 -0.68 -6.47
N VAL A 7 -0.06 -0.68 -6.45
CA VAL A 7 -0.81 -1.63 -5.63
C VAL A 7 -1.33 -2.77 -6.50
N ALA A 8 -0.98 -3.99 -6.13
CA ALA A 8 -1.40 -5.16 -6.89
C ALA A 8 -2.70 -5.75 -6.34
N GLY A 9 -3.79 -5.51 -7.05
CA GLY A 9 -5.06 -6.05 -6.65
C GLY A 9 -5.26 -7.43 -7.25
N GLN A 10 -6.12 -8.23 -6.65
CA GLN A 10 -6.39 -9.57 -7.14
C GLN A 10 -7.49 -9.56 -8.19
N ASP A 11 -8.10 -8.40 -8.38
CA ASP A 11 -9.17 -8.25 -9.35
C ASP A 11 -8.65 -7.61 -10.64
N GLY A 12 -7.39 -7.16 -10.60
CA GLY A 12 -6.78 -6.55 -11.76
C GLY A 12 -6.64 -5.04 -11.64
N SER A 13 -7.25 -4.46 -10.62
CA SER A 13 -7.16 -3.01 -10.42
C SER A 13 -5.80 -2.65 -9.82
N VAL A 14 -5.20 -1.59 -10.35
CA VAL A 14 -3.90 -1.12 -9.88
C VAL A 14 -4.00 0.33 -9.46
N VAL A 15 -3.48 0.63 -8.27
CA VAL A 15 -3.50 2.00 -7.77
C VAL A 15 -2.11 2.56 -7.62
N GLN A 16 -1.89 3.71 -8.24
CA GLN A 16 -0.62 4.41 -8.18
C GLN A 16 -0.56 5.19 -6.88
N PHE A 17 0.35 4.80 -6.01
CA PHE A 17 0.49 5.44 -4.72
C PHE A 17 1.61 6.47 -4.72
N LYS A 18 1.23 7.73 -4.71
CA LYS A 18 2.19 8.83 -4.66
C LYS A 18 2.42 9.21 -3.21
N ILE A 19 3.57 8.84 -2.69
CA ILE A 19 3.90 9.12 -1.29
C ILE A 19 5.35 9.57 -1.15
N LYS A 20 5.70 10.11 0.01
CA LYS A 20 7.07 10.54 0.26
C LYS A 20 7.84 9.40 0.92
N ARG A 21 9.16 9.41 0.79
CA ARG A 21 9.99 8.35 1.34
C ARG A 21 9.93 8.30 2.86
N HIS A 22 9.59 9.42 3.49
CA HIS A 22 9.50 9.48 4.95
C HIS A 22 8.08 9.14 5.43
N THR A 23 7.15 9.03 4.49
CA THR A 23 5.76 8.74 4.81
C THR A 23 5.57 7.25 5.14
N PRO A 24 5.11 6.95 6.36
CA PRO A 24 4.89 5.56 6.81
C PRO A 24 3.95 4.79 5.89
N LEU A 25 4.22 3.49 5.74
CA LEU A 25 3.41 2.62 4.90
C LEU A 25 2.06 2.34 5.55
N SER A 26 1.91 2.78 6.79
CA SER A 26 0.67 2.60 7.53
C SER A 26 -0.48 3.29 6.81
N LYS A 27 -0.18 4.39 6.12
CA LYS A 27 -1.18 5.13 5.38
C LYS A 27 -1.64 4.34 4.17
N LEU A 28 -0.74 3.54 3.62
CA LEU A 28 -1.04 2.72 2.44
C LEU A 28 -2.08 1.67 2.79
N MET A 29 -1.97 1.12 3.99
CA MET A 29 -2.90 0.09 4.45
C MET A 29 -4.17 0.71 5.02
N LYS A 30 -4.29 2.03 4.94
CA LYS A 30 -5.46 2.74 5.45
C LYS A 30 -6.21 3.44 4.33
N ALA A 31 -5.51 4.28 3.57
CA ALA A 31 -6.13 5.03 2.48
C ALA A 31 -6.79 4.09 1.47
N TYR A 32 -6.08 3.05 1.07
CA TYR A 32 -6.61 2.08 0.11
C TYR A 32 -7.69 1.22 0.77
N CYS A 33 -7.57 1.04 2.08
CA CYS A 33 -8.53 0.24 2.83
C CYS A 33 -9.88 0.96 2.90
N GLU A 34 -9.83 2.26 3.17
CA GLU A 34 -11.04 3.08 3.26
C GLU A 34 -11.73 3.16 1.90
N ARG A 35 -10.94 3.22 0.83
CA ARG A 35 -11.49 3.29 -0.52
C ARG A 35 -12.29 2.05 -0.85
N GLN A 36 -11.79 0.89 -0.44
CA GLN A 36 -12.49 -0.37 -0.70
C GLN A 36 -13.63 -0.57 0.30
N GLY A 37 -13.61 0.20 1.37
CA GLY A 37 -14.63 0.09 2.39
C GLY A 37 -14.51 -1.18 3.20
N LEU A 38 -13.27 -1.60 3.44
CA LEU A 38 -13.01 -2.81 4.20
C LEU A 38 -12.17 -2.51 5.43
N SER A 39 -12.08 -3.47 6.33
CA SER A 39 -11.30 -3.30 7.53
C SER A 39 -9.87 -3.80 7.31
N MET A 40 -8.90 -3.07 7.86
CA MET A 40 -7.49 -3.43 7.73
C MET A 40 -7.22 -4.80 8.35
N ARG A 41 -8.10 -5.20 9.27
CA ARG A 41 -7.96 -6.47 9.95
C ARG A 41 -8.46 -7.61 9.07
N GLN A 42 -9.11 -7.28 7.97
CA GLN A 42 -9.64 -8.29 7.05
C GLN A 42 -8.66 -8.56 5.92
N ILE A 43 -7.98 -7.53 5.46
CA ILE A 43 -7.03 -7.66 4.36
C ILE A 43 -5.60 -7.79 4.89
N ARG A 44 -4.69 -8.19 4.00
CA ARG A 44 -3.28 -8.36 4.34
C ARG A 44 -2.41 -7.77 3.25
N PHE A 45 -1.30 -7.16 3.63
CA PHE A 45 -0.39 -6.55 2.67
C PHE A 45 0.98 -7.24 2.71
N ARG A 46 1.53 -7.52 1.53
CA ARG A 46 2.84 -8.17 1.43
C ARG A 46 3.78 -7.38 0.53
N PHE A 47 5.06 -7.38 0.90
CA PHE A 47 6.09 -6.70 0.15
C PHE A 47 7.40 -7.47 0.23
N ASP A 48 8.02 -7.72 -0.92
CA ASP A 48 9.29 -8.46 -1.00
C ASP A 48 9.11 -9.88 -0.48
N GLY A 49 7.87 -10.39 -0.56
CA GLY A 49 7.57 -11.73 -0.11
C GLY A 49 7.26 -11.79 1.38
N GLN A 50 7.46 -10.69 2.08
CA GLN A 50 7.20 -10.63 3.51
C GLN A 50 5.99 -9.74 3.81
N PRO A 51 5.29 -9.98 4.92
CA PRO A 51 4.13 -9.17 5.30
C PRO A 51 4.54 -7.80 5.84
N ILE A 52 3.74 -6.78 5.53
CA ILE A 52 4.03 -5.42 5.97
C ILE A 52 3.43 -5.15 7.34
N ASN A 53 4.24 -4.61 8.24
CA ASN A 53 3.78 -4.29 9.57
C ASN A 53 3.34 -2.83 9.64
N GLU A 54 2.74 -2.44 10.75
CA GLU A 54 2.27 -1.07 10.93
C GLU A 54 3.38 -0.18 11.46
N THR A 55 4.60 -0.70 11.45
CA THR A 55 5.76 0.01 11.94
C THR A 55 6.86 0.08 10.88
N ASP A 56 6.46 0.04 9.61
CA ASP A 56 7.45 0.07 8.52
C ASP A 56 7.26 1.28 7.62
N THR A 57 8.38 1.77 7.11
CA THR A 57 8.41 2.91 6.21
C THR A 57 9.09 2.49 4.90
N PRO A 58 8.89 3.24 3.81
CA PRO A 58 9.49 2.93 2.51
C PRO A 58 11.01 2.87 2.61
N ALA A 59 11.59 3.77 3.38
CA ALA A 59 13.02 3.83 3.56
C ALA A 59 13.53 2.60 4.32
N GLN A 60 12.76 2.15 5.29
CA GLN A 60 13.13 0.99 6.10
C GLN A 60 13.24 -0.27 5.25
N LEU A 61 12.35 -0.42 4.29
CA LEU A 61 12.37 -1.59 3.43
C LEU A 61 13.10 -1.29 2.12
N GLU A 62 13.74 -0.12 2.07
CA GLU A 62 14.49 0.34 0.90
C GLU A 62 13.66 0.19 -0.37
N MET A 63 12.45 0.72 -0.34
CA MET A 63 11.53 0.64 -1.46
C MET A 63 11.92 1.62 -2.56
N GLU A 64 11.68 1.22 -3.80
CA GLU A 64 11.99 2.05 -4.95
C GLU A 64 10.74 2.31 -5.77
N ASP A 65 10.87 3.11 -6.82
CA ASP A 65 9.74 3.41 -7.69
C ASP A 65 9.42 2.18 -8.52
N GLU A 66 8.19 2.12 -9.03
CA GLU A 66 7.74 0.98 -9.86
C GLU A 66 7.58 -0.29 -9.03
N ASP A 67 7.74 -0.17 -7.72
CA ASP A 67 7.60 -1.32 -6.83
C ASP A 67 6.13 -1.63 -6.61
N THR A 68 5.81 -2.91 -6.48
CA THR A 68 4.42 -3.31 -6.31
C THR A 68 4.19 -4.06 -4.99
N ILE A 69 3.12 -3.71 -4.30
CA ILE A 69 2.74 -4.35 -3.04
C ILE A 69 1.52 -5.23 -3.27
N ASP A 70 1.57 -6.45 -2.76
CA ASP A 70 0.48 -7.39 -2.94
C ASP A 70 -0.56 -7.26 -1.83
N VAL A 71 -1.83 -7.27 -2.21
CA VAL A 71 -2.91 -7.17 -1.26
C VAL A 71 -3.72 -8.46 -1.25
N PHE A 72 -3.82 -9.08 -0.08
CA PHE A 72 -4.56 -10.33 0.06
C PHE A 72 -5.65 -10.18 1.12
N GLN A 73 -6.41 -11.23 1.33
CA GLN A 73 -7.47 -11.21 2.33
C GLN A 73 -7.35 -12.41 3.26
N GLN A 74 -7.65 -12.19 4.54
CA GLN A 74 -7.58 -13.25 5.52
C GLN A 74 -8.66 -14.30 5.27
N GLN A 75 -8.31 -15.56 5.49
CA GLN A 75 -9.24 -16.67 5.30
C GLN A 75 -10.48 -16.48 6.17
N THR A 76 -11.63 -16.87 5.62
CA THR A 76 -12.89 -16.74 6.34
C THR A 76 -12.91 -17.64 7.58
N GLY A 77 -12.52 -18.89 7.39
CA GLY A 77 -12.50 -19.83 8.50
C GLY A 77 -12.91 -21.22 8.06
N ASP B 1 -10.49 2.13 -18.93
CA ASP B 1 -9.74 1.09 -18.23
C ASP B 1 -9.79 1.36 -16.73
N THR B 2 -8.93 0.72 -15.95
CA THR B 2 -8.94 0.97 -14.53
C THR B 2 -7.62 1.57 -14.09
N ALA B 3 -7.70 2.80 -13.59
CA ALA B 3 -6.57 3.51 -13.07
C ALA B 3 -6.90 4.08 -11.71
N GLY B 4 -6.09 3.84 -10.71
CA GLY B 4 -6.36 4.38 -9.41
C GLY B 4 -5.23 5.24 -8.95
N CYS B 5 -5.51 6.44 -8.51
CA CYS B 5 -4.46 7.31 -8.03
C CYS B 5 -4.72 7.74 -6.59
N ILE B 6 -3.76 7.46 -5.73
CA ILE B 6 -3.85 7.84 -4.34
C ILE B 6 -2.60 8.60 -3.92
N VAL B 7 -2.77 9.76 -3.32
CA VAL B 7 -1.65 10.53 -2.85
C VAL B 7 -1.77 10.80 -1.35
N ILE B 8 -0.72 10.49 -0.60
CA ILE B 8 -0.74 10.72 0.83
C ILE B 8 0.40 11.65 1.19
N SEP B 9 0.09 12.67 1.94
CA SEP B 9 1.07 13.64 2.36
CB SEP B 9 0.63 15.04 1.94
OG SEP B 9 1.15 15.37 0.66
C SEP B 9 1.22 13.60 3.87
O SEP B 9 0.24 13.59 4.62
P SEP B 9 2.63 15.96 0.53
O1P SEP B 9 3.20 16.42 1.81
O2P SEP B 9 2.80 16.91 -0.56
O3P SEP B 9 3.53 14.72 0.12
H SEP B 9 -0.85 12.78 2.22
HA SEP B 9 2.01 13.40 1.89
HB2 SEP B 9 0.98 15.76 2.67
HB3 SEP B 9 -0.45 15.09 1.90
N ASP B 10 2.47 13.53 4.31
CA ASP B 10 2.78 13.49 5.73
C ASP B 10 3.64 14.68 6.11
N SEP B 11 3.20 15.41 7.12
CA SEP B 11 3.92 16.57 7.61
CB SEP B 11 3.07 17.82 7.39
OG SEP B 11 1.70 17.58 7.68
C SEP B 11 4.28 16.40 9.07
O SEP B 11 3.45 15.97 9.88
P SEP B 11 0.74 18.80 8.07
O1P SEP B 11 -0.13 18.52 9.24
O2P SEP B 11 1.41 20.10 8.13
O3P SEP B 11 -0.28 18.92 6.85
H SEP B 11 2.37 15.16 7.57
HA SEP B 11 4.83 16.66 7.04
HB2 SEP B 11 3.16 18.14 6.36
HB3 SEP B 11 3.43 18.61 8.04
N GLU B 12 5.53 16.69 9.42
CA GLU B 12 6.00 16.59 10.79
C GLU B 12 5.17 17.47 11.73
N ASP A 1 11.04 14.66 -2.84
CA ASP A 1 10.90 13.62 -3.85
C ASP A 1 9.78 12.66 -3.49
N HIS A 2 8.84 12.50 -4.40
CA HIS A 2 7.71 11.60 -4.17
C HIS A 2 7.93 10.28 -4.86
N ILE A 3 7.69 9.19 -4.15
CA ILE A 3 7.87 7.86 -4.70
C ILE A 3 6.51 7.26 -5.06
N ASN A 4 6.38 6.75 -6.27
CA ASN A 4 5.13 6.16 -6.73
C ASN A 4 5.15 4.65 -6.61
N LEU A 5 4.31 4.14 -5.72
CA LEU A 5 4.21 2.70 -5.49
C LEU A 5 3.01 2.13 -6.24
N LYS A 6 3.14 0.91 -6.72
CA LYS A 6 2.06 0.26 -7.45
C LYS A 6 1.39 -0.81 -6.60
N VAL A 7 0.12 -0.61 -6.33
CA VAL A 7 -0.65 -1.58 -5.55
C VAL A 7 -1.38 -2.51 -6.51
N ALA A 8 -1.14 -3.80 -6.39
CA ALA A 8 -1.75 -4.78 -7.26
C ALA A 8 -2.82 -5.60 -6.56
N GLY A 9 -4.05 -5.45 -7.02
CA GLY A 9 -5.16 -6.18 -6.44
C GLY A 9 -5.36 -7.51 -7.12
N GLN A 10 -6.14 -8.39 -6.50
CA GLN A 10 -6.40 -9.72 -7.06
C GLN A 10 -7.45 -9.65 -8.17
N ASP A 11 -8.09 -8.48 -8.30
CA ASP A 11 -9.11 -8.28 -9.31
C ASP A 11 -8.50 -7.72 -10.59
N GLY A 12 -7.22 -7.36 -10.53
CA GLY A 12 -6.54 -6.82 -11.71
C GLY A 12 -6.45 -5.30 -11.70
N SER A 13 -6.90 -4.70 -10.61
CA SER A 13 -6.87 -3.25 -10.48
C SER A 13 -5.44 -2.76 -10.22
N VAL A 14 -5.11 -1.59 -10.75
CA VAL A 14 -3.79 -1.01 -10.55
C VAL A 14 -3.92 0.35 -9.87
N VAL A 15 -3.45 0.44 -8.63
CA VAL A 15 -3.52 1.68 -7.88
C VAL A 15 -2.13 2.26 -7.67
N GLN A 16 -1.96 3.50 -8.09
CA GLN A 16 -0.69 4.20 -7.96
C GLN A 16 -0.69 5.04 -6.69
N PHE A 17 0.14 4.65 -5.74
CA PHE A 17 0.23 5.35 -4.46
C PHE A 17 1.40 6.33 -4.47
N LYS A 18 1.09 7.61 -4.50
CA LYS A 18 2.10 8.64 -4.47
C LYS A 18 2.34 9.07 -3.03
N ILE A 19 3.44 8.58 -2.45
CA ILE A 19 3.77 8.90 -1.07
C ILE A 19 5.24 9.31 -0.97
N LYS A 20 5.64 9.84 0.18
CA LYS A 20 7.02 10.24 0.39
C LYS A 20 7.80 9.11 1.03
N ARG A 21 9.11 9.09 0.82
CA ARG A 21 9.97 8.05 1.35
C ARG A 21 9.98 8.05 2.88
N HIS A 22 9.68 9.20 3.47
CA HIS A 22 9.65 9.32 4.93
C HIS A 22 8.23 9.10 5.46
N THR A 23 7.29 8.90 4.54
CA THR A 23 5.90 8.69 4.90
C THR A 23 5.64 7.24 5.26
N PRO A 24 5.19 6.99 6.51
CA PRO A 24 4.87 5.64 6.99
C PRO A 24 3.88 4.91 6.09
N LEU A 25 4.12 3.62 5.87
CA LEU A 25 3.26 2.81 5.02
C LEU A 25 1.92 2.50 5.70
N SER A 26 1.76 2.99 6.92
CA SER A 26 0.54 2.78 7.68
C SER A 26 -0.65 3.44 6.96
N LYS A 27 -0.42 4.62 6.39
CA LYS A 27 -1.49 5.32 5.67
C LYS A 27 -1.81 4.59 4.37
N LEU A 28 -0.81 3.95 3.79
CA LEU A 28 -0.97 3.22 2.54
C LEU A 28 -2.02 2.12 2.68
N MET A 29 -1.93 1.36 3.76
CA MET A 29 -2.85 0.28 4.01
C MET A 29 -4.24 0.81 4.32
N LYS A 30 -4.29 1.84 5.17
CA LYS A 30 -5.55 2.44 5.58
C LYS A 30 -6.26 3.15 4.42
N ALA A 31 -5.51 3.94 3.65
CA ALA A 31 -6.09 4.69 2.53
C ALA A 31 -6.78 3.75 1.54
N TYR A 32 -6.13 2.65 1.20
CA TYR A 32 -6.69 1.70 0.26
C TYR A 32 -7.87 0.95 0.88
N CYS A 33 -7.77 0.61 2.16
CA CYS A 33 -8.83 -0.11 2.84
C CYS A 33 -10.09 0.75 2.96
N GLU A 34 -9.89 2.05 3.16
CA GLU A 34 -11.01 2.98 3.29
C GLU A 34 -11.72 3.14 1.96
N ARG A 35 -10.97 3.19 0.87
CA ARG A 35 -11.55 3.33 -0.46
C ARG A 35 -12.35 2.09 -0.83
N GLN A 36 -11.87 0.93 -0.39
CA GLN A 36 -12.54 -0.33 -0.67
C GLN A 36 -13.73 -0.51 0.27
N GLY A 37 -13.61 0.05 1.47
CA GLY A 37 -14.68 -0.06 2.45
C GLY A 37 -14.56 -1.31 3.29
N LEU A 38 -13.33 -1.71 3.56
CA LEU A 38 -13.07 -2.91 4.35
C LEU A 38 -12.11 -2.59 5.49
N SER A 39 -12.21 -3.37 6.56
CA SER A 39 -11.35 -3.19 7.71
C SER A 39 -9.91 -3.55 7.36
N MET A 40 -8.96 -2.87 7.98
CA MET A 40 -7.55 -3.10 7.74
C MET A 40 -7.13 -4.51 8.21
N ARG A 41 -7.95 -5.10 9.08
CA ARG A 41 -7.66 -6.44 9.60
C ARG A 41 -8.12 -7.51 8.60
N GLN A 42 -8.95 -7.12 7.66
CA GLN A 42 -9.46 -8.06 6.66
C GLN A 42 -8.48 -8.20 5.51
N ILE A 43 -7.74 -7.15 5.23
CA ILE A 43 -6.76 -7.15 4.15
C ILE A 43 -5.38 -7.55 4.63
N ARG A 44 -4.59 -8.09 3.72
CA ARG A 44 -3.23 -8.51 4.05
C ARG A 44 -2.26 -7.91 3.05
N PHE A 45 -1.40 -7.02 3.53
CA PHE A 45 -0.42 -6.37 2.66
C PHE A 45 0.91 -7.09 2.71
N ARG A 46 1.50 -7.33 1.54
CA ARG A 46 2.77 -8.02 1.45
C ARG A 46 3.72 -7.30 0.49
N PHE A 47 5.01 -7.38 0.78
CA PHE A 47 6.04 -6.77 -0.04
C PHE A 47 7.26 -7.67 -0.05
N ASP A 48 7.73 -8.03 -1.25
CA ASP A 48 8.89 -8.90 -1.42
C ASP A 48 8.64 -10.27 -0.79
N GLY A 49 7.37 -10.67 -0.79
CA GLY A 49 6.99 -11.95 -0.22
C GLY A 49 6.80 -11.90 1.28
N GLN A 50 7.26 -10.83 1.90
CA GLN A 50 7.15 -10.68 3.34
C GLN A 50 6.01 -9.74 3.71
N PRO A 51 5.23 -10.07 4.75
CA PRO A 51 4.11 -9.24 5.20
C PRO A 51 4.61 -7.87 5.67
N ILE A 52 3.80 -6.84 5.42
CA ILE A 52 4.17 -5.49 5.81
C ILE A 52 3.78 -5.22 7.25
N ASN A 53 4.66 -4.52 7.96
CA ASN A 53 4.45 -4.18 9.36
C ASN A 53 3.60 -2.91 9.46
N GLU A 54 3.27 -2.52 10.69
CA GLU A 54 2.47 -1.32 10.91
C GLU A 54 3.35 -0.14 11.30
N THR A 55 4.65 -0.37 11.35
CA THR A 55 5.60 0.67 11.72
C THR A 55 6.80 0.67 10.77
N ASP A 56 6.51 0.67 9.47
CA ASP A 56 7.58 0.65 8.46
C ASP A 56 7.38 1.75 7.43
N THR A 57 8.49 2.22 6.88
CA THR A 57 8.47 3.25 5.85
C THR A 57 9.18 2.74 4.60
N PRO A 58 8.93 3.37 3.44
CA PRO A 58 9.57 2.96 2.19
C PRO A 58 11.09 3.06 2.27
N ALA A 59 11.56 4.02 3.06
CA ALA A 59 12.98 4.23 3.25
C ALA A 59 13.59 3.15 4.15
N GLN A 60 12.83 2.71 5.14
CA GLN A 60 13.30 1.68 6.06
C GLN A 60 13.29 0.30 5.40
N LEU A 61 12.38 0.10 4.45
CA LEU A 61 12.29 -1.17 3.76
C LEU A 61 13.15 -1.16 2.49
N GLU A 62 13.79 -0.01 2.25
CA GLU A 62 14.66 0.17 1.08
C GLU A 62 13.89 -0.10 -0.22
N MET A 63 12.76 0.55 -0.37
CA MET A 63 11.93 0.39 -1.55
C MET A 63 12.25 1.46 -2.58
N GLU A 64 12.05 1.15 -3.84
CA GLU A 64 12.30 2.09 -4.92
C GLU A 64 11.02 2.37 -5.68
N ASP A 65 11.08 3.29 -6.64
CA ASP A 65 9.92 3.66 -7.43
C ASP A 65 9.49 2.49 -8.31
N GLU A 66 8.19 2.47 -8.65
CA GLU A 66 7.62 1.43 -9.50
C GLU A 66 7.64 0.06 -8.82
N ASP A 67 7.53 0.05 -7.50
CA ASP A 67 7.51 -1.21 -6.76
C ASP A 67 6.09 -1.74 -6.71
N THR A 68 5.93 -3.04 -6.53
CA THR A 68 4.61 -3.63 -6.51
C THR A 68 4.25 -4.20 -5.14
N ILE A 69 3.13 -3.74 -4.60
CA ILE A 69 2.65 -4.18 -3.30
C ILE A 69 1.46 -5.13 -3.49
N ASP A 70 1.49 -6.25 -2.82
CA ASP A 70 0.42 -7.25 -2.93
C ASP A 70 -0.61 -7.09 -1.82
N VAL A 71 -1.88 -7.20 -2.19
CA VAL A 71 -2.96 -7.07 -1.22
C VAL A 71 -3.86 -8.31 -1.27
N PHE A 72 -3.86 -9.07 -0.19
CA PHE A 72 -4.68 -10.27 -0.08
C PHE A 72 -5.76 -10.07 0.97
N GLN A 73 -6.50 -11.13 1.29
CA GLN A 73 -7.54 -11.04 2.30
C GLN A 73 -7.40 -12.17 3.32
N GLN A 74 -7.74 -11.88 4.57
CA GLN A 74 -7.67 -12.85 5.65
C GLN A 74 -8.71 -13.95 5.45
N GLN A 75 -8.31 -15.19 5.67
CA GLN A 75 -9.20 -16.33 5.51
C GLN A 75 -10.37 -16.26 6.49
N THR A 76 -11.57 -16.49 5.98
CA THR A 76 -12.78 -16.46 6.80
C THR A 76 -12.96 -17.75 7.61
N GLY A 77 -12.32 -18.81 7.14
CA GLY A 77 -12.42 -20.09 7.82
C GLY A 77 -11.11 -20.84 7.83
N ASP B 1 -9.58 0.20 -18.65
CA ASP B 1 -9.38 -0.63 -17.47
C ASP B 1 -9.61 0.21 -16.22
N THR B 2 -9.05 -0.20 -15.09
CA THR B 2 -9.23 0.57 -13.87
C THR B 2 -7.91 1.09 -13.33
N ALA B 3 -7.85 2.40 -13.15
CA ALA B 3 -6.67 3.06 -12.63
C ALA B 3 -7.04 3.89 -11.41
N GLY B 4 -6.32 3.69 -10.32
CA GLY B 4 -6.59 4.43 -9.12
C GLY B 4 -5.37 5.21 -8.67
N CYS B 5 -5.51 6.48 -8.35
CA CYS B 5 -4.38 7.27 -7.91
C CYS B 5 -4.64 7.79 -6.50
N ILE B 6 -3.73 7.49 -5.59
CA ILE B 6 -3.85 7.92 -4.21
C ILE B 6 -2.60 8.69 -3.78
N VAL B 7 -2.78 9.86 -3.18
CA VAL B 7 -1.64 10.62 -2.67
C VAL B 7 -1.81 10.87 -1.17
N ILE B 8 -0.79 10.53 -0.38
CA ILE B 8 -0.83 10.70 1.06
C ILE B 8 0.34 11.57 1.53
N SEP B 9 0.05 12.50 2.43
CA SEP B 9 1.08 13.39 2.96
CB SEP B 9 0.72 14.86 2.69
OG SEP B 9 0.76 15.16 1.32
C SEP B 9 1.25 13.17 4.45
O SEP B 9 0.27 13.12 5.20
P SEP B 9 1.82 16.22 0.78
O1P SEP B 9 2.60 16.90 1.83
O2P SEP B 9 1.28 17.15 -0.23
O3P SEP B 9 2.90 15.36 -0.02
H SEP B 9 -0.87 12.60 2.75
HA SEP B 9 2.01 13.17 2.45
HB2 SEP B 9 1.40 15.49 3.22
HB3 SEP B 9 -0.29 15.04 3.05
N ASP B 10 2.49 12.97 4.88
CA ASP B 10 2.77 12.78 6.30
C ASP B 10 3.79 13.80 6.78
N SEP B 11 3.48 14.52 7.84
CA SEP B 11 4.39 15.50 8.38
CB SEP B 11 3.77 16.90 8.25
OG SEP B 11 2.37 16.86 8.41
C SEP B 11 4.73 15.18 9.84
O SEP B 11 3.84 14.96 10.66
P SEP B 11 1.42 16.83 7.13
O1P SEP B 11 0.45 17.94 7.09
O2P SEP B 11 2.12 16.61 5.85
O3P SEP B 11 0.51 15.53 7.33
H SEP B 11 2.60 14.40 8.25
HA SEP B 11 5.29 15.46 7.81
HB2 SEP B 11 4.01 17.31 7.29
HB3 SEP B 11 4.19 17.54 9.02
N GLU B 12 6.01 15.16 10.15
CA GLU B 12 6.47 14.87 11.50
C GLU B 12 6.46 16.14 12.34
N ASP A 1 10.72 14.86 -2.45
CA ASP A 1 10.57 13.88 -3.52
C ASP A 1 9.35 13.00 -3.28
N HIS A 2 8.82 12.43 -4.35
CA HIS A 2 7.66 11.56 -4.26
C HIS A 2 7.96 10.21 -4.91
N ILE A 3 7.66 9.15 -4.19
CA ILE A 3 7.87 7.79 -4.68
C ILE A 3 6.56 7.20 -5.16
N ASN A 4 6.56 6.63 -6.35
CA ASN A 4 5.34 6.04 -6.91
C ASN A 4 5.34 4.53 -6.73
N LEU A 5 4.36 4.04 -5.98
CA LEU A 5 4.23 2.62 -5.72
C LEU A 5 2.97 2.07 -6.39
N LYS A 6 2.96 0.78 -6.68
CA LYS A 6 1.82 0.15 -7.32
C LYS A 6 1.09 -0.78 -6.36
N VAL A 7 -0.18 -1.01 -6.62
CA VAL A 7 -1.00 -1.89 -5.80
C VAL A 7 -1.40 -3.12 -6.59
N ALA A 8 -0.93 -4.28 -6.17
CA ALA A 8 -1.25 -5.52 -6.86
C ALA A 8 -2.59 -6.08 -6.39
N GLY A 9 -3.63 -5.82 -7.18
CA GLY A 9 -4.96 -6.30 -6.82
C GLY A 9 -5.21 -7.71 -7.29
N GLN A 10 -6.27 -8.31 -6.77
CA GLN A 10 -6.63 -9.68 -7.13
C GLN A 10 -7.65 -9.68 -8.26
N ASP A 11 -8.10 -8.49 -8.63
CA ASP A 11 -9.08 -8.34 -9.70
C ASP A 11 -8.45 -7.78 -10.97
N GLY A 12 -7.48 -6.90 -10.81
CA GLY A 12 -6.82 -6.31 -11.97
C GLY A 12 -6.58 -4.83 -11.82
N SER A 13 -7.43 -4.16 -11.04
CA SER A 13 -7.29 -2.73 -10.83
C SER A 13 -5.96 -2.41 -10.13
N VAL A 14 -5.38 -1.28 -10.49
CA VAL A 14 -4.12 -0.85 -9.89
C VAL A 14 -4.23 0.60 -9.46
N VAL A 15 -3.72 0.88 -8.26
CA VAL A 15 -3.76 2.24 -7.73
C VAL A 15 -2.34 2.76 -7.53
N GLN A 16 -2.01 3.83 -8.24
CA GLN A 16 -0.70 4.44 -8.13
C GLN A 16 -0.59 5.19 -6.81
N PHE A 17 0.26 4.68 -5.93
CA PHE A 17 0.46 5.26 -4.62
C PHE A 17 1.54 6.33 -4.64
N LYS A 18 1.10 7.58 -4.63
CA LYS A 18 2.01 8.71 -4.60
C LYS A 18 2.25 9.11 -3.15
N ILE A 19 3.37 8.68 -2.61
CA ILE A 19 3.71 8.97 -1.21
C ILE A 19 5.16 9.44 -1.13
N LYS A 20 5.54 10.00 0.01
CA LYS A 20 6.92 10.45 0.19
C LYS A 20 7.74 9.35 0.84
N ARG A 21 9.04 9.36 0.58
CA ARG A 21 9.94 8.35 1.12
C ARG A 21 9.99 8.41 2.64
N HIS A 22 9.55 9.52 3.22
CA HIS A 22 9.53 9.69 4.66
C HIS A 22 8.11 9.53 5.22
N THR A 23 7.20 9.07 4.38
CA THR A 23 5.81 8.88 4.77
C THR A 23 5.56 7.45 5.22
N PRO A 24 4.96 7.28 6.42
CA PRO A 24 4.64 5.95 6.97
C PRO A 24 3.81 5.09 6.03
N LEU A 25 4.13 3.80 5.96
CA LEU A 25 3.42 2.88 5.08
C LEU A 25 2.06 2.51 5.68
N SER A 26 1.83 2.89 6.92
CA SER A 26 0.57 2.61 7.60
C SER A 26 -0.57 3.28 6.84
N LYS A 27 -0.28 4.45 6.26
CA LYS A 27 -1.27 5.19 5.50
C LYS A 27 -1.69 4.41 4.27
N LEU A 28 -0.73 3.68 3.69
CA LEU A 28 -0.98 2.89 2.49
C LEU A 28 -2.11 1.90 2.71
N MET A 29 -2.09 1.23 3.86
CA MET A 29 -3.11 0.25 4.19
C MET A 29 -4.44 0.93 4.50
N LYS A 30 -4.39 1.92 5.37
CA LYS A 30 -5.59 2.64 5.80
C LYS A 30 -6.29 3.38 4.65
N ALA A 31 -5.53 4.20 3.93
CA ALA A 31 -6.09 5.00 2.84
C ALA A 31 -6.74 4.14 1.76
N TYR A 32 -6.06 3.07 1.36
CA TYR A 32 -6.59 2.18 0.33
C TYR A 32 -7.75 1.34 0.85
N CYS A 33 -7.66 0.91 2.11
CA CYS A 33 -8.72 0.12 2.71
C CYS A 33 -10.02 0.91 2.78
N GLU A 34 -9.89 2.21 3.00
CA GLU A 34 -11.04 3.10 3.08
C GLU A 34 -11.76 3.17 1.74
N ARG A 35 -11.00 3.08 0.65
CA ARG A 35 -11.58 3.12 -0.69
C ARG A 35 -12.34 1.83 -0.96
N GLN A 36 -11.85 0.74 -0.41
CA GLN A 36 -12.48 -0.56 -0.58
C GLN A 36 -13.68 -0.70 0.35
N GLY A 37 -13.63 0.00 1.47
CA GLY A 37 -14.71 -0.05 2.44
C GLY A 37 -14.63 -1.30 3.28
N LEU A 38 -13.42 -1.76 3.54
CA LEU A 38 -13.20 -2.96 4.33
C LEU A 38 -12.35 -2.64 5.55
N SER A 39 -12.26 -3.59 6.46
CA SER A 39 -11.46 -3.42 7.67
C SER A 39 -10.00 -3.72 7.37
N MET A 40 -9.10 -2.97 8.00
CA MET A 40 -7.67 -3.16 7.79
C MET A 40 -7.22 -4.53 8.31
N ARG A 41 -8.02 -5.11 9.18
CA ARG A 41 -7.72 -6.42 9.74
C ARG A 41 -8.26 -7.52 8.85
N GLN A 42 -9.03 -7.15 7.84
CA GLN A 42 -9.63 -8.11 6.93
C GLN A 42 -8.67 -8.45 5.78
N ILE A 43 -7.74 -7.54 5.49
CA ILE A 43 -6.79 -7.78 4.41
C ILE A 43 -5.35 -7.78 4.94
N ARG A 44 -4.41 -8.13 4.08
CA ARG A 44 -3.00 -8.18 4.43
C ARG A 44 -2.15 -7.63 3.30
N PHE A 45 -1.05 -6.97 3.66
CA PHE A 45 -0.16 -6.39 2.68
C PHE A 45 1.19 -7.11 2.70
N ARG A 46 1.71 -7.42 1.52
CA ARG A 46 2.98 -8.12 1.41
C ARG A 46 3.94 -7.39 0.47
N PHE A 47 5.21 -7.41 0.83
CA PHE A 47 6.25 -6.79 0.03
C PHE A 47 7.41 -7.76 -0.09
N ASP A 48 7.72 -8.16 -1.32
CA ASP A 48 8.81 -9.10 -1.59
C ASP A 48 8.48 -10.48 -0.99
N GLY A 49 7.24 -10.66 -0.60
CA GLY A 49 6.82 -11.90 0.00
C GLY A 49 6.74 -11.81 1.50
N GLN A 50 7.27 -10.72 2.05
CA GLN A 50 7.29 -10.51 3.48
C GLN A 50 6.11 -9.62 3.89
N PRO A 51 5.44 -9.93 5.00
CA PRO A 51 4.30 -9.14 5.48
C PRO A 51 4.76 -7.78 6.01
N ILE A 52 4.09 -6.73 5.57
CA ILE A 52 4.43 -5.38 6.00
C ILE A 52 3.74 -5.05 7.32
N ASN A 53 4.45 -4.37 8.20
CA ASN A 53 3.91 -4.00 9.50
C ASN A 53 3.53 -2.52 9.51
N GLU A 54 2.80 -2.11 10.53
CA GLU A 54 2.37 -0.72 10.65
C GLU A 54 3.54 0.17 11.08
N THR A 55 4.67 -0.45 11.36
CA THR A 55 5.86 0.27 11.77
C THR A 55 6.91 0.26 10.66
N ASP A 56 6.43 0.05 9.43
CA ASP A 56 7.33 0.02 8.27
C ASP A 56 7.24 1.30 7.46
N THR A 57 8.33 1.63 6.80
CA THR A 57 8.40 2.81 5.98
C THR A 57 9.13 2.50 4.67
N PRO A 58 9.00 3.34 3.63
CA PRO A 58 9.66 3.12 2.34
C PRO A 58 11.16 2.90 2.48
N ALA A 59 11.82 3.75 3.27
CA ALA A 59 13.26 3.64 3.47
C ALA A 59 13.60 2.47 4.40
N GLN A 60 12.63 2.04 5.19
CA GLN A 60 12.82 0.94 6.11
C GLN A 60 12.93 -0.39 5.35
N LEU A 61 12.20 -0.47 4.25
CA LEU A 61 12.21 -1.66 3.42
C LEU A 61 13.07 -1.45 2.17
N GLU A 62 13.71 -0.28 2.10
CA GLU A 62 14.57 0.09 0.98
C GLU A 62 13.80 0.01 -0.34
N MET A 63 12.57 0.47 -0.30
CA MET A 63 11.69 0.45 -1.47
C MET A 63 12.08 1.54 -2.45
N GLU A 64 11.93 1.24 -3.73
CA GLU A 64 12.25 2.19 -4.78
C GLU A 64 11.01 2.46 -5.62
N ASP A 65 11.16 3.26 -6.66
CA ASP A 65 10.04 3.57 -7.52
C ASP A 65 9.76 2.36 -8.42
N GLU A 66 8.55 2.30 -8.96
CA GLU A 66 8.12 1.20 -9.83
C GLU A 66 7.89 -0.09 -9.03
N ASP A 67 8.03 0.00 -7.70
CA ASP A 67 7.81 -1.14 -6.83
C ASP A 67 6.33 -1.39 -6.64
N THR A 68 5.96 -2.64 -6.41
CA THR A 68 4.56 -3.01 -6.24
C THR A 68 4.32 -3.77 -4.93
N ILE A 69 3.25 -3.41 -4.23
CA ILE A 69 2.88 -4.06 -2.99
C ILE A 69 1.71 -5.00 -3.24
N ASP A 70 1.79 -6.20 -2.70
CA ASP A 70 0.75 -7.19 -2.90
C ASP A 70 -0.30 -7.12 -1.79
N VAL A 71 -1.56 -7.23 -2.18
CA VAL A 71 -2.66 -7.17 -1.23
C VAL A 71 -3.45 -8.48 -1.27
N PHE A 72 -3.62 -9.10 -0.12
CA PHE A 72 -4.36 -10.34 0.00
C PHE A 72 -5.45 -10.21 1.06
N GLN A 73 -6.44 -11.08 1.02
CA GLN A 73 -7.52 -11.05 1.99
C GLN A 73 -7.30 -12.11 3.05
N GLN A 74 -7.76 -11.85 4.26
CA GLN A 74 -7.60 -12.79 5.35
C GLN A 74 -8.72 -13.83 5.32
N GLN A 75 -8.34 -15.09 5.46
CA GLN A 75 -9.28 -16.20 5.44
C GLN A 75 -10.30 -16.10 6.58
N THR A 76 -11.53 -16.49 6.29
CA THR A 76 -12.59 -16.45 7.26
C THR A 76 -12.75 -17.79 7.96
N GLY A 77 -12.22 -18.83 7.34
CA GLY A 77 -12.32 -20.16 7.90
C GLY A 77 -13.32 -21.03 7.16
N ASP B 1 -10.69 -0.48 -18.72
CA ASP B 1 -9.82 -0.82 -17.59
C ASP B 1 -10.05 0.16 -16.46
N THR B 2 -9.55 -0.16 -15.28
CA THR B 2 -9.72 0.72 -14.15
C THR B 2 -8.36 1.19 -13.63
N ALA B 3 -8.20 2.49 -13.53
CA ALA B 3 -6.96 3.09 -13.03
C ALA B 3 -7.27 3.95 -11.82
N GLY B 4 -6.53 3.75 -10.75
CA GLY B 4 -6.76 4.50 -9.54
C GLY B 4 -5.54 5.26 -9.10
N CYS B 5 -5.70 6.53 -8.75
CA CYS B 5 -4.59 7.34 -8.29
C CYS B 5 -4.84 7.75 -6.85
N ILE B 6 -3.90 7.43 -5.98
CA ILE B 6 -4.03 7.75 -4.56
C ILE B 6 -2.80 8.53 -4.07
N VAL B 7 -3.01 9.66 -3.40
CA VAL B 7 -1.89 10.43 -2.86
C VAL B 7 -2.02 10.62 -1.36
N ILE B 8 -0.97 10.28 -0.61
CA ILE B 8 -0.97 10.46 0.83
C ILE B 8 0.19 11.34 1.24
N SEP B 9 -0.10 12.38 2.02
CA SEP B 9 0.93 13.29 2.48
CB SEP B 9 0.68 14.70 1.95
OG SEP B 9 0.93 14.79 0.55
C SEP B 9 0.96 13.33 4.00
O SEP B 9 -0.06 13.53 4.64
P SEP B 9 1.59 16.13 -0.04
O1P SEP B 9 2.22 16.99 0.97
O2P SEP B 9 0.71 16.86 -0.97
O3P SEP B 9 2.80 15.63 -0.94
H SEP B 9 -1.03 12.55 2.27
HA SEP B 9 1.89 12.93 2.12
HB2 SEP B 9 1.32 15.39 2.46
HB3 SEP B 9 -0.35 14.96 2.13
N ASP B 10 2.14 13.13 4.59
CA ASP B 10 2.27 13.20 6.04
C ASP B 10 3.27 14.29 6.39
N SEP B 11 2.85 15.20 7.27
CA SEP B 11 3.69 16.30 7.68
CB SEP B 11 3.08 17.62 7.22
OG SEP B 11 1.67 17.51 7.10
C SEP B 11 3.87 16.30 9.20
O SEP B 11 2.90 16.18 9.95
P SEP B 11 0.93 18.24 5.87
O1P SEP B 11 -0.51 18.47 6.10
O2P SEP B 11 1.63 19.42 5.35
O3P SEP B 11 0.97 17.19 4.67
H SEP B 11 1.94 15.13 7.63
HA SEP B 11 4.66 16.18 7.23
HB2 SEP B 11 3.49 17.88 6.26
HB3 SEP B 11 3.31 18.40 7.94
N GLU B 12 5.11 16.41 9.65
CA GLU B 12 5.40 16.43 11.08
C GLU B 12 5.02 17.78 11.69
N ASP A 1 11.14 13.92 -2.02
CA ASP A 1 10.99 13.20 -3.27
C ASP A 1 9.77 12.29 -3.20
N HIS A 2 8.95 12.33 -4.24
CA HIS A 2 7.75 11.51 -4.30
C HIS A 2 8.06 10.17 -4.96
N ILE A 3 7.80 9.09 -4.23
CA ILE A 3 8.05 7.76 -4.73
C ILE A 3 6.76 7.16 -5.27
N ASN A 4 6.80 6.68 -6.52
CA ASN A 4 5.62 6.10 -7.13
C ASN A 4 5.56 4.60 -6.88
N LEU A 5 4.67 4.22 -5.98
CA LEU A 5 4.47 2.82 -5.63
C LEU A 5 3.20 2.32 -6.31
N LYS A 6 3.11 1.02 -6.52
CA LYS A 6 1.95 0.45 -7.17
C LYS A 6 1.27 -0.61 -6.32
N VAL A 7 -0.05 -0.57 -6.31
CA VAL A 7 -0.85 -1.53 -5.58
C VAL A 7 -1.59 -2.43 -6.57
N ALA A 8 -1.30 -3.72 -6.52
CA ALA A 8 -1.93 -4.67 -7.43
C ALA A 8 -2.94 -5.53 -6.70
N GLY A 9 -4.20 -5.36 -7.06
CA GLY A 9 -5.26 -6.14 -6.44
C GLY A 9 -5.57 -7.40 -7.22
N GLN A 10 -6.34 -8.29 -6.63
CA GLN A 10 -6.71 -9.55 -7.27
C GLN A 10 -7.68 -9.31 -8.43
N ASP A 11 -8.32 -8.15 -8.41
CA ASP A 11 -9.27 -7.77 -9.45
C ASP A 11 -8.56 -7.34 -10.73
N GLY A 12 -7.35 -6.82 -10.59
CA GLY A 12 -6.58 -6.37 -11.74
C GLY A 12 -6.48 -4.86 -11.78
N SER A 13 -7.29 -4.21 -10.96
CA SER A 13 -7.29 -2.76 -10.87
C SER A 13 -5.99 -2.29 -10.22
N VAL A 14 -5.24 -1.46 -10.94
CA VAL A 14 -3.97 -0.95 -10.44
C VAL A 14 -4.15 0.45 -9.86
N VAL A 15 -3.57 0.66 -8.68
CA VAL A 15 -3.64 1.95 -8.01
C VAL A 15 -2.23 2.51 -7.80
N GLN A 16 -2.00 3.71 -8.30
CA GLN A 16 -0.70 4.35 -8.15
C GLN A 16 -0.66 5.12 -6.84
N PHE A 17 0.22 4.71 -5.96
CA PHE A 17 0.36 5.33 -4.66
C PHE A 17 1.44 6.40 -4.68
N LYS A 18 1.01 7.65 -4.57
CA LYS A 18 1.94 8.77 -4.53
C LYS A 18 2.19 9.16 -3.08
N ILE A 19 3.35 8.76 -2.57
CA ILE A 19 3.71 9.05 -1.18
C ILE A 19 5.15 9.53 -1.10
N LYS A 20 5.51 10.11 0.03
CA LYS A 20 6.87 10.59 0.23
C LYS A 20 7.75 9.47 0.77
N ARG A 21 9.05 9.53 0.51
CA ARG A 21 9.98 8.50 0.94
C ARG A 21 10.17 8.48 2.47
N HIS A 22 9.58 9.44 3.16
CA HIS A 22 9.69 9.50 4.61
C HIS A 22 8.30 9.37 5.24
N THR A 23 7.34 8.97 4.43
CA THR A 23 5.96 8.80 4.88
C THR A 23 5.68 7.34 5.27
N PRO A 24 5.20 7.11 6.51
CA PRO A 24 4.88 5.76 7.01
C PRO A 24 3.94 5.00 6.08
N LEU A 25 4.14 3.69 5.99
CA LEU A 25 3.32 2.83 5.13
C LEU A 25 1.98 2.51 5.77
N SER A 26 1.77 2.99 6.98
CA SER A 26 0.52 2.76 7.70
C SER A 26 -0.66 3.35 6.93
N LYS A 27 -0.44 4.53 6.35
CA LYS A 27 -1.48 5.20 5.58
C LYS A 27 -1.75 4.44 4.29
N LEU A 28 -0.71 3.82 3.74
CA LEU A 28 -0.81 3.07 2.50
C LEU A 28 -1.76 1.88 2.67
N MET A 29 -1.74 1.28 3.83
CA MET A 29 -2.59 0.12 4.10
C MET A 29 -4.01 0.53 4.47
N LYS A 30 -4.16 1.71 5.08
CA LYS A 30 -5.48 2.17 5.52
C LYS A 30 -6.21 2.99 4.45
N ALA A 31 -5.49 3.85 3.75
CA ALA A 31 -6.10 4.70 2.72
C ALA A 31 -6.82 3.88 1.65
N TYR A 32 -6.13 2.89 1.10
CA TYR A 32 -6.73 2.03 0.08
C TYR A 32 -7.81 1.14 0.69
N CYS A 33 -7.61 0.76 1.95
CA CYS A 33 -8.57 -0.09 2.66
C CYS A 33 -9.90 0.64 2.83
N GLU A 34 -9.82 1.91 3.22
CA GLU A 34 -11.00 2.73 3.41
C GLU A 34 -11.71 2.94 2.08
N ARG A 35 -10.92 3.07 1.01
CA ARG A 35 -11.47 3.26 -0.33
C ARG A 35 -12.32 2.06 -0.72
N GLN A 36 -11.88 0.87 -0.31
CA GLN A 36 -12.61 -0.36 -0.62
C GLN A 36 -13.76 -0.54 0.36
N GLY A 37 -13.68 0.13 1.50
CA GLY A 37 -14.73 0.04 2.50
C GLY A 37 -14.64 -1.21 3.33
N LEU A 38 -13.43 -1.68 3.57
CA LEU A 38 -13.21 -2.88 4.36
C LEU A 38 -12.32 -2.59 5.55
N SER A 39 -12.15 -3.57 6.42
CA SER A 39 -11.32 -3.43 7.59
C SER A 39 -9.88 -3.82 7.28
N MET A 40 -8.93 -3.11 7.86
CA MET A 40 -7.51 -3.39 7.63
C MET A 40 -7.14 -4.75 8.21
N ARG A 41 -7.96 -5.24 9.12
CA ARG A 41 -7.73 -6.54 9.75
C ARG A 41 -8.25 -7.67 8.85
N GLN A 42 -9.01 -7.31 7.82
CA GLN A 42 -9.56 -8.30 6.91
C GLN A 42 -8.60 -8.57 5.75
N ILE A 43 -7.77 -7.59 5.43
CA ILE A 43 -6.83 -7.74 4.33
C ILE A 43 -5.40 -7.76 4.85
N ARG A 44 -4.47 -8.12 3.97
CA ARG A 44 -3.05 -8.19 4.32
C ARG A 44 -2.21 -7.66 3.18
N PHE A 45 -1.13 -6.97 3.51
CA PHE A 45 -0.25 -6.42 2.49
C PHE A 45 1.14 -7.03 2.62
N ARG A 46 1.70 -7.44 1.49
CA ARG A 46 3.02 -8.06 1.49
C ARG A 46 3.94 -7.41 0.47
N PHE A 47 5.18 -7.21 0.87
CA PHE A 47 6.19 -6.63 0.00
C PHE A 47 7.44 -7.48 0.05
N ASP A 48 7.95 -7.85 -1.12
CA ASP A 48 9.15 -8.69 -1.23
C ASP A 48 8.88 -10.06 -0.58
N GLY A 49 7.60 -10.42 -0.51
CA GLY A 49 7.21 -11.69 0.07
C GLY A 49 7.11 -11.63 1.59
N GLN A 50 7.36 -10.45 2.16
CA GLN A 50 7.31 -10.29 3.61
C GLN A 50 6.09 -9.47 4.02
N PRO A 51 5.44 -9.84 5.13
CA PRO A 51 4.26 -9.12 5.64
C PRO A 51 4.62 -7.73 6.12
N ILE A 52 3.86 -6.73 5.68
CA ILE A 52 4.10 -5.35 6.08
C ILE A 52 3.44 -5.06 7.42
N ASN A 53 4.12 -4.31 8.26
CA ASN A 53 3.60 -3.94 9.57
C ASN A 53 3.10 -2.50 9.56
N GLU A 54 2.64 -2.03 10.71
CA GLU A 54 2.12 -0.67 10.82
C GLU A 54 3.19 0.30 11.31
N THR A 55 4.43 -0.16 11.31
CA THR A 55 5.55 0.66 11.76
C THR A 55 6.69 0.61 10.75
N ASP A 56 6.34 0.58 9.48
CA ASP A 56 7.35 0.51 8.42
C ASP A 56 7.27 1.70 7.49
N THR A 57 8.40 2.03 6.89
CA THR A 57 8.49 3.14 5.95
C THR A 57 9.13 2.66 4.65
N PRO A 58 8.99 3.42 3.54
CA PRO A 58 9.58 3.04 2.25
C PRO A 58 11.09 2.82 2.35
N ALA A 59 11.78 3.73 3.01
CA ALA A 59 13.22 3.63 3.18
C ALA A 59 13.57 2.45 4.09
N GLN A 60 12.70 2.18 5.06
CA GLN A 60 12.90 1.08 6.01
C GLN A 60 12.88 -0.27 5.29
N LEU A 61 11.99 -0.41 4.31
CA LEU A 61 11.86 -1.65 3.57
C LEU A 61 12.71 -1.63 2.29
N GLU A 62 13.51 -0.58 2.13
CA GLU A 62 14.38 -0.43 0.95
C GLU A 62 13.54 -0.45 -0.34
N MET A 63 12.43 0.26 -0.31
CA MET A 63 11.53 0.31 -1.45
C MET A 63 11.96 1.39 -2.42
N GLU A 64 11.82 1.12 -3.71
CA GLU A 64 12.19 2.07 -4.75
C GLU A 64 10.98 2.38 -5.62
N ASP A 65 11.16 3.27 -6.58
CA ASP A 65 10.08 3.67 -7.47
C ASP A 65 9.70 2.50 -8.39
N GLU A 66 8.42 2.43 -8.74
CA GLU A 66 7.88 1.38 -9.61
C GLU A 66 7.67 0.05 -8.88
N ASP A 67 7.94 0.03 -7.58
CA ASP A 67 7.77 -1.19 -6.80
C ASP A 67 6.28 -1.48 -6.59
N THR A 68 5.92 -2.76 -6.63
CA THR A 68 4.53 -3.16 -6.48
C THR A 68 4.31 -3.94 -5.18
N ILE A 69 3.15 -3.72 -4.56
CA ILE A 69 2.78 -4.38 -3.33
C ILE A 69 1.55 -5.26 -3.58
N ASP A 70 1.61 -6.49 -3.08
CA ASP A 70 0.51 -7.43 -3.26
C ASP A 70 -0.53 -7.28 -2.16
N VAL A 71 -1.79 -7.43 -2.54
CA VAL A 71 -2.90 -7.32 -1.60
C VAL A 71 -3.58 -8.68 -1.43
N PHE A 72 -3.60 -9.16 -0.20
CA PHE A 72 -4.22 -10.44 0.11
C PHE A 72 -5.35 -10.25 1.11
N GLN A 73 -6.14 -11.30 1.31
CA GLN A 73 -7.24 -11.24 2.25
C GLN A 73 -7.06 -12.30 3.33
N GLN A 74 -7.73 -12.11 4.45
CA GLN A 74 -7.64 -13.05 5.55
C GLN A 74 -8.64 -14.18 5.35
N GLN A 75 -8.26 -15.37 5.77
CA GLN A 75 -9.13 -16.54 5.63
C GLN A 75 -10.33 -16.39 6.55
N THR A 76 -11.49 -16.81 6.06
CA THR A 76 -12.72 -16.72 6.82
C THR A 76 -12.75 -17.79 7.92
N GLY A 77 -12.37 -19.00 7.55
CA GLY A 77 -12.36 -20.10 8.51
C GLY A 77 -12.90 -21.38 7.92
N ASP B 1 -9.56 1.23 -19.42
CA ASP B 1 -9.24 0.29 -18.36
C ASP B 1 -9.50 0.94 -17.01
N THR B 2 -8.91 0.42 -15.94
CA THR B 2 -9.12 1.00 -14.64
C THR B 2 -7.81 1.52 -14.07
N ALA B 3 -7.81 2.80 -13.76
CA ALA B 3 -6.65 3.44 -13.20
C ALA B 3 -7.05 4.14 -11.91
N GLY B 4 -6.33 3.87 -10.84
CA GLY B 4 -6.63 4.50 -9.58
C GLY B 4 -5.44 5.27 -9.08
N CYS B 5 -5.65 6.52 -8.69
CA CYS B 5 -4.56 7.32 -8.17
C CYS B 5 -4.87 7.70 -6.74
N ILE B 6 -3.97 7.33 -5.84
CA ILE B 6 -4.12 7.63 -4.44
C ILE B 6 -2.87 8.37 -3.93
N VAL B 7 -3.05 9.50 -3.26
CA VAL B 7 -1.92 10.26 -2.73
C VAL B 7 -2.02 10.46 -1.23
N ILE B 8 -0.95 10.11 -0.51
CA ILE B 8 -0.91 10.29 0.93
C ILE B 8 0.31 11.14 1.31
N SEP B 9 0.08 12.18 2.09
CA SEP B 9 1.18 13.04 2.52
CB SEP B 9 0.99 14.45 1.96
OG SEP B 9 0.80 14.43 0.56
C SEP B 9 1.25 13.09 4.04
O SEP B 9 0.24 13.36 4.71
P SEP B 9 1.77 15.28 -0.39
O1P SEP B 9 2.23 16.54 0.22
O2P SEP B 9 1.29 15.44 -1.77
O3P SEP B 9 3.10 14.40 -0.51
H SEP B 9 -0.83 12.40 2.35
HA SEP B 9 2.09 12.63 2.14
HB2 SEP B 9 1.88 15.04 2.18
HB3 SEP B 9 0.13 14.91 2.41
N ASP B 10 2.42 12.83 4.60
CA ASP B 10 2.61 12.88 6.04
C ASP B 10 3.69 13.89 6.38
N SEP B 11 3.38 14.83 7.26
CA SEP B 11 4.34 15.83 7.67
CB SEP B 11 3.84 17.23 7.24
OG SEP B 11 2.48 17.19 6.82
C SEP B 11 4.56 15.79 9.18
O SEP B 11 3.61 15.75 9.96
P SEP B 11 1.68 18.55 6.57
O1P SEP B 11 0.33 18.56 7.15
O2P SEP B 11 2.45 19.77 6.86
O3P SEP B 11 1.44 18.60 4.99
H SEP B 11 2.47 14.85 7.65
HA SEP B 11 5.27 15.63 7.17
HB2 SEP B 11 4.45 17.57 6.42
HB3 SEP B 11 3.93 17.91 8.07
N GLU B 12 5.84 15.76 9.57
CA GLU B 12 6.19 15.72 10.98
C GLU B 12 5.98 17.09 11.63
N ASP A 1 11.82 13.14 -2.12
CA ASP A 1 10.78 13.39 -3.12
C ASP A 1 9.65 12.39 -2.94
N HIS A 2 8.74 12.37 -3.90
CA HIS A 2 7.61 11.46 -3.88
C HIS A 2 7.97 10.17 -4.61
N ILE A 3 7.56 9.05 -4.03
CA ILE A 3 7.81 7.76 -4.60
C ILE A 3 6.50 7.17 -5.15
N ASN A 4 6.52 6.74 -6.40
CA ASN A 4 5.33 6.19 -7.04
C ASN A 4 5.28 4.68 -6.86
N LEU A 5 4.45 4.24 -5.93
CA LEU A 5 4.30 2.82 -5.66
C LEU A 5 3.12 2.25 -6.44
N LYS A 6 3.14 0.95 -6.69
CA LYS A 6 2.07 0.31 -7.45
C LYS A 6 1.35 -0.75 -6.61
N VAL A 7 0.04 -0.63 -6.53
CA VAL A 7 -0.77 -1.59 -5.80
C VAL A 7 -1.24 -2.70 -6.73
N ALA A 8 -1.07 -3.94 -6.31
CA ALA A 8 -1.48 -5.07 -7.12
C ALA A 8 -2.75 -5.69 -6.57
N GLY A 9 -3.87 -5.42 -7.23
CA GLY A 9 -5.14 -5.97 -6.81
C GLY A 9 -5.36 -7.34 -7.39
N GLN A 10 -5.97 -8.22 -6.61
CA GLN A 10 -6.23 -9.59 -7.05
C GLN A 10 -7.30 -9.63 -8.14
N ASP A 11 -8.06 -8.55 -8.25
CA ASP A 11 -9.12 -8.47 -9.26
C ASP A 11 -8.59 -7.83 -10.54
N GLY A 12 -7.32 -7.45 -10.54
CA GLY A 12 -6.72 -6.84 -11.71
C GLY A 12 -6.81 -5.32 -11.70
N SER A 13 -6.71 -4.74 -10.52
CA SER A 13 -6.76 -3.29 -10.38
C SER A 13 -5.37 -2.75 -10.06
N VAL A 14 -5.03 -1.61 -10.66
CA VAL A 14 -3.74 -1.00 -10.43
C VAL A 14 -3.91 0.39 -9.81
N VAL A 15 -3.26 0.60 -8.67
CA VAL A 15 -3.35 1.87 -7.99
C VAL A 15 -1.98 2.51 -7.81
N GLN A 16 -1.84 3.72 -8.29
CA GLN A 16 -0.60 4.47 -8.20
C GLN A 16 -0.58 5.23 -6.88
N PHE A 17 0.29 4.81 -5.97
CA PHE A 17 0.39 5.45 -4.68
C PHE A 17 1.55 6.43 -4.67
N LYS A 18 1.22 7.70 -4.55
CA LYS A 18 2.22 8.75 -4.52
C LYS A 18 2.41 9.22 -3.08
N ILE A 19 3.49 8.76 -2.46
CA ILE A 19 3.77 9.12 -1.08
C ILE A 19 5.26 9.43 -0.93
N LYS A 20 5.66 10.01 0.18
CA LYS A 20 7.07 10.34 0.40
C LYS A 20 7.79 9.17 1.05
N ARG A 21 9.09 9.14 0.91
CA ARG A 21 9.89 8.05 1.47
C ARG A 21 9.93 8.10 2.99
N HIS A 22 9.66 9.28 3.55
CA HIS A 22 9.64 9.45 5.00
C HIS A 22 8.22 9.19 5.55
N THR A 23 7.28 9.05 4.62
CA THR A 23 5.89 8.82 4.98
C THR A 23 5.63 7.36 5.35
N PRO A 24 5.09 7.12 6.56
CA PRO A 24 4.77 5.77 7.03
C PRO A 24 3.78 5.05 6.11
N LEU A 25 3.98 3.75 5.95
CA LEU A 25 3.14 2.94 5.09
C LEU A 25 1.78 2.63 5.73
N SER A 26 1.65 3.01 7.00
CA SER A 26 0.40 2.78 7.74
C SER A 26 -0.76 3.49 7.08
N LYS A 27 -0.56 4.76 6.72
CA LYS A 27 -1.61 5.54 6.07
C LYS A 27 -1.93 4.97 4.70
N LEU A 28 -0.93 4.35 4.07
CA LEU A 28 -1.10 3.76 2.75
C LEU A 28 -2.02 2.55 2.81
N MET A 29 -1.71 1.64 3.72
CA MET A 29 -2.50 0.42 3.90
C MET A 29 -3.95 0.75 4.22
N LYS A 30 -4.14 1.72 5.11
CA LYS A 30 -5.48 2.12 5.53
C LYS A 30 -6.19 2.92 4.45
N ALA A 31 -5.47 3.79 3.74
CA ALA A 31 -6.08 4.61 2.68
C ALA A 31 -6.74 3.76 1.62
N TYR A 32 -6.01 2.78 1.11
CA TYR A 32 -6.53 1.89 0.08
C TYR A 32 -7.71 1.07 0.63
N CYS A 33 -7.60 0.67 1.89
CA CYS A 33 -8.65 -0.11 2.53
C CYS A 33 -9.92 0.73 2.71
N GLU A 34 -9.74 1.98 3.13
CA GLU A 34 -10.85 2.89 3.33
C GLU A 34 -11.56 3.15 2.01
N ARG A 35 -10.77 3.12 0.93
CA ARG A 35 -11.30 3.33 -0.41
C ARG A 35 -12.17 2.16 -0.84
N GLN A 36 -11.81 0.97 -0.39
CA GLN A 36 -12.56 -0.23 -0.72
C GLN A 36 -13.83 -0.32 0.13
N GLY A 37 -13.75 0.22 1.34
CA GLY A 37 -14.88 0.21 2.24
C GLY A 37 -14.88 -1.02 3.14
N LEU A 38 -13.72 -1.33 3.69
CA LEU A 38 -13.57 -2.49 4.57
C LEU A 38 -12.59 -2.18 5.69
N SER A 39 -12.25 -3.20 6.48
CA SER A 39 -11.31 -3.04 7.59
C SER A 39 -9.94 -3.55 7.20
N MET A 40 -8.90 -2.89 7.67
CA MET A 40 -7.52 -3.28 7.36
C MET A 40 -7.20 -4.64 7.97
N ARG A 41 -7.97 -5.03 8.98
CA ARG A 41 -7.77 -6.31 9.64
C ARG A 41 -8.35 -7.45 8.80
N GLN A 42 -9.13 -7.08 7.80
CA GLN A 42 -9.77 -8.05 6.91
C GLN A 42 -8.85 -8.43 5.74
N ILE A 43 -7.74 -7.74 5.60
CA ILE A 43 -6.80 -8.01 4.52
C ILE A 43 -5.37 -8.06 5.04
N ARG A 44 -4.45 -8.48 4.17
CA ARG A 44 -3.05 -8.58 4.52
C ARG A 44 -2.21 -8.03 3.37
N PHE A 45 -1.24 -7.19 3.70
CA PHE A 45 -0.37 -6.61 2.70
C PHE A 45 0.99 -7.30 2.71
N ARG A 46 1.48 -7.64 1.53
CA ARG A 46 2.76 -8.32 1.41
C ARG A 46 3.68 -7.57 0.46
N PHE A 47 4.97 -7.55 0.79
CA PHE A 47 5.97 -6.87 -0.02
C PHE A 47 7.21 -7.73 -0.16
N ASP A 48 7.56 -8.06 -1.41
CA ASP A 48 8.74 -8.88 -1.71
C ASP A 48 8.59 -10.30 -1.15
N GLY A 49 7.37 -10.65 -0.77
CA GLY A 49 7.10 -11.96 -0.23
C GLY A 49 7.06 -11.95 1.29
N GLN A 50 7.28 -10.77 1.88
CA GLN A 50 7.27 -10.62 3.33
C GLN A 50 6.13 -9.72 3.78
N PRO A 51 5.58 -9.96 4.97
CA PRO A 51 4.47 -9.15 5.52
C PRO A 51 4.92 -7.75 5.90
N ILE A 52 3.99 -6.80 5.88
CA ILE A 52 4.30 -5.42 6.22
C ILE A 52 3.79 -5.07 7.61
N ASN A 53 4.63 -4.40 8.39
CA ASN A 53 4.26 -3.99 9.74
C ASN A 53 3.71 -2.57 9.72
N GLU A 54 2.96 -2.22 10.76
CA GLU A 54 2.35 -0.89 10.85
C GLU A 54 3.35 0.15 11.40
N THR A 55 4.63 -0.11 11.20
CA THR A 55 5.67 0.77 11.67
C THR A 55 6.80 0.84 10.66
N ASP A 56 6.51 0.45 9.42
CA ASP A 56 7.50 0.44 8.36
C ASP A 56 7.35 1.65 7.45
N THR A 57 8.43 2.00 6.78
CA THR A 57 8.46 3.10 5.84
C THR A 57 9.07 2.64 4.52
N PRO A 58 8.82 3.36 3.41
CA PRO A 58 9.37 3.00 2.10
C PRO A 58 10.89 2.88 2.12
N ALA A 59 11.54 3.84 2.76
CA ALA A 59 12.98 3.86 2.86
C ALA A 59 13.50 2.73 3.74
N GLN A 60 12.72 2.37 4.76
CA GLN A 60 13.10 1.31 5.68
C GLN A 60 13.09 -0.06 5.02
N LEU A 61 12.19 -0.26 4.07
CA LEU A 61 12.10 -1.53 3.36
C LEU A 61 12.88 -1.50 2.06
N GLU A 62 13.61 -0.41 1.83
CA GLU A 62 14.42 -0.23 0.62
C GLU A 62 13.53 -0.26 -0.63
N MET A 63 12.35 0.32 -0.50
CA MET A 63 11.38 0.38 -1.59
C MET A 63 11.78 1.47 -2.58
N GLU A 64 11.59 1.19 -3.85
CA GLU A 64 11.94 2.14 -4.90
C GLU A 64 10.73 2.48 -5.75
N ASP A 65 10.91 3.40 -6.68
CA ASP A 65 9.84 3.83 -7.57
C ASP A 65 9.37 2.65 -8.42
N GLU A 66 8.04 2.54 -8.56
CA GLU A 66 7.39 1.49 -9.35
C GLU A 66 7.40 0.15 -8.61
N ASP A 67 7.68 0.19 -7.30
CA ASP A 67 7.67 -1.03 -6.50
C ASP A 67 6.24 -1.55 -6.38
N THR A 68 6.08 -2.86 -6.46
CA THR A 68 4.75 -3.46 -6.41
C THR A 68 4.44 -4.10 -5.05
N ILE A 69 3.28 -3.74 -4.51
CA ILE A 69 2.82 -4.28 -3.23
C ILE A 69 1.60 -5.17 -3.48
N ASP A 70 1.64 -6.40 -2.99
CA ASP A 70 0.55 -7.34 -3.17
C ASP A 70 -0.42 -7.30 -2.01
N VAL A 71 -1.71 -7.29 -2.31
CA VAL A 71 -2.75 -7.26 -1.30
C VAL A 71 -3.52 -8.58 -1.31
N PHE A 72 -3.65 -9.20 -0.15
CA PHE A 72 -4.37 -10.46 -0.05
C PHE A 72 -5.52 -10.35 0.95
N GLN A 73 -6.48 -11.24 0.84
CA GLN A 73 -7.63 -11.26 1.74
C GLN A 73 -7.37 -12.19 2.91
N GLN A 74 -7.98 -11.91 4.05
CA GLN A 74 -7.81 -12.75 5.23
C GLN A 74 -8.74 -13.94 5.17
N GLN A 75 -8.29 -15.08 5.67
CA GLN A 75 -9.08 -16.29 5.67
C GLN A 75 -10.30 -16.15 6.58
N THR A 76 -11.43 -16.66 6.11
CA THR A 76 -12.67 -16.60 6.86
C THR A 76 -12.72 -17.72 7.90
N GLY A 77 -12.21 -18.88 7.53
CA GLY A 77 -12.20 -20.01 8.43
C GLY A 77 -12.78 -21.26 7.80
N ASP B 1 -9.69 0.13 -18.70
CA ASP B 1 -9.44 -0.73 -17.56
C ASP B 1 -9.65 0.05 -16.26
N THR B 2 -8.98 -0.34 -15.19
CA THR B 2 -9.14 0.39 -13.95
C THR B 2 -7.82 1.00 -13.49
N ALA B 3 -7.80 2.31 -13.35
CA ALA B 3 -6.63 3.01 -12.88
C ALA B 3 -6.98 3.86 -11.68
N GLY B 4 -6.27 3.67 -10.58
CA GLY B 4 -6.54 4.44 -9.38
C GLY B 4 -5.31 5.17 -8.90
N CYS B 5 -5.44 6.45 -8.59
CA CYS B 5 -4.29 7.20 -8.09
C CYS B 5 -4.59 7.71 -6.69
N ILE B 6 -3.73 7.35 -5.74
CA ILE B 6 -3.88 7.78 -4.36
C ILE B 6 -2.59 8.45 -3.86
N VAL B 7 -2.71 9.61 -3.27
CA VAL B 7 -1.56 10.32 -2.73
C VAL B 7 -1.76 10.57 -1.23
N ILE B 8 -0.78 10.22 -0.42
CA ILE B 8 -0.88 10.42 1.02
C ILE B 8 0.21 11.35 1.49
N SEP B 9 -0.17 12.32 2.31
CA SEP B 9 0.78 13.28 2.82
CB SEP B 9 0.36 14.70 2.44
OG SEP B 9 1.00 15.13 1.25
C SEP B 9 0.89 13.16 4.32
O SEP B 9 -0.12 13.06 5.02
P SEP B 9 2.44 15.83 1.37
O1P SEP B 9 3.23 15.43 2.54
O2P SEP B 9 2.40 17.29 1.16
O3P SEP B 9 3.26 15.28 0.12
H SEP B 9 -1.10 12.37 2.58
HA SEP B 9 1.74 13.06 2.38
HB2 SEP B 9 0.61 15.37 3.24
HB3 SEP B 9 -0.71 14.72 2.27
N ASP B 10 2.10 13.10 4.81
CA ASP B 10 2.35 13.00 6.23
C ASP B 10 3.23 14.17 6.65
N SEP B 11 2.83 14.88 7.69
CA SEP B 11 3.61 16.01 8.13
CB SEP B 11 2.77 17.29 8.05
OG SEP B 11 1.41 17.04 8.39
C SEP B 11 4.11 15.78 9.55
O SEP B 11 3.34 15.48 10.47
P SEP B 11 0.28 17.01 7.25
O1P SEP B 11 -0.93 17.77 7.59
O2P SEP B 11 0.78 17.26 5.88
O3P SEP B 11 -0.20 15.48 7.23
H SEP B 11 1.99 14.66 8.14
HA SEP B 11 4.46 16.10 7.48
HB2 SEP B 11 2.81 17.68 7.04
HB3 SEP B 11 3.16 18.03 8.73
N GLU B 12 5.41 15.92 9.73
CA GLU B 12 6.03 15.71 11.02
C GLU B 12 6.71 16.99 11.49
N ASP A 1 12.13 14.27 -2.70
CA ASP A 1 11.08 14.12 -3.70
C ASP A 1 10.10 13.03 -3.27
N HIS A 2 9.10 12.79 -4.10
CA HIS A 2 8.09 11.77 -3.82
C HIS A 2 8.48 10.45 -4.46
N ILE A 3 7.77 9.39 -4.08
CA ILE A 3 8.02 8.07 -4.65
C ILE A 3 6.70 7.51 -5.19
N ASN A 4 6.77 6.84 -6.32
CA ASN A 4 5.58 6.27 -6.95
C ASN A 4 5.54 4.77 -6.80
N LEU A 5 4.68 4.30 -5.90
CA LEU A 5 4.51 2.88 -5.65
C LEU A 5 3.27 2.39 -6.39
N LYS A 6 3.11 1.08 -6.49
CA LYS A 6 1.96 0.52 -7.20
C LYS A 6 1.34 -0.66 -6.45
N VAL A 7 0.02 -0.67 -6.40
CA VAL A 7 -0.71 -1.75 -5.75
C VAL A 7 -1.51 -2.51 -6.80
N ALA A 8 -1.38 -3.83 -6.80
CA ALA A 8 -2.08 -4.67 -7.76
C ALA A 8 -3.21 -5.44 -7.08
N GLY A 9 -4.44 -5.15 -7.50
CA GLY A 9 -5.58 -5.83 -6.93
C GLY A 9 -5.75 -7.23 -7.48
N GLN A 10 -6.58 -8.03 -6.82
CA GLN A 10 -6.83 -9.41 -7.24
C GLN A 10 -7.61 -9.46 -8.56
N ASP A 11 -8.11 -8.32 -8.98
CA ASP A 11 -8.88 -8.23 -10.22
C ASP A 11 -8.01 -7.69 -11.36
N GLY A 12 -6.84 -7.15 -11.02
CA GLY A 12 -5.95 -6.62 -12.03
C GLY A 12 -5.84 -5.11 -12.01
N SER A 13 -6.68 -4.45 -11.22
CA SER A 13 -6.65 -2.99 -11.13
C SER A 13 -5.31 -2.53 -10.57
N VAL A 14 -4.80 -1.43 -11.09
CA VAL A 14 -3.53 -0.91 -10.62
C VAL A 14 -3.70 0.44 -9.93
N VAL A 15 -3.20 0.53 -8.71
CA VAL A 15 -3.30 1.76 -7.94
C VAL A 15 -1.92 2.38 -7.76
N GLN A 16 -1.78 3.62 -8.20
CA GLN A 16 -0.53 4.35 -8.10
C GLN A 16 -0.49 5.09 -6.77
N PHE A 17 0.47 4.75 -5.93
CA PHE A 17 0.60 5.37 -4.62
C PHE A 17 1.72 6.41 -4.63
N LYS A 18 1.34 7.67 -4.61
CA LYS A 18 2.30 8.76 -4.61
C LYS A 18 2.47 9.27 -3.18
N ILE A 19 3.52 8.81 -2.52
CA ILE A 19 3.79 9.18 -1.15
C ILE A 19 5.26 9.54 -0.99
N LYS A 20 5.65 10.01 0.19
CA LYS A 20 7.06 10.36 0.44
C LYS A 20 7.78 9.19 1.09
N ARG A 21 9.10 9.19 1.00
CA ARG A 21 9.92 8.11 1.56
C ARG A 21 9.82 8.07 3.08
N HIS A 22 9.47 9.21 3.68
CA HIS A 22 9.35 9.30 5.14
C HIS A 22 7.92 9.07 5.59
N THR A 23 7.03 8.86 4.63
CA THR A 23 5.64 8.64 4.93
C THR A 23 5.38 7.21 5.42
N PRO A 24 4.82 7.06 6.62
CA PRO A 24 4.52 5.74 7.21
C PRO A 24 3.68 4.87 6.27
N LEU A 25 4.05 3.61 6.16
CA LEU A 25 3.34 2.67 5.29
C LEU A 25 1.99 2.28 5.90
N SER A 26 1.77 2.66 7.14
CA SER A 26 0.52 2.37 7.83
C SER A 26 -0.64 3.06 7.11
N LYS A 27 -0.39 4.26 6.59
CA LYS A 27 -1.42 5.00 5.88
C LYS A 27 -1.76 4.31 4.56
N LEU A 28 -0.77 3.64 3.98
CA LEU A 28 -0.94 2.95 2.71
C LEU A 28 -2.01 1.88 2.82
N MET A 29 -1.92 1.04 3.84
CA MET A 29 -2.90 -0.03 4.05
C MET A 29 -4.29 0.54 4.29
N LYS A 30 -4.37 1.58 5.11
CA LYS A 30 -5.64 2.21 5.44
C LYS A 30 -6.24 2.99 4.27
N ALA A 31 -5.41 3.77 3.57
CA ALA A 31 -5.88 4.57 2.45
C ALA A 31 -6.61 3.73 1.41
N TYR A 32 -6.02 2.61 1.04
CA TYR A 32 -6.64 1.74 0.05
C TYR A 32 -7.83 0.99 0.65
N CYS A 33 -7.72 0.65 1.93
CA CYS A 33 -8.79 -0.07 2.61
C CYS A 33 -10.03 0.80 2.75
N GLU A 34 -9.83 2.08 3.05
CA GLU A 34 -10.93 3.03 3.20
C GLU A 34 -11.67 3.18 1.88
N ARG A 35 -10.94 3.08 0.77
CA ARG A 35 -11.54 3.21 -0.54
C ARG A 35 -12.44 2.00 -0.85
N GLN A 36 -12.13 0.87 -0.22
CA GLN A 36 -12.91 -0.34 -0.41
C GLN A 36 -14.02 -0.43 0.63
N GLY A 37 -13.90 0.39 1.67
CA GLY A 37 -14.90 0.40 2.73
C GLY A 37 -14.88 -0.87 3.55
N LEU A 38 -13.70 -1.39 3.82
CA LEU A 38 -13.55 -2.61 4.59
C LEU A 38 -12.54 -2.41 5.72
N SER A 39 -12.53 -3.33 6.66
CA SER A 39 -11.60 -3.26 7.78
C SER A 39 -10.20 -3.64 7.33
N MET A 40 -9.21 -2.91 7.83
CA MET A 40 -7.81 -3.16 7.48
C MET A 40 -7.34 -4.50 8.06
N ARG A 41 -8.00 -4.95 9.11
CA ARG A 41 -7.66 -6.20 9.77
C ARG A 41 -8.10 -7.41 8.95
N GLN A 42 -8.93 -7.15 7.94
CA GLN A 42 -9.47 -8.20 7.09
C GLN A 42 -8.53 -8.53 5.91
N ILE A 43 -7.54 -7.68 5.67
CA ILE A 43 -6.60 -7.91 4.58
C ILE A 43 -5.17 -8.03 5.07
N ARG A 44 -4.29 -8.41 4.17
CA ARG A 44 -2.87 -8.56 4.46
C ARG A 44 -2.05 -8.01 3.31
N PHE A 45 -1.11 -7.13 3.64
CA PHE A 45 -0.25 -6.54 2.62
C PHE A 45 1.11 -7.21 2.66
N ARG A 46 1.59 -7.62 1.50
CA ARG A 46 2.88 -8.28 1.39
C ARG A 46 3.77 -7.59 0.36
N PHE A 47 5.03 -7.41 0.73
CA PHE A 47 6.01 -6.79 -0.15
C PHE A 47 7.27 -7.64 -0.16
N ASP A 48 7.74 -7.98 -1.35
CA ASP A 48 8.94 -8.81 -1.51
C ASP A 48 8.70 -10.20 -0.92
N GLY A 49 7.43 -10.55 -0.80
CA GLY A 49 7.05 -11.84 -0.25
C GLY A 49 6.94 -11.83 1.26
N GLN A 50 7.23 -10.68 1.87
CA GLN A 50 7.17 -10.56 3.32
C GLN A 50 6.01 -9.65 3.74
N PRO A 51 5.31 -9.99 4.83
CA PRO A 51 4.20 -9.17 5.35
C PRO A 51 4.69 -7.79 5.78
N ILE A 52 3.92 -6.76 5.47
CA ILE A 52 4.29 -5.40 5.83
C ILE A 52 3.76 -5.04 7.21
N ASN A 53 4.58 -4.33 7.97
CA ASN A 53 4.22 -3.92 9.32
C ASN A 53 3.73 -2.47 9.33
N GLU A 54 3.05 -2.11 10.40
CA GLU A 54 2.50 -0.75 10.55
C GLU A 54 3.54 0.20 11.12
N THR A 55 4.76 -0.29 11.31
CA THR A 55 5.82 0.52 11.87
C THR A 55 6.97 0.73 10.89
N ASP A 56 6.77 0.36 9.63
CA ASP A 56 7.82 0.51 8.62
C ASP A 56 7.54 1.65 7.66
N THR A 57 8.57 2.07 6.94
CA THR A 57 8.47 3.14 5.97
C THR A 57 9.12 2.71 4.66
N PRO A 58 8.85 3.40 3.54
CA PRO A 58 9.44 3.06 2.24
C PRO A 58 10.96 3.05 2.30
N ALA A 59 11.53 4.05 2.97
CA ALA A 59 12.97 4.17 3.10
C ALA A 59 13.53 3.04 3.99
N GLN A 60 12.75 2.65 4.99
CA GLN A 60 13.17 1.60 5.92
C GLN A 60 13.28 0.26 5.20
N LEU A 61 12.36 0.01 4.28
CA LEU A 61 12.36 -1.22 3.52
C LEU A 61 13.20 -1.08 2.26
N GLU A 62 13.78 0.10 2.08
CA GLU A 62 14.61 0.41 0.92
C GLU A 62 13.83 0.19 -0.38
N MET A 63 12.62 0.72 -0.40
CA MET A 63 11.74 0.57 -1.56
C MET A 63 12.12 1.54 -2.67
N GLU A 64 11.69 1.22 -3.87
CA GLU A 64 11.97 2.02 -5.04
C GLU A 64 10.68 2.33 -5.78
N ASP A 65 10.79 3.07 -6.87
CA ASP A 65 9.62 3.42 -7.66
C ASP A 65 9.17 2.19 -8.45
N GLU A 66 7.89 2.17 -8.82
CA GLU A 66 7.31 1.08 -9.58
C GLU A 66 7.28 -0.21 -8.75
N ASP A 67 7.36 -0.06 -7.44
CA ASP A 67 7.33 -1.21 -6.54
C ASP A 67 5.91 -1.68 -6.36
N THR A 68 5.67 -2.94 -6.70
CA THR A 68 4.34 -3.52 -6.60
C THR A 68 4.11 -4.19 -5.25
N ILE A 69 2.97 -3.91 -4.65
CA ILE A 69 2.58 -4.49 -3.38
C ILE A 69 1.38 -5.40 -3.57
N ASP A 70 1.46 -6.61 -3.03
CA ASP A 70 0.39 -7.59 -3.16
C ASP A 70 -0.56 -7.52 -1.97
N VAL A 71 -1.86 -7.59 -2.25
CA VAL A 71 -2.88 -7.53 -1.21
C VAL A 71 -3.67 -8.84 -1.15
N PHE A 72 -3.64 -9.50 -0.01
CA PHE A 72 -4.35 -10.75 0.17
C PHE A 72 -5.45 -10.60 1.22
N GLN A 73 -6.43 -11.48 1.19
CA GLN A 73 -7.53 -11.44 2.15
C GLN A 73 -7.28 -12.40 3.30
N GLN A 74 -7.65 -12.00 4.49
CA GLN A 74 -7.47 -12.83 5.68
C GLN A 74 -8.47 -13.98 5.66
N GLN A 75 -8.05 -15.14 6.12
CA GLN A 75 -8.90 -16.33 6.15
C GLN A 75 -10.16 -16.08 6.97
N THR A 76 -11.26 -16.67 6.53
CA THR A 76 -12.53 -16.52 7.21
C THR A 76 -13.20 -17.88 7.42
N GLY A 77 -12.74 -18.61 8.42
CA GLY A 77 -13.29 -19.93 8.69
C GLY A 77 -12.59 -21.03 7.91
N ASP B 1 -10.28 0.22 -19.03
CA ASP B 1 -9.23 -0.10 -18.08
C ASP B 1 -9.53 0.54 -16.73
N THR B 2 -8.92 0.04 -15.66
CA THR B 2 -9.15 0.62 -14.36
C THR B 2 -7.85 1.14 -13.77
N ALA B 3 -7.85 2.42 -13.44
CA ALA B 3 -6.69 3.06 -12.85
C ALA B 3 -7.06 3.75 -11.55
N GLY B 4 -6.31 3.49 -10.50
CA GLY B 4 -6.56 4.12 -9.24
C GLY B 4 -5.35 4.91 -8.79
N CYS B 5 -5.52 6.17 -8.42
CA CYS B 5 -4.38 6.96 -7.97
C CYS B 5 -4.62 7.49 -6.55
N ILE B 6 -3.68 7.18 -5.65
CA ILE B 6 -3.78 7.64 -4.26
C ILE B 6 -2.53 8.40 -3.85
N VAL B 7 -2.71 9.58 -3.27
CA VAL B 7 -1.60 10.37 -2.79
C VAL B 7 -1.78 10.63 -1.29
N ILE B 8 -0.77 10.29 -0.50
CA ILE B 8 -0.84 10.52 0.93
C ILE B 8 0.33 11.38 1.39
N SEP B 9 0.04 12.38 2.18
CA SEP B 9 1.05 13.28 2.69
CB SEP B 9 0.79 14.73 2.29
OG SEP B 9 1.10 14.95 0.91
C SEP B 9 1.08 13.18 4.21
O SEP B 9 0.03 13.18 4.85
P SEP B 9 1.98 16.23 0.50
O1P SEP B 9 2.58 16.95 1.65
O2P SEP B 9 1.33 17.12 -0.47
O3P SEP B 9 3.23 15.64 -0.29
H SEP B 9 -0.90 12.53 2.43
HA SEP B 9 2.01 12.96 2.31
HB2 SEP B 9 1.40 15.39 2.88
HB3 SEP B 9 -0.25 14.97 2.44
N ASP B 10 2.26 13.05 4.79
CA ASP B 10 2.37 12.98 6.23
C ASP B 10 3.20 14.14 6.72
N SEP B 11 2.64 14.90 7.63
CA SEP B 11 3.32 16.05 8.17
CB SEP B 11 2.53 17.30 7.80
OG SEP B 11 1.13 17.09 7.98
C SEP B 11 3.50 15.93 9.68
O SEP B 11 2.54 15.68 10.42
P SEP B 11 0.17 16.88 6.72
O1P SEP B 11 -1.09 17.65 6.79
O2P SEP B 11 0.85 16.98 5.40
O3P SEP B 11 -0.31 15.35 6.83
H SEP B 11 1.73 14.70 7.93
HA SEP B 11 4.30 16.10 7.71
HB2 SEP B 11 2.71 17.56 6.77
HB3 SEP B 11 2.84 18.13 8.43
N GLU B 12 4.72 16.13 10.14
CA GLU B 12 5.03 16.03 11.55
C GLU B 12 4.88 17.39 12.23
N ASP A 1 11.78 13.16 -2.15
CA ASP A 1 10.88 13.23 -3.31
C ASP A 1 9.78 12.19 -3.17
N HIS A 2 8.74 12.32 -3.98
CA HIS A 2 7.61 11.39 -3.95
C HIS A 2 7.95 10.11 -4.70
N ILE A 3 7.77 8.98 -4.04
CA ILE A 3 8.05 7.69 -4.66
C ILE A 3 6.76 7.11 -5.25
N ASN A 4 6.87 6.53 -6.42
CA ASN A 4 5.72 5.95 -7.11
C ASN A 4 5.61 4.47 -6.82
N LEU A 5 4.59 4.08 -6.07
CA LEU A 5 4.36 2.68 -5.75
C LEU A 5 3.15 2.16 -6.50
N LYS A 6 3.12 0.86 -6.74
CA LYS A 6 2.03 0.24 -7.45
C LYS A 6 1.31 -0.77 -6.58
N VAL A 7 -0.02 -0.71 -6.58
CA VAL A 7 -0.84 -1.62 -5.79
C VAL A 7 -1.40 -2.73 -6.66
N ALA A 8 -1.14 -3.97 -6.30
CA ALA A 8 -1.63 -5.10 -7.06
C ALA A 8 -2.98 -5.57 -6.54
N GLY A 9 -4.01 -5.45 -7.38
CA GLY A 9 -5.34 -5.85 -6.99
C GLY A 9 -5.63 -7.28 -7.39
N GLN A 10 -6.58 -7.90 -6.71
CA GLN A 10 -6.95 -9.28 -7.00
C GLN A 10 -7.73 -9.39 -8.30
N ASP A 11 -8.52 -8.37 -8.61
CA ASP A 11 -9.31 -8.36 -9.83
C ASP A 11 -8.52 -7.80 -11.02
N GLY A 12 -7.41 -7.14 -10.72
CA GLY A 12 -6.58 -6.59 -11.78
C GLY A 12 -6.47 -5.08 -11.73
N SER A 13 -7.30 -4.44 -10.91
CA SER A 13 -7.28 -2.97 -10.78
C SER A 13 -5.90 -2.48 -10.40
N VAL A 14 -5.37 -1.50 -11.12
CA VAL A 14 -4.06 -0.97 -10.84
C VAL A 14 -4.16 0.41 -10.20
N VAL A 15 -3.56 0.55 -9.03
CA VAL A 15 -3.59 1.81 -8.30
C VAL A 15 -2.17 2.33 -8.07
N GLN A 16 -1.95 3.58 -8.44
CA GLN A 16 -0.66 4.22 -8.27
C GLN A 16 -0.66 4.98 -6.94
N PHE A 17 0.31 4.68 -6.11
CA PHE A 17 0.41 5.30 -4.81
C PHE A 17 1.50 6.35 -4.77
N LYS A 18 1.11 7.56 -4.43
CA LYS A 18 2.04 8.67 -4.31
C LYS A 18 2.31 8.91 -2.83
N ILE A 19 3.52 8.58 -2.41
CA ILE A 19 3.91 8.71 -1.02
C ILE A 19 5.37 9.19 -0.93
N LYS A 20 5.76 9.77 0.19
CA LYS A 20 7.13 10.22 0.36
C LYS A 20 7.97 9.14 1.03
N ARG A 21 9.28 9.34 1.07
CA ARG A 21 10.19 8.37 1.66
C ARG A 21 10.03 8.28 3.18
N HIS A 22 9.70 9.40 3.81
CA HIS A 22 9.55 9.43 5.27
C HIS A 22 8.12 9.13 5.72
N THR A 23 7.20 9.02 4.76
CA THR A 23 5.81 8.75 5.07
C THR A 23 5.59 7.28 5.43
N PRO A 24 5.03 7.01 6.62
CA PRO A 24 4.75 5.63 7.08
C PRO A 24 3.78 4.90 6.17
N LEU A 25 3.98 3.60 6.02
CA LEU A 25 3.12 2.78 5.17
C LEU A 25 1.80 2.45 5.88
N SER A 26 1.70 2.86 7.13
CA SER A 26 0.50 2.65 7.92
C SER A 26 -0.71 3.31 7.25
N LYS A 27 -0.54 4.57 6.85
CA LYS A 27 -1.61 5.30 6.18
C LYS A 27 -1.84 4.74 4.79
N LEU A 28 -0.79 4.19 4.20
CA LEU A 28 -0.87 3.60 2.86
C LEU A 28 -1.83 2.42 2.84
N MET A 29 -1.70 1.56 3.83
CA MET A 29 -2.56 0.38 3.93
C MET A 29 -3.99 0.78 4.25
N LYS A 30 -4.13 1.74 5.15
CA LYS A 30 -5.44 2.23 5.58
C LYS A 30 -6.17 2.98 4.47
N ALA A 31 -5.48 3.89 3.80
CA ALA A 31 -6.07 4.69 2.72
C ALA A 31 -6.71 3.81 1.67
N TYR A 32 -5.97 2.81 1.20
CA TYR A 32 -6.47 1.90 0.18
C TYR A 32 -7.61 1.04 0.73
N CYS A 33 -7.45 0.59 1.97
CA CYS A 33 -8.45 -0.25 2.62
C CYS A 33 -9.77 0.49 2.80
N GLU A 34 -9.70 1.74 3.23
CA GLU A 34 -10.89 2.56 3.45
C GLU A 34 -11.66 2.76 2.16
N ARG A 35 -10.94 2.92 1.06
CA ARG A 35 -11.55 3.13 -0.25
C ARG A 35 -12.26 1.86 -0.73
N GLN A 36 -11.85 0.71 -0.21
CA GLN A 36 -12.46 -0.55 -0.57
C GLN A 36 -13.69 -0.80 0.30
N GLY A 37 -13.77 -0.04 1.39
CA GLY A 37 -14.89 -0.17 2.30
C GLY A 37 -14.78 -1.38 3.20
N LEU A 38 -13.55 -1.72 3.58
CA LEU A 38 -13.31 -2.87 4.44
C LEU A 38 -12.40 -2.50 5.61
N SER A 39 -12.24 -3.44 6.53
CA SER A 39 -11.40 -3.25 7.69
C SER A 39 -9.98 -3.70 7.36
N MET A 40 -8.99 -3.00 7.91
CA MET A 40 -7.59 -3.32 7.66
C MET A 40 -7.23 -4.71 8.22
N ARG A 41 -8.10 -5.23 9.08
CA ARG A 41 -7.89 -6.54 9.68
C ARG A 41 -8.37 -7.64 8.74
N GLN A 42 -9.16 -7.28 7.74
CA GLN A 42 -9.69 -8.25 6.79
C GLN A 42 -8.69 -8.55 5.68
N ILE A 43 -7.90 -7.57 5.28
CA ILE A 43 -6.93 -7.77 4.21
C ILE A 43 -5.50 -7.81 4.76
N ARG A 44 -4.58 -8.23 3.91
CA ARG A 44 -3.16 -8.31 4.27
C ARG A 44 -2.31 -7.65 3.19
N PHE A 45 -1.18 -7.12 3.59
CA PHE A 45 -0.27 -6.45 2.66
C PHE A 45 1.12 -7.04 2.76
N ARG A 46 1.67 -7.45 1.62
CA ARG A 46 2.99 -8.05 1.60
C ARG A 46 3.91 -7.32 0.60
N PHE A 47 5.18 -7.24 0.98
CA PHE A 47 6.21 -6.62 0.16
C PHE A 47 7.41 -7.55 0.09
N ASP A 48 7.81 -7.91 -1.11
CA ASP A 48 8.94 -8.81 -1.34
C ASP A 48 8.63 -10.20 -0.78
N GLY A 49 7.35 -10.47 -0.58
CA GLY A 49 6.92 -11.74 -0.07
C GLY A 49 6.72 -11.74 1.44
N GLN A 50 7.14 -10.67 2.09
CA GLN A 50 7.01 -10.55 3.55
C GLN A 50 5.95 -9.52 3.92
N PRO A 51 5.17 -9.78 4.99
CA PRO A 51 4.13 -8.84 5.45
C PRO A 51 4.70 -7.47 5.81
N ILE A 52 3.96 -6.42 5.47
CA ILE A 52 4.39 -5.06 5.74
C ILE A 52 4.07 -4.67 7.18
N ASN A 53 5.08 -4.20 7.89
CA ASN A 53 4.92 -3.76 9.28
C ASN A 53 4.12 -2.46 9.34
N GLU A 54 3.37 -2.28 10.42
CA GLU A 54 2.53 -1.10 10.61
C GLU A 54 3.35 0.12 11.06
N THR A 55 4.63 -0.10 11.38
CA THR A 55 5.49 0.99 11.80
C THR A 55 6.71 1.11 10.89
N ASP A 56 6.55 0.67 9.65
CA ASP A 56 7.64 0.70 8.67
C ASP A 56 7.43 1.82 7.65
N THR A 57 8.53 2.21 7.00
CA THR A 57 8.50 3.25 6.00
C THR A 57 9.13 2.76 4.69
N PRO A 58 8.84 3.40 3.54
CA PRO A 58 9.40 3.00 2.25
C PRO A 58 10.92 3.02 2.25
N ALA A 59 11.48 4.08 2.84
CA ALA A 59 12.93 4.24 2.93
C ALA A 59 13.55 3.17 3.82
N GLN A 60 12.78 2.71 4.79
CA GLN A 60 13.26 1.70 5.72
C GLN A 60 13.25 0.32 5.08
N LEU A 61 12.33 0.11 4.14
CA LEU A 61 12.21 -1.16 3.45
C LEU A 61 13.02 -1.17 2.15
N GLU A 62 13.71 -0.05 1.90
CA GLU A 62 14.55 0.09 0.71
C GLU A 62 13.70 -0.06 -0.57
N MET A 63 12.47 0.44 -0.51
CA MET A 63 11.56 0.37 -1.64
C MET A 63 12.01 1.30 -2.76
N GLU A 64 11.79 0.88 -3.99
CA GLU A 64 12.19 1.66 -5.15
C GLU A 64 10.98 2.16 -5.91
N ASP A 65 11.23 2.94 -6.95
CA ASP A 65 10.14 3.47 -7.77
C ASP A 65 9.55 2.35 -8.61
N GLU A 66 8.24 2.36 -8.73
CA GLU A 66 7.50 1.36 -9.49
C GLU A 66 7.40 0.05 -8.72
N ASP A 67 7.78 0.08 -7.44
CA ASP A 67 7.70 -1.11 -6.60
C ASP A 67 6.25 -1.52 -6.44
N THR A 68 5.97 -2.81 -6.46
CA THR A 68 4.61 -3.30 -6.37
C THR A 68 4.31 -3.92 -5.00
N ILE A 69 3.16 -3.56 -4.45
CA ILE A 69 2.70 -4.08 -3.17
C ILE A 69 1.55 -5.05 -3.38
N ASP A 70 1.62 -6.20 -2.72
CA ASP A 70 0.60 -7.23 -2.87
C ASP A 70 -0.47 -7.11 -1.78
N VAL A 71 -1.72 -7.25 -2.18
CA VAL A 71 -2.84 -7.18 -1.26
C VAL A 71 -3.59 -8.51 -1.25
N PHE A 72 -3.65 -9.15 -0.09
CA PHE A 72 -4.34 -10.43 0.05
C PHE A 72 -5.50 -10.30 1.01
N GLN A 73 -6.30 -11.35 1.12
CA GLN A 73 -7.45 -11.35 2.02
C GLN A 73 -7.30 -12.42 3.08
N GLN A 74 -7.80 -12.14 4.28
CA GLN A 74 -7.74 -13.09 5.39
C GLN A 74 -8.83 -14.13 5.24
N GLN A 75 -8.48 -15.38 5.53
CA GLN A 75 -9.42 -16.48 5.44
C GLN A 75 -10.53 -16.31 6.47
N THR A 76 -11.77 -16.48 6.04
CA THR A 76 -12.92 -16.35 6.92
C THR A 76 -13.00 -17.54 7.88
N GLY A 77 -12.46 -18.67 7.45
CA GLY A 77 -12.46 -19.87 8.27
C GLY A 77 -11.33 -20.80 7.90
N ASP B 1 -9.53 0.07 -19.03
CA ASP B 1 -9.34 -0.64 -17.77
C ASP B 1 -9.65 0.29 -16.61
N THR B 2 -9.18 -0.04 -15.42
CA THR B 2 -9.43 0.79 -14.26
C THR B 2 -8.11 1.31 -13.67
N ALA B 3 -8.03 2.62 -13.49
CA ALA B 3 -6.84 3.25 -12.93
C ALA B 3 -7.20 4.05 -11.68
N GLY B 4 -6.50 3.80 -10.60
CA GLY B 4 -6.74 4.49 -9.35
C GLY B 4 -5.50 5.22 -8.85
N CYS B 5 -5.63 6.48 -8.47
CA CYS B 5 -4.48 7.21 -7.97
C CYS B 5 -4.71 7.67 -6.53
N ILE B 6 -3.80 7.31 -5.64
CA ILE B 6 -3.89 7.71 -4.24
C ILE B 6 -2.63 8.44 -3.78
N VAL B 7 -2.80 9.60 -3.17
CA VAL B 7 -1.67 10.36 -2.67
C VAL B 7 -1.81 10.58 -1.16
N ILE B 8 -0.77 10.27 -0.41
CA ILE B 8 -0.79 10.46 1.03
C ILE B 8 0.33 11.38 1.47
N SEP B 9 -0.02 12.38 2.26
CA SEP B 9 0.97 13.33 2.76
CB SEP B 9 0.62 14.75 2.28
OG SEP B 9 1.04 14.96 0.94
C SEP B 9 1.01 13.30 4.27
O SEP B 9 -0.03 13.32 4.94
P SEP B 9 2.42 15.71 0.65
O1P SEP B 9 2.95 16.44 1.81
O2P SEP B 9 2.43 16.50 -0.59
O3P SEP B 9 3.48 14.54 0.38
H SEP B 9 -0.95 12.46 2.54
HA SEP B 9 1.93 13.06 2.37
HB2 SEP B 9 1.12 15.47 2.91
HB3 SEP B 9 -0.45 14.89 2.34
N ASP B 10 2.21 13.22 4.83
CA ASP B 10 2.37 13.21 6.27
C ASP B 10 3.15 14.43 6.70
N SEP B 11 2.59 15.17 7.64
CA SEP B 11 3.21 16.39 8.13
CB SEP B 11 2.36 17.60 7.75
OG SEP B 11 1.01 17.43 8.12
C SEP B 11 3.43 16.34 9.63
O SEP B 11 2.53 15.97 10.40
P SEP B 11 0.03 18.69 8.22
O1P SEP B 11 -1.02 18.56 9.25
O2P SEP B 11 0.73 19.98 8.24
O3P SEP B 11 -0.78 18.69 6.84
H SEP B 11 1.73 14.91 8.01
HA SEP B 11 4.17 16.48 7.65
HB2 SEP B 11 2.41 17.74 6.68
HB3 SEP B 11 2.75 18.48 8.24
N GLU B 12 4.64 16.68 10.06
CA GLU B 12 4.97 16.70 11.48
C GLU B 12 4.37 17.95 12.14
#